data_2YWC
#
_entry.id   2YWC
#
_cell.length_a   142.580
_cell.length_b   115.213
_cell.length_c   159.348
_cell.angle_alpha   90.00
_cell.angle_beta   93.21
_cell.angle_gamma   90.00
#
_symmetry.space_group_name_H-M   'C 1 2 1'
#
loop_
_entity.id
_entity.type
_entity.pdbx_description
1 polymer 'GMP synthase [glutamine-hydrolyzing]'
2 non-polymer "XANTHOSINE-5'-MONOPHOSPHATE"
3 water water
#
_entity_poly.entity_id   1
_entity_poly.type   'polypeptide(L)'
_entity_poly.pdbx_seq_one_letter_code
;(MSE)VLVLDFGSQYTRLIARRLRELRAFSLILPGDAPLEEVLKHRPQALILSGGPRSVFDPDAPRPDPRLFSSGLPLLG
ICYG(MSE)QLLAQELGGRVERAGRAEYGKALLTRHEGPLFRGLEGEVQVW(MSE)SHQDAVTAPPPGWRVVAETEENPV
AAIASPDGRAYGVQFHPEVAHTPKG(MSE)QILENFLELAGVKRDWTPEHVLEELLREVRERAGKDRVLLAVSGGVDSST
LALLLAKAGVDHLAVFVDHGLLRLGEREEVEGALRALGVNLLVVDAKERFLKALKGVEDPEEKRKIIGREFVAAFSQVAR
ERGPFRFLAQGTLYPDVIESAGGHGAAKIKSHHNVGGLPEDLEFELLEPFRLLFKDEVRELALLLGLPDTLRLRHPFPGP
GLAVRVLGEVTEERLEILRRADDIFTSLLREWGLYEKVAQALAVLTPVRSVGVAGDERKYGYVLALRAVTTEDF(MSE)T
ADWARLPLEFLDEAARRITRRVPEIGRVVYDLTSKPPATIEWE
;
_entity_poly.pdbx_strand_id   A,B,C,D
#
loop_
_chem_comp.id
_chem_comp.type
_chem_comp.name
_chem_comp.formula
XMP non-polymer XANTHOSINE-5'-MONOPHOSPHATE 'C10 H14 N4 O9 P 1'
#
# COMPACT_ATOMS: atom_id res chain seq x y z
N MSE A 1 24.14 -34.62 -14.39
CA MSE A 1 24.71 -33.36 -14.93
C MSE A 1 23.98 -32.93 -16.21
O MSE A 1 24.12 -33.56 -17.26
CB MSE A 1 26.20 -33.53 -15.25
CG MSE A 1 26.97 -32.23 -15.53
SE MSE A 1 26.44 -31.28 -16.98
CE MSE A 1 27.59 -31.86 -18.20
N VAL A 2 23.20 -31.84 -16.10
CA VAL A 2 22.47 -31.31 -17.24
C VAL A 2 23.27 -30.15 -17.82
N LEU A 3 23.49 -30.20 -19.13
CA LEU A 3 24.25 -29.17 -19.82
C LEU A 3 23.33 -28.09 -20.41
N VAL A 4 23.63 -26.82 -20.13
CA VAL A 4 22.84 -25.73 -20.66
C VAL A 4 23.65 -25.08 -21.78
N LEU A 5 23.17 -25.23 -23.01
CA LEU A 5 23.87 -24.66 -24.15
C LEU A 5 23.36 -23.25 -24.34
N ASP A 6 24.27 -22.31 -24.15
CA ASP A 6 23.95 -20.90 -24.22
C ASP A 6 24.00 -20.28 -25.59
N PHE A 7 22.85 -19.80 -26.07
CA PHE A 7 22.76 -19.18 -27.37
C PHE A 7 22.56 -17.69 -27.25
N GLY A 8 22.90 -17.14 -26.08
CA GLY A 8 22.79 -15.70 -25.89
C GLY A 8 21.65 -15.14 -25.06
N SER A 9 20.66 -15.96 -24.72
CA SER A 9 19.53 -15.52 -23.92
C SER A 9 19.92 -14.88 -22.59
N GLN A 10 19.18 -13.85 -22.20
CA GLN A 10 19.48 -13.20 -20.93
C GLN A 10 19.05 -14.11 -19.75
N TYR A 11 18.39 -15.22 -20.05
CA TYR A 11 17.94 -16.13 -18.99
C TYR A 11 18.73 -17.41 -18.84
N THR A 12 19.86 -17.51 -19.54
CA THR A 12 20.69 -18.70 -19.48
C THR A 12 21.10 -19.10 -18.07
N ARG A 13 21.64 -18.15 -17.30
CA ARG A 13 22.05 -18.42 -15.91
C ARG A 13 20.85 -18.91 -15.12
N LEU A 14 19.70 -18.30 -15.40
CA LEU A 14 18.46 -18.64 -14.74
C LEU A 14 18.09 -20.12 -14.98
N ILE A 15 18.22 -20.56 -16.23
CA ILE A 15 17.93 -21.95 -16.58
C ILE A 15 18.77 -22.85 -15.67
N ALA A 16 20.06 -22.55 -15.59
CA ALA A 16 20.99 -23.33 -14.79
C ALA A 16 20.62 -23.33 -13.31
N ARG A 17 20.06 -22.25 -12.80
CA ARG A 17 19.67 -22.19 -11.40
C ARG A 17 18.40 -23.02 -11.17
N ARG A 18 17.45 -22.93 -12.09
CA ARG A 18 16.22 -23.69 -11.92
C ARG A 18 16.50 -25.19 -11.84
N LEU A 19 17.43 -25.66 -12.67
CA LEU A 19 17.79 -27.08 -12.69
C LEU A 19 18.28 -27.52 -11.32
N ARG A 20 19.07 -26.67 -10.69
CA ARG A 20 19.60 -26.97 -9.36
C ARG A 20 18.52 -26.93 -8.30
N GLU A 21 17.55 -26.04 -8.46
CA GLU A 21 16.46 -25.95 -7.52
C GLU A 21 15.58 -27.20 -7.66
N LEU A 22 15.91 -28.08 -8.60
CA LEU A 22 15.15 -29.29 -8.90
C LEU A 22 16.08 -30.48 -8.65
N ARG A 23 17.08 -30.18 -7.81
CA ARG A 23 18.19 -31.02 -7.36
C ARG A 23 18.96 -31.74 -8.45
N ALA A 24 19.22 -31.01 -9.56
CA ALA A 24 20.03 -31.54 -10.66
C ALA A 24 21.17 -30.55 -10.93
N PHE A 25 22.39 -31.05 -11.01
CA PHE A 25 23.54 -30.20 -11.24
C PHE A 25 23.43 -29.64 -12.65
N SER A 26 23.75 -28.37 -12.80
CA SER A 26 23.67 -27.74 -14.11
C SER A 26 24.96 -27.02 -14.43
N LEU A 27 25.39 -27.11 -15.69
CA LEU A 27 26.60 -26.46 -16.13
C LEU A 27 26.29 -25.71 -17.42
N ILE A 28 26.87 -24.54 -17.59
CA ILE A 28 26.62 -23.75 -18.78
C ILE A 28 27.79 -23.89 -19.73
N LEU A 29 27.48 -23.87 -21.02
CA LEU A 29 28.51 -23.99 -22.07
C LEU A 29 28.01 -23.21 -23.29
N PRO A 30 28.88 -22.44 -23.95
CA PRO A 30 28.48 -21.67 -25.14
C PRO A 30 27.81 -22.58 -26.17
N GLY A 31 26.77 -22.07 -26.81
CA GLY A 31 26.03 -22.82 -27.81
C GLY A 31 26.85 -23.48 -28.91
N ASP A 32 27.71 -22.69 -29.56
CA ASP A 32 28.55 -23.20 -30.63
C ASP A 32 29.82 -23.81 -30.05
N ALA A 33 29.70 -25.03 -29.53
CA ALA A 33 30.83 -25.71 -28.93
C ALA A 33 30.92 -27.16 -29.42
N PRO A 34 32.12 -27.55 -29.91
CA PRO A 34 32.38 -28.90 -30.43
C PRO A 34 31.65 -29.99 -29.65
N LEU A 35 31.13 -30.99 -30.36
CA LEU A 35 30.40 -32.07 -29.72
C LEU A 35 31.25 -32.78 -28.65
N GLU A 36 32.54 -32.96 -28.93
CA GLU A 36 33.44 -33.63 -27.98
C GLU A 36 33.43 -32.85 -26.68
N GLU A 37 33.36 -31.53 -26.81
CA GLU A 37 33.35 -30.65 -25.64
C GLU A 37 32.10 -30.85 -24.80
N VAL A 38 30.93 -30.64 -25.40
CA VAL A 38 29.69 -30.79 -24.66
C VAL A 38 29.50 -32.19 -24.07
N LEU A 39 30.16 -33.18 -24.65
CA LEU A 39 30.03 -34.56 -24.18
C LEU A 39 31.07 -35.02 -23.15
N LYS A 40 32.25 -34.40 -23.18
CA LYS A 40 33.31 -34.79 -22.24
C LYS A 40 32.87 -34.82 -20.79
N HIS A 41 31.76 -34.16 -20.47
CA HIS A 41 31.27 -34.13 -19.09
C HIS A 41 30.16 -35.14 -18.80
N ARG A 42 29.82 -35.97 -19.78
CA ARG A 42 28.77 -36.97 -19.60
C ARG A 42 27.42 -36.35 -19.23
N PRO A 43 26.87 -35.50 -20.12
CA PRO A 43 25.58 -34.88 -19.83
C PRO A 43 24.48 -35.93 -19.74
N GLN A 44 23.65 -35.83 -18.72
CA GLN A 44 22.52 -36.76 -18.58
C GLN A 44 21.37 -36.22 -19.43
N ALA A 45 21.49 -34.95 -19.80
CA ALA A 45 20.48 -34.26 -20.62
C ALA A 45 21.05 -32.94 -21.13
N LEU A 46 20.39 -32.36 -22.12
CA LEU A 46 20.84 -31.09 -22.68
C LEU A 46 19.67 -30.13 -22.78
N ILE A 47 19.97 -28.84 -22.66
CA ILE A 47 18.97 -27.79 -22.77
C ILE A 47 19.51 -26.67 -23.66
N LEU A 48 18.78 -26.36 -24.73
CA LEU A 48 19.18 -25.30 -25.64
C LEU A 48 18.42 -24.03 -25.25
N SER A 49 19.16 -23.03 -24.76
CA SER A 49 18.53 -21.79 -24.33
C SER A 49 18.04 -21.01 -25.52
N GLY A 50 17.43 -19.86 -25.22
CA GLY A 50 16.97 -18.99 -26.28
C GLY A 50 18.12 -18.07 -26.63
N GLY A 51 17.81 -17.03 -27.41
CA GLY A 51 18.82 -16.09 -27.82
C GLY A 51 18.15 -14.88 -28.46
N PRO A 52 18.81 -13.71 -28.44
CA PRO A 52 18.28 -12.47 -29.03
C PRO A 52 18.24 -12.40 -30.55
N ARG A 53 18.87 -13.36 -31.23
CA ARG A 53 18.86 -13.34 -32.69
C ARG A 53 18.03 -14.45 -33.33
N SER A 54 17.51 -14.18 -34.53
CA SER A 54 16.70 -15.14 -35.26
C SER A 54 17.59 -16.26 -35.78
N VAL A 55 17.01 -17.44 -35.97
CA VAL A 55 17.77 -18.58 -36.49
C VAL A 55 18.09 -18.32 -37.95
N PHE A 56 17.55 -17.23 -38.48
CA PHE A 56 17.79 -16.85 -39.87
C PHE A 56 18.99 -15.91 -39.96
N ASP A 57 19.27 -15.22 -38.86
CA ASP A 57 20.40 -14.30 -38.78
C ASP A 57 21.70 -15.10 -38.83
N PRO A 58 22.52 -14.89 -39.87
CA PRO A 58 23.80 -15.61 -40.02
C PRO A 58 24.77 -15.48 -38.85
N ASP A 59 24.72 -14.35 -38.14
CA ASP A 59 25.59 -14.11 -36.99
C ASP A 59 25.19 -14.97 -35.80
N ALA A 60 23.91 -15.33 -35.72
CA ALA A 60 23.40 -16.15 -34.64
C ALA A 60 24.18 -17.44 -34.50
N PRO A 61 24.47 -17.85 -33.26
CA PRO A 61 25.22 -19.08 -32.98
C PRO A 61 24.49 -20.32 -33.44
N ARG A 62 25.26 -21.32 -33.89
CA ARG A 62 24.69 -22.58 -34.36
C ARG A 62 25.36 -23.72 -33.60
N PRO A 63 24.61 -24.75 -33.23
CA PRO A 63 25.21 -25.86 -32.50
C PRO A 63 25.93 -26.81 -33.44
N ASP A 64 26.56 -27.83 -32.86
CA ASP A 64 27.27 -28.84 -33.61
C ASP A 64 26.18 -29.72 -34.23
N PRO A 65 26.09 -29.75 -35.57
CA PRO A 65 25.08 -30.57 -36.24
C PRO A 65 24.90 -31.94 -35.58
N ARG A 66 26.03 -32.58 -35.29
CA ARG A 66 26.03 -33.90 -34.66
C ARG A 66 25.26 -33.93 -33.35
N LEU A 67 25.18 -32.77 -32.70
CA LEU A 67 24.50 -32.65 -31.43
C LEU A 67 23.16 -33.38 -31.41
N PHE A 68 22.34 -33.09 -32.42
CA PHE A 68 21.02 -33.70 -32.53
C PHE A 68 21.07 -35.19 -32.84
N SER A 69 22.29 -35.73 -32.98
CA SER A 69 22.49 -37.16 -33.26
C SER A 69 23.34 -37.80 -32.18
N SER A 70 23.00 -37.52 -30.92
CA SER A 70 23.75 -38.08 -29.78
C SER A 70 22.87 -38.99 -28.92
N GLY A 71 21.56 -38.91 -29.12
CA GLY A 71 20.67 -39.75 -28.33
C GLY A 71 20.38 -39.17 -26.95
N LEU A 72 21.08 -38.09 -26.61
CA LEU A 72 20.88 -37.42 -25.32
C LEU A 72 19.53 -36.71 -25.24
N PRO A 73 18.79 -36.92 -24.15
CA PRO A 73 17.48 -36.25 -24.02
C PRO A 73 17.72 -34.75 -24.13
N LEU A 74 16.84 -34.03 -24.81
CA LEU A 74 17.05 -32.59 -24.90
C LEU A 74 15.79 -31.74 -24.98
N LEU A 75 15.89 -30.54 -24.44
CA LEU A 75 14.80 -29.57 -24.44
C LEU A 75 15.28 -28.29 -25.13
N GLY A 76 14.49 -27.81 -26.08
CA GLY A 76 14.84 -26.58 -26.79
C GLY A 76 13.89 -25.45 -26.38
N ILE A 77 14.47 -24.32 -26.00
CA ILE A 77 13.68 -23.17 -25.57
C ILE A 77 13.78 -22.01 -26.55
N CYS A 78 12.64 -21.68 -27.17
CA CYS A 78 12.53 -20.59 -28.13
C CYS A 78 13.53 -20.75 -29.29
N TYR A 79 14.64 -20.04 -29.24
CA TYR A 79 15.64 -20.19 -30.30
C TYR A 79 15.99 -21.68 -30.36
N GLY A 80 16.17 -22.28 -29.19
CA GLY A 80 16.52 -23.68 -29.10
C GLY A 80 15.52 -24.61 -29.75
N MSE A 81 14.23 -24.28 -29.64
CA MSE A 81 13.18 -25.09 -30.25
C MSE A 81 13.23 -24.96 -31.76
O MSE A 81 13.08 -25.93 -32.49
CB MSE A 81 11.79 -24.63 -29.76
CG MSE A 81 10.63 -25.27 -30.55
SE MSE A 81 9.00 -25.14 -29.76
CE MSE A 81 8.00 -24.40 -31.07
N GLN A 82 13.46 -23.73 -32.23
CA GLN A 82 13.53 -23.48 -33.65
C GLN A 82 14.76 -24.12 -34.30
N LEU A 83 15.89 -24.14 -33.58
CA LEU A 83 17.09 -24.78 -34.10
C LEU A 83 16.77 -26.25 -34.33
N LEU A 84 16.17 -26.84 -33.31
CA LEU A 84 15.78 -28.23 -33.32
C LEU A 84 14.83 -28.55 -34.47
N ALA A 85 13.94 -27.63 -34.81
CA ALA A 85 13.00 -27.88 -35.89
C ALA A 85 13.64 -27.88 -37.28
N GLN A 86 14.28 -26.78 -37.66
CA GLN A 86 14.90 -26.73 -38.98
C GLN A 86 16.03 -27.74 -39.13
N GLU A 87 16.77 -27.96 -38.06
CA GLU A 87 17.87 -28.90 -38.08
C GLU A 87 17.41 -30.35 -38.19
N LEU A 88 16.11 -30.60 -38.14
CA LEU A 88 15.62 -31.97 -38.21
C LEU A 88 14.48 -32.26 -39.17
N GLY A 89 14.24 -31.35 -40.11
CA GLY A 89 13.19 -31.58 -41.08
C GLY A 89 11.88 -30.86 -40.88
N GLY A 90 11.83 -29.98 -39.87
CA GLY A 90 10.63 -29.23 -39.59
C GLY A 90 10.72 -27.93 -40.36
N ARG A 91 9.72 -27.06 -40.25
CA ARG A 91 9.75 -25.80 -40.96
C ARG A 91 9.58 -24.59 -40.06
N VAL A 92 10.58 -23.71 -40.08
CA VAL A 92 10.51 -22.48 -39.29
C VAL A 92 10.42 -21.31 -40.27
N GLU A 93 9.63 -20.30 -39.91
CA GLU A 93 9.45 -19.13 -40.76
C GLU A 93 9.50 -17.87 -39.92
N ARG A 94 9.88 -16.76 -40.53
CA ARG A 94 9.95 -15.51 -39.79
C ARG A 94 8.56 -15.09 -39.38
N ALA A 95 8.49 -14.34 -38.28
CA ALA A 95 7.23 -13.85 -37.75
C ALA A 95 7.49 -12.93 -36.56
N GLY A 96 6.47 -12.17 -36.19
CA GLY A 96 6.57 -11.25 -35.06
C GLY A 96 7.83 -10.41 -34.97
N ARG A 97 8.20 -10.07 -33.74
CA ARG A 97 9.38 -9.26 -33.47
C ARG A 97 10.09 -9.79 -32.22
N ALA A 98 11.38 -9.52 -32.10
CA ALA A 98 12.14 -9.99 -30.94
C ALA A 98 11.61 -9.32 -29.67
N GLU A 99 10.61 -9.95 -29.07
CA GLU A 99 9.98 -9.45 -27.85
C GLU A 99 9.23 -10.60 -27.17
N TYR A 100 8.83 -10.38 -25.93
CA TYR A 100 8.12 -11.40 -25.17
C TYR A 100 6.65 -11.04 -25.05
N GLY A 101 5.94 -11.81 -24.24
CA GLY A 101 4.53 -11.55 -24.04
C GLY A 101 3.90 -12.70 -23.30
N LYS A 102 2.88 -12.40 -22.50
CA LYS A 102 2.19 -13.42 -21.74
C LYS A 102 1.20 -14.07 -22.68
N ALA A 103 0.98 -15.37 -22.51
CA ALA A 103 0.02 -16.09 -23.33
C ALA A 103 -0.43 -17.34 -22.62
N LEU A 104 -1.66 -17.74 -22.88
CA LEU A 104 -2.21 -18.94 -22.26
C LEU A 104 -2.12 -20.08 -23.25
N LEU A 105 -1.70 -21.24 -22.79
CA LEU A 105 -1.63 -22.41 -23.67
C LEU A 105 -3.06 -22.93 -23.81
N THR A 106 -3.60 -22.88 -25.02
CA THR A 106 -4.97 -23.33 -25.27
C THR A 106 -5.01 -24.84 -25.31
N ARG A 107 -3.83 -25.44 -25.43
CA ARG A 107 -3.71 -26.90 -25.46
C ARG A 107 -2.30 -27.24 -24.98
N HIS A 108 -2.24 -28.16 -24.01
CA HIS A 108 -0.97 -28.62 -23.44
C HIS A 108 -1.14 -30.09 -23.06
N GLU A 109 -0.51 -30.98 -23.81
CA GLU A 109 -0.66 -32.41 -23.53
C GLU A 109 0.60 -33.26 -23.62
N GLY A 110 0.51 -34.45 -23.03
CA GLY A 110 1.63 -35.36 -23.04
C GLY A 110 2.39 -35.30 -21.73
N PRO A 111 3.42 -36.12 -21.55
CA PRO A 111 4.20 -36.12 -20.32
C PRO A 111 4.85 -34.77 -19.95
N LEU A 112 5.28 -33.99 -20.94
CA LEU A 112 5.91 -32.72 -20.66
C LEU A 112 4.97 -31.77 -19.90
N PHE A 113 3.67 -31.99 -20.01
CA PHE A 113 2.72 -31.11 -19.36
C PHE A 113 1.87 -31.64 -18.19
N ARG A 114 2.16 -32.81 -17.66
CA ARG A 114 1.33 -33.29 -16.55
C ARG A 114 1.55 -32.47 -15.27
N GLY A 115 0.49 -32.32 -14.50
CA GLY A 115 0.55 -31.54 -13.28
C GLY A 115 0.10 -30.13 -13.59
N LEU A 116 0.18 -29.78 -14.87
CA LEU A 116 -0.25 -28.45 -15.31
C LEU A 116 -1.69 -28.52 -15.80
N GLU A 117 -2.63 -28.21 -14.92
CA GLU A 117 -4.04 -28.23 -15.27
C GLU A 117 -4.50 -26.81 -15.02
N GLY A 118 -5.62 -26.42 -15.61
CA GLY A 118 -6.09 -25.07 -15.39
C GLY A 118 -5.30 -24.15 -16.30
N GLU A 119 -5.33 -22.85 -16.03
CA GLU A 119 -4.60 -21.95 -16.89
C GLU A 119 -3.09 -22.13 -16.79
N VAL A 120 -2.45 -22.16 -17.95
CA VAL A 120 -1.02 -22.31 -18.02
C VAL A 120 -0.51 -21.11 -18.80
N GLN A 121 -0.11 -20.08 -18.08
CA GLN A 121 0.41 -18.88 -18.69
C GLN A 121 1.89 -19.08 -19.00
N VAL A 122 2.32 -18.65 -20.19
CA VAL A 122 3.71 -18.77 -20.56
C VAL A 122 4.28 -17.43 -21.00
N TRP A 123 5.59 -17.30 -20.89
CA TRP A 123 6.29 -16.09 -21.31
C TRP A 123 6.80 -16.45 -22.70
N MSE A 124 5.94 -16.27 -23.71
CA MSE A 124 6.25 -16.58 -25.11
C MSE A 124 7.29 -15.68 -25.75
O MSE A 124 7.40 -14.50 -25.42
CB MSE A 124 4.99 -16.51 -26.00
CG MSE A 124 3.92 -17.56 -25.76
SE MSE A 124 4.29 -19.20 -26.43
CE MSE A 124 3.82 -18.93 -28.15
N SER A 125 8.03 -16.25 -26.69
CA SER A 125 9.02 -15.50 -27.46
C SER A 125 8.29 -15.29 -28.79
N HIS A 126 8.22 -14.05 -29.25
CA HIS A 126 7.53 -13.72 -30.49
C HIS A 126 8.39 -13.69 -31.74
N GLN A 127 9.64 -14.14 -31.64
CA GLN A 127 10.51 -14.10 -32.78
C GLN A 127 10.51 -15.40 -33.58
N ASP A 128 10.06 -15.33 -34.82
CA ASP A 128 9.76 -16.39 -35.75
C ASP A 128 8.74 -17.37 -35.17
N ALA A 129 8.56 -18.55 -35.77
CA ALA A 129 7.61 -19.62 -35.55
C ALA A 129 8.07 -20.91 -36.22
N VAL A 130 7.94 -22.09 -35.61
CA VAL A 130 8.06 -23.33 -36.35
C VAL A 130 6.65 -23.52 -36.86
N THR A 131 6.49 -23.76 -38.15
CA THR A 131 5.16 -23.96 -38.70
C THR A 131 4.93 -25.44 -38.94
N ALA A 132 6.03 -26.20 -38.90
CA ALA A 132 5.96 -27.64 -39.09
C ALA A 132 7.01 -28.31 -38.21
N PRO A 133 6.59 -29.26 -37.37
CA PRO A 133 7.56 -29.92 -36.51
C PRO A 133 8.30 -30.97 -37.34
N PRO A 134 9.45 -31.45 -36.84
CA PRO A 134 10.19 -32.45 -37.59
C PRO A 134 9.21 -33.56 -37.98
N PRO A 135 9.45 -34.20 -39.14
CA PRO A 135 8.55 -35.28 -39.57
C PRO A 135 8.47 -36.37 -38.50
N GLY A 136 7.26 -36.68 -38.05
CA GLY A 136 7.09 -37.70 -37.04
C GLY A 136 6.90 -37.16 -35.63
N TRP A 137 7.22 -35.89 -35.42
CA TRP A 137 7.07 -35.29 -34.10
C TRP A 137 5.64 -34.84 -33.85
N ARG A 138 5.31 -34.60 -32.60
CA ARG A 138 3.96 -34.18 -32.27
C ARG A 138 3.98 -32.75 -31.76
N VAL A 139 2.90 -32.02 -32.04
CA VAL A 139 2.76 -30.66 -31.56
C VAL A 139 1.95 -30.87 -30.30
N VAL A 140 2.56 -30.66 -29.14
CA VAL A 140 1.86 -30.88 -27.89
C VAL A 140 1.34 -29.62 -27.22
N ALA A 141 1.54 -28.47 -27.83
CA ALA A 141 1.02 -27.23 -27.24
C ALA A 141 0.72 -26.13 -28.24
N GLU A 142 -0.24 -25.28 -27.89
CA GLU A 142 -0.62 -24.16 -28.72
C GLU A 142 -1.12 -23.01 -27.87
N THR A 143 -1.15 -21.82 -28.45
CA THR A 143 -1.69 -20.62 -27.82
C THR A 143 -2.71 -20.17 -28.87
N GLU A 144 -3.35 -19.03 -28.67
CA GLU A 144 -4.33 -18.55 -29.64
C GLU A 144 -3.65 -18.14 -30.94
N GLU A 145 -2.56 -17.40 -30.82
CA GLU A 145 -1.82 -16.92 -31.99
C GLU A 145 -0.82 -17.90 -32.59
N ASN A 146 -0.42 -18.94 -31.85
CA ASN A 146 0.55 -19.89 -32.38
C ASN A 146 0.11 -21.35 -32.21
N PRO A 147 -0.28 -22.00 -33.32
CA PRO A 147 -0.73 -23.40 -33.31
C PRO A 147 0.35 -24.41 -32.94
N VAL A 148 1.57 -23.92 -32.72
CA VAL A 148 2.66 -24.79 -32.32
C VAL A 148 3.56 -24.09 -31.30
N ALA A 149 3.17 -24.21 -30.03
CA ALA A 149 3.90 -23.61 -28.92
C ALA A 149 4.90 -24.60 -28.30
N ALA A 150 4.78 -25.88 -28.67
CA ALA A 150 5.67 -26.92 -28.17
C ALA A 150 5.62 -28.16 -29.06
N ILE A 151 6.72 -28.88 -29.14
CA ILE A 151 6.82 -30.08 -29.97
C ILE A 151 7.55 -31.17 -29.20
N ALA A 152 7.36 -32.41 -29.61
CA ALA A 152 7.99 -33.56 -28.98
C ALA A 152 8.21 -34.69 -29.99
N SER A 153 9.36 -35.36 -29.91
CA SER A 153 9.65 -36.47 -30.81
C SER A 153 8.82 -37.70 -30.40
N PRO A 154 8.55 -38.59 -31.36
CA PRO A 154 7.75 -39.80 -31.08
C PRO A 154 8.27 -40.70 -29.95
N ASP A 155 9.56 -40.57 -29.63
CA ASP A 155 10.11 -41.41 -28.57
C ASP A 155 10.24 -40.67 -27.25
N GLY A 156 9.73 -39.44 -27.21
CA GLY A 156 9.77 -38.64 -25.99
C GLY A 156 11.17 -38.33 -25.46
N ARG A 157 12.12 -38.14 -26.37
CA ARG A 157 13.50 -37.85 -25.96
C ARG A 157 13.86 -36.37 -26.17
N ALA A 158 13.21 -35.73 -27.13
CA ALA A 158 13.48 -34.34 -27.43
C ALA A 158 12.19 -33.52 -27.36
N TYR A 159 12.30 -32.29 -26.89
CA TYR A 159 11.15 -31.40 -26.77
C TYR A 159 11.54 -29.98 -27.13
N GLY A 160 10.57 -29.22 -27.59
CA GLY A 160 10.80 -27.84 -27.93
C GLY A 160 9.68 -27.00 -27.35
N VAL A 161 10.00 -25.83 -26.84
CA VAL A 161 8.98 -24.96 -26.30
C VAL A 161 9.25 -23.56 -26.83
N GLN A 162 8.19 -22.90 -27.27
CA GLN A 162 8.27 -21.56 -27.83
C GLN A 162 8.20 -20.49 -26.74
N PHE A 163 8.27 -20.90 -25.49
CA PHE A 163 8.20 -19.98 -24.35
C PHE A 163 9.32 -20.29 -23.36
N HIS A 164 9.55 -19.38 -22.41
CA HIS A 164 10.60 -19.56 -21.42
C HIS A 164 10.06 -20.12 -20.11
N PRO A 165 10.30 -21.42 -19.85
CA PRO A 165 9.81 -22.01 -18.61
C PRO A 165 10.63 -21.67 -17.37
N GLU A 166 11.80 -21.06 -17.56
CA GLU A 166 12.67 -20.71 -16.44
C GLU A 166 12.33 -19.35 -15.84
N VAL A 167 11.40 -18.65 -16.47
CA VAL A 167 11.02 -17.30 -16.03
C VAL A 167 9.73 -17.22 -15.23
N ALA A 168 9.72 -16.32 -14.25
CA ALA A 168 8.56 -16.10 -13.38
C ALA A 168 7.26 -15.90 -14.14
N HIS A 169 7.33 -15.29 -15.32
CA HIS A 169 6.11 -15.07 -16.12
C HIS A 169 5.48 -16.37 -16.64
N THR A 170 6.17 -17.47 -16.41
CA THR A 170 5.64 -18.79 -16.74
C THR A 170 5.63 -19.40 -15.34
N PRO A 171 4.64 -19.03 -14.50
CA PRO A 171 4.52 -19.52 -13.12
C PRO A 171 4.69 -21.02 -12.92
N LYS A 172 4.21 -21.81 -13.87
CA LYS A 172 4.30 -23.26 -13.77
C LYS A 172 5.51 -23.83 -14.55
N GLY A 173 6.45 -22.96 -14.90
CA GLY A 173 7.63 -23.38 -15.65
C GLY A 173 8.48 -24.42 -14.94
N MSE A 174 8.59 -24.32 -13.63
CA MSE A 174 9.39 -25.26 -12.87
C MSE A 174 8.86 -26.68 -13.01
O MSE A 174 9.63 -27.62 -13.15
CB MSE A 174 9.42 -24.88 -11.39
CG MSE A 174 10.46 -23.83 -11.09
SE MSE A 174 12.14 -24.50 -11.19
CE MSE A 174 12.31 -25.04 -9.51
N GLN A 175 7.54 -26.83 -13.02
CA GLN A 175 6.94 -28.15 -13.14
C GLN A 175 7.27 -28.72 -14.52
N ILE A 176 7.26 -27.84 -15.52
CA ILE A 176 7.60 -28.25 -16.88
C ILE A 176 9.03 -28.72 -16.89
N LEU A 177 9.93 -27.96 -16.30
CA LEU A 177 11.34 -28.36 -16.25
C LEU A 177 11.45 -29.66 -15.46
N GLU A 178 10.67 -29.77 -14.40
CA GLU A 178 10.69 -30.97 -13.58
C GLU A 178 10.17 -32.17 -14.40
N ASN A 179 9.17 -31.95 -15.25
CA ASN A 179 8.65 -33.05 -16.08
C ASN A 179 9.75 -33.45 -17.04
N PHE A 180 10.45 -32.47 -17.61
CA PHE A 180 11.52 -32.80 -18.53
C PHE A 180 12.58 -33.66 -17.85
N LEU A 181 12.96 -33.30 -16.63
CA LEU A 181 13.97 -34.08 -15.90
C LEU A 181 13.46 -35.50 -15.66
N GLU A 182 12.24 -35.61 -15.17
CA GLU A 182 11.63 -36.90 -14.92
C GLU A 182 11.66 -37.70 -16.23
N LEU A 183 11.34 -37.06 -17.34
CA LEU A 183 11.32 -37.70 -18.66
C LEU A 183 12.68 -38.19 -19.14
N ALA A 184 13.70 -37.37 -18.93
CA ALA A 184 15.05 -37.72 -19.36
C ALA A 184 15.70 -38.62 -18.29
N GLY A 185 14.91 -38.97 -17.28
CA GLY A 185 15.43 -39.80 -16.21
C GLY A 185 16.71 -39.28 -15.59
N VAL A 186 16.74 -37.99 -15.28
CA VAL A 186 17.90 -37.35 -14.68
C VAL A 186 17.97 -37.62 -13.18
N LYS A 187 19.11 -38.13 -12.73
CA LYS A 187 19.30 -38.42 -11.30
C LYS A 187 19.45 -37.11 -10.53
N ARG A 188 18.85 -37.03 -9.35
CA ARG A 188 18.91 -35.81 -8.55
C ARG A 188 19.98 -35.89 -7.47
N ASP A 189 21.24 -35.95 -7.90
CA ASP A 189 22.39 -36.03 -6.98
C ASP A 189 22.81 -34.71 -6.35
N TRP A 190 22.39 -33.61 -6.97
CA TRP A 190 22.75 -32.29 -6.48
C TRP A 190 22.10 -31.91 -5.15
N THR A 191 22.62 -32.50 -4.06
CA THR A 191 22.11 -32.23 -2.73
C THR A 191 23.24 -31.59 -1.94
N PRO A 192 22.89 -30.84 -0.88
CA PRO A 192 23.92 -30.18 -0.06
C PRO A 192 24.91 -31.12 0.64
N GLU A 193 24.42 -32.27 1.10
CA GLU A 193 25.31 -33.20 1.78
C GLU A 193 26.32 -33.73 0.77
N HIS A 194 25.87 -33.92 -0.47
CA HIS A 194 26.76 -34.42 -1.52
C HIS A 194 27.85 -33.39 -1.80
N VAL A 195 27.44 -32.13 -1.88
CA VAL A 195 28.36 -31.04 -2.13
C VAL A 195 29.36 -30.95 -0.97
N LEU A 196 28.86 -30.97 0.25
CA LEU A 196 29.74 -30.88 1.40
C LEU A 196 30.75 -32.00 1.42
N GLU A 197 30.28 -33.24 1.19
CA GLU A 197 31.17 -34.40 1.18
C GLU A 197 32.32 -34.15 0.22
N GLU A 198 31.99 -33.75 -0.99
CA GLU A 198 32.98 -33.52 -2.03
C GLU A 198 33.96 -32.38 -1.71
N LEU A 199 33.44 -31.25 -1.24
CA LEU A 199 34.30 -30.12 -0.94
C LEU A 199 35.30 -30.40 0.19
N LEU A 200 34.86 -31.10 1.23
CA LEU A 200 35.76 -31.44 2.33
C LEU A 200 36.84 -32.39 1.82
N ARG A 201 36.44 -33.37 1.02
CA ARG A 201 37.37 -34.33 0.44
C ARG A 201 38.41 -33.55 -0.32
N GLU A 202 37.95 -32.83 -1.35
CA GLU A 202 38.81 -32.01 -2.17
C GLU A 202 39.75 -31.13 -1.37
N VAL A 203 39.18 -30.25 -0.56
CA VAL A 203 39.96 -29.32 0.26
C VAL A 203 41.03 -30.00 1.12
N ARG A 204 40.75 -31.19 1.61
CA ARG A 204 41.71 -31.93 2.43
C ARG A 204 42.87 -32.45 1.59
N GLU A 205 42.56 -33.11 0.47
CA GLU A 205 43.57 -33.66 -0.42
C GLU A 205 44.51 -32.58 -0.94
N ARG A 206 43.91 -31.49 -1.44
CA ARG A 206 44.63 -30.36 -2.00
C ARG A 206 45.46 -29.58 -0.96
N ALA A 207 44.81 -29.16 0.11
CA ALA A 207 45.48 -28.41 1.16
C ALA A 207 46.59 -29.23 1.80
N GLY A 208 46.27 -30.49 2.12
CA GLY A 208 47.25 -31.36 2.74
C GLY A 208 47.67 -30.88 4.11
N LYS A 209 48.99 -30.86 4.33
CA LYS A 209 49.54 -30.43 5.61
C LYS A 209 49.81 -28.92 5.55
N ASP A 210 49.66 -28.35 4.37
CA ASP A 210 49.90 -26.94 4.18
C ASP A 210 48.87 -26.02 4.86
N ARG A 211 49.20 -24.74 4.91
CA ARG A 211 48.35 -23.72 5.54
C ARG A 211 47.72 -22.83 4.47
N VAL A 212 46.46 -22.48 4.58
CA VAL A 212 45.60 -21.65 3.75
C VAL A 212 45.42 -20.26 4.34
N LEU A 213 45.50 -19.26 3.48
CA LEU A 213 45.18 -17.92 3.88
C LEU A 213 43.85 -17.50 3.25
N LEU A 214 43.04 -16.78 4.01
CA LEU A 214 41.74 -16.34 3.53
C LEU A 214 41.33 -15.00 4.14
N ALA A 215 40.63 -14.18 3.36
CA ALA A 215 40.15 -12.90 3.85
C ALA A 215 38.68 -13.10 4.23
N VAL A 216 38.28 -12.53 5.36
CA VAL A 216 36.91 -12.65 5.83
C VAL A 216 36.28 -11.27 5.98
N SER A 217 35.11 -11.10 5.37
CA SER A 217 34.41 -9.83 5.36
C SER A 217 33.19 -9.73 6.26
N GLY A 218 32.62 -10.87 6.61
CA GLY A 218 31.41 -10.87 7.42
C GLY A 218 30.30 -11.46 6.56
N GLY A 219 30.49 -11.39 5.24
CA GLY A 219 29.53 -11.93 4.31
C GLY A 219 29.47 -13.42 4.48
N VAL A 220 28.37 -14.02 4.04
CA VAL A 220 28.16 -15.46 4.20
C VAL A 220 29.08 -16.31 3.33
N ASP A 221 29.57 -15.75 2.23
CA ASP A 221 30.46 -16.50 1.34
C ASP A 221 31.77 -16.83 2.09
N SER A 222 32.53 -15.79 2.44
CA SER A 222 33.79 -15.99 3.15
C SER A 222 33.62 -16.68 4.50
N SER A 223 32.50 -16.45 5.17
CA SER A 223 32.26 -17.10 6.47
C SER A 223 32.15 -18.59 6.30
N THR A 224 31.43 -19.02 5.26
CA THR A 224 31.23 -20.43 4.99
C THR A 224 32.54 -21.07 4.52
N LEU A 225 33.34 -20.27 3.82
CA LEU A 225 34.62 -20.76 3.33
C LEU A 225 35.51 -21.03 4.55
N ALA A 226 35.46 -20.13 5.52
CA ALA A 226 36.24 -20.27 6.75
C ALA A 226 35.80 -21.55 7.48
N LEU A 227 34.49 -21.68 7.65
CA LEU A 227 33.94 -22.85 8.30
C LEU A 227 34.34 -24.14 7.60
N LEU A 228 34.47 -24.08 6.27
CA LEU A 228 34.83 -25.26 5.49
C LEU A 228 36.25 -25.72 5.85
N LEU A 229 37.19 -24.77 5.85
CA LEU A 229 38.57 -25.07 6.18
C LEU A 229 38.66 -25.64 7.59
N ALA A 230 38.01 -24.99 8.54
CA ALA A 230 38.03 -25.45 9.92
C ALA A 230 37.45 -26.86 10.02
N LYS A 231 36.25 -27.07 9.45
CA LYS A 231 35.62 -28.38 9.50
C LYS A 231 36.46 -29.44 8.78
N ALA A 232 37.17 -29.01 7.74
CA ALA A 232 38.01 -29.93 6.98
C ALA A 232 39.28 -30.20 7.79
N GLY A 233 39.52 -29.33 8.76
CA GLY A 233 40.69 -29.49 9.58
C GLY A 233 41.99 -29.07 8.89
N VAL A 234 41.90 -28.25 7.84
CA VAL A 234 43.12 -27.82 7.18
C VAL A 234 43.65 -26.58 7.90
N ASP A 235 44.97 -26.51 8.04
CA ASP A 235 45.58 -25.37 8.71
C ASP A 235 45.23 -24.12 7.92
N HIS A 236 44.86 -23.05 8.63
CA HIS A 236 44.46 -21.82 7.94
C HIS A 236 44.47 -20.62 8.86
N LEU A 237 44.39 -19.45 8.27
CA LEU A 237 44.30 -18.21 9.03
C LEU A 237 43.29 -17.32 8.30
N ALA A 238 42.19 -16.99 8.96
CA ALA A 238 41.20 -16.12 8.34
C ALA A 238 41.48 -14.72 8.85
N VAL A 239 41.56 -13.77 7.92
CA VAL A 239 41.85 -12.40 8.27
C VAL A 239 40.66 -11.46 8.02
N PHE A 240 40.23 -10.80 9.10
CA PHE A 240 39.13 -9.85 9.07
C PHE A 240 39.69 -8.42 9.19
N VAL A 241 39.63 -7.65 8.12
CA VAL A 241 40.14 -6.29 8.17
C VAL A 241 39.07 -5.29 8.57
N ASP A 242 39.19 -4.73 9.77
CA ASP A 242 38.23 -3.73 10.21
C ASP A 242 38.62 -2.35 9.70
N HIS A 243 38.09 -1.99 8.53
CA HIS A 243 38.36 -0.70 7.90
C HIS A 243 37.51 0.39 8.55
N GLY A 244 36.81 0.05 9.62
CA GLY A 244 35.97 1.03 10.30
C GLY A 244 34.81 1.52 9.46
N LEU A 245 34.45 0.75 8.44
CA LEU A 245 33.35 1.12 7.57
C LEU A 245 32.24 0.06 7.65
N LEU A 246 32.23 -0.70 8.73
CA LEU A 246 31.23 -1.74 8.95
C LEU A 246 29.98 -1.22 9.64
N ARG A 247 28.92 -2.00 9.61
CA ARG A 247 27.65 -1.64 10.25
C ARG A 247 27.86 -1.69 11.76
N LEU A 248 26.97 -1.05 12.51
CA LEU A 248 27.05 -1.04 13.96
C LEU A 248 27.06 -2.46 14.54
N GLY A 249 28.12 -2.79 15.28
CA GLY A 249 28.22 -4.09 15.89
C GLY A 249 28.64 -5.27 15.04
N GLU A 250 28.94 -5.03 13.76
CA GLU A 250 29.33 -6.11 12.85
C GLU A 250 30.59 -6.88 13.21
N ARG A 251 31.67 -6.18 13.56
CA ARG A 251 32.90 -6.86 13.91
C ARG A 251 32.73 -7.89 15.03
N GLU A 252 32.11 -7.48 16.13
CA GLU A 252 31.92 -8.40 17.26
C GLU A 252 31.06 -9.60 16.92
N GLU A 253 29.98 -9.39 16.19
CA GLU A 253 29.10 -10.49 15.82
C GLU A 253 29.86 -11.50 14.97
N VAL A 254 30.61 -11.02 13.99
CA VAL A 254 31.36 -11.93 13.14
C VAL A 254 32.48 -12.66 13.88
N GLU A 255 33.33 -11.90 14.58
CA GLU A 255 34.44 -12.53 15.30
C GLU A 255 33.97 -13.57 16.33
N GLY A 256 32.89 -13.24 17.05
CA GLY A 256 32.36 -14.17 18.03
C GLY A 256 31.87 -15.48 17.45
N ALA A 257 31.01 -15.43 16.44
CA ALA A 257 30.48 -16.66 15.83
C ALA A 257 31.54 -17.54 15.16
N LEU A 258 32.39 -16.95 14.32
CA LEU A 258 33.39 -17.77 13.65
C LEU A 258 34.33 -18.42 14.66
N ARG A 259 34.84 -17.67 15.63
CA ARG A 259 35.73 -18.27 16.63
C ARG A 259 35.04 -19.41 17.38
N ALA A 260 33.80 -19.18 17.79
CA ALA A 260 33.03 -20.19 18.51
C ALA A 260 32.88 -21.45 17.64
N LEU A 261 32.86 -21.27 16.33
CA LEU A 261 32.71 -22.40 15.43
C LEU A 261 34.05 -23.04 15.09
N GLY A 262 35.13 -22.41 15.53
CA GLY A 262 36.44 -22.99 15.30
C GLY A 262 37.37 -22.43 14.25
N VAL A 263 37.12 -21.25 13.70
CA VAL A 263 38.06 -20.76 12.69
C VAL A 263 39.18 -19.94 13.33
N ASN A 264 40.39 -20.10 12.80
CA ASN A 264 41.53 -19.34 13.29
C ASN A 264 41.30 -17.98 12.70
N LEU A 265 40.91 -17.05 13.55
CA LEU A 265 40.60 -15.72 13.09
C LEU A 265 41.55 -14.67 13.63
N LEU A 266 41.85 -13.68 12.78
CA LEU A 266 42.71 -12.59 13.15
C LEU A 266 42.02 -11.30 12.72
N VAL A 267 41.72 -10.45 13.69
CA VAL A 267 41.08 -9.18 13.40
C VAL A 267 42.15 -8.08 13.39
N VAL A 268 42.11 -7.25 12.36
CA VAL A 268 43.06 -6.16 12.21
C VAL A 268 42.33 -4.84 12.39
N ASP A 269 42.79 -4.02 13.33
CA ASP A 269 42.17 -2.74 13.53
C ASP A 269 42.82 -1.70 12.61
N ALA A 270 42.21 -1.44 11.46
CA ALA A 270 42.78 -0.48 10.52
C ALA A 270 41.87 0.72 10.30
N LYS A 271 40.98 0.94 11.26
CA LYS A 271 40.02 2.04 11.18
C LYS A 271 40.65 3.40 10.93
N GLU A 272 41.67 3.73 11.73
CA GLU A 272 42.35 5.01 11.60
C GLU A 272 43.00 5.15 10.22
N ARG A 273 43.66 4.09 9.77
CA ARG A 273 44.33 4.08 8.48
C ARG A 273 43.36 4.42 7.31
N PHE A 274 42.23 3.73 7.28
CA PHE A 274 41.25 3.96 6.23
C PHE A 274 40.63 5.36 6.28
N LEU A 275 40.24 5.81 7.47
CA LEU A 275 39.66 7.13 7.58
C LEU A 275 40.65 8.15 7.07
N LYS A 276 41.89 8.06 7.56
CA LYS A 276 42.93 8.99 7.13
C LYS A 276 43.03 8.99 5.61
N ALA A 277 43.20 7.79 5.05
CA ALA A 277 43.34 7.64 3.59
C ALA A 277 42.15 8.19 2.81
N LEU A 278 40.99 8.25 3.45
CA LEU A 278 39.78 8.73 2.79
C LEU A 278 39.51 10.22 2.95
N LYS A 279 40.33 10.91 3.73
CA LYS A 279 40.12 12.35 3.95
C LYS A 279 40.02 13.15 2.65
N GLY A 280 38.98 13.97 2.56
CA GLY A 280 38.76 14.82 1.40
C GLY A 280 38.44 14.18 0.06
N VAL A 281 38.02 12.92 0.06
CA VAL A 281 37.69 12.24 -1.19
C VAL A 281 36.19 12.07 -1.39
N GLU A 282 35.67 12.65 -2.47
CA GLU A 282 34.24 12.56 -2.80
C GLU A 282 33.95 11.57 -3.93
N ASP A 283 34.78 11.57 -4.95
CA ASP A 283 34.60 10.69 -6.09
C ASP A 283 34.48 9.23 -5.65
N PRO A 284 33.27 8.64 -5.80
CA PRO A 284 33.06 7.25 -5.42
C PRO A 284 34.06 6.27 -6.01
N GLU A 285 34.54 6.56 -7.22
CA GLU A 285 35.52 5.67 -7.83
C GLU A 285 36.82 5.75 -7.05
N GLU A 286 37.19 6.96 -6.64
CA GLU A 286 38.42 7.17 -5.88
C GLU A 286 38.32 6.50 -4.52
N LYS A 287 37.16 6.61 -3.87
CA LYS A 287 36.95 5.99 -2.57
C LYS A 287 37.20 4.48 -2.69
N ARG A 288 36.65 3.87 -3.73
CA ARG A 288 36.81 2.44 -3.95
C ARG A 288 38.28 2.11 -4.23
N LYS A 289 38.94 2.99 -4.98
CA LYS A 289 40.36 2.80 -5.32
C LYS A 289 41.16 2.79 -4.02
N ILE A 290 40.95 3.81 -3.21
CA ILE A 290 41.64 3.94 -1.94
C ILE A 290 41.33 2.77 -1.00
N ILE A 291 40.04 2.44 -0.85
CA ILE A 291 39.64 1.34 0.02
C ILE A 291 40.33 0.07 -0.42
N GLY A 292 40.21 -0.25 -1.70
CA GLY A 292 40.85 -1.45 -2.25
C GLY A 292 42.34 -1.47 -1.97
N ARG A 293 42.98 -0.31 -2.10
CA ARG A 293 44.42 -0.18 -1.87
C ARG A 293 44.82 -0.36 -0.39
N GLU A 294 44.09 0.26 0.53
CA GLU A 294 44.42 0.11 1.95
C GLU A 294 44.19 -1.32 2.40
N PHE A 295 43.18 -1.96 1.82
CA PHE A 295 42.85 -3.33 2.15
C PHE A 295 43.93 -4.33 1.75
N VAL A 296 44.44 -4.19 0.53
CA VAL A 296 45.47 -5.10 0.05
C VAL A 296 46.74 -4.91 0.86
N ALA A 297 46.93 -3.69 1.36
CA ALA A 297 48.11 -3.39 2.17
C ALA A 297 48.06 -4.13 3.51
N ALA A 298 47.01 -3.87 4.29
CA ALA A 298 46.86 -4.50 5.60
C ALA A 298 46.79 -6.01 5.49
N PHE A 299 46.21 -6.51 4.40
CA PHE A 299 46.08 -7.95 4.23
C PHE A 299 47.43 -8.61 3.89
N SER A 300 48.22 -7.95 3.05
CA SER A 300 49.53 -8.48 2.66
C SER A 300 50.48 -8.46 3.86
N GLN A 301 50.40 -7.38 4.63
CA GLN A 301 51.24 -7.24 5.82
C GLN A 301 50.99 -8.44 6.73
N VAL A 302 49.72 -8.82 6.86
CA VAL A 302 49.37 -9.96 7.70
C VAL A 302 49.92 -11.24 7.10
N ALA A 303 49.69 -11.44 5.80
CA ALA A 303 50.16 -12.62 5.12
C ALA A 303 51.67 -12.81 5.32
N ARG A 304 52.43 -11.74 5.16
CA ARG A 304 53.87 -11.85 5.32
C ARG A 304 54.25 -12.20 6.76
N GLU A 305 53.76 -11.42 7.72
CA GLU A 305 54.08 -11.63 9.12
C GLU A 305 53.69 -12.98 9.67
N ARG A 306 52.51 -13.48 9.29
CA ARG A 306 52.09 -14.79 9.80
C ARG A 306 52.38 -15.93 8.85
N GLY A 307 52.93 -15.60 7.68
CA GLY A 307 53.26 -16.61 6.69
C GLY A 307 54.27 -17.65 7.17
N PRO A 308 54.66 -18.58 6.30
CA PRO A 308 54.22 -18.67 4.90
C PRO A 308 52.85 -19.34 4.72
N PHE A 309 52.18 -18.98 3.64
CA PHE A 309 50.88 -19.53 3.28
C PHE A 309 50.97 -20.08 1.87
N ARG A 310 50.84 -21.39 1.72
CA ARG A 310 50.92 -21.95 0.38
C ARG A 310 49.68 -21.62 -0.46
N PHE A 311 48.51 -21.64 0.16
CA PHE A 311 47.25 -21.38 -0.55
C PHE A 311 46.52 -20.11 -0.16
N LEU A 312 45.81 -19.57 -1.13
CA LEU A 312 45.00 -18.38 -0.93
C LEU A 312 43.61 -18.81 -1.34
N ALA A 313 42.73 -19.00 -0.37
CA ALA A 313 41.36 -19.41 -0.66
C ALA A 313 40.53 -18.19 -1.00
N GLN A 314 39.64 -18.33 -1.97
CA GLN A 314 38.75 -17.24 -2.37
C GLN A 314 37.34 -17.80 -2.53
N GLY A 315 36.34 -16.93 -2.42
CA GLY A 315 34.96 -17.37 -2.54
C GLY A 315 34.33 -17.21 -3.91
N THR A 316 35.16 -17.35 -4.94
CA THR A 316 34.71 -17.24 -6.32
C THR A 316 33.49 -18.14 -6.55
N LEU A 317 32.44 -17.55 -7.11
CA LEU A 317 31.20 -18.27 -7.40
C LEU A 317 31.03 -18.52 -8.90
N TYR A 318 30.13 -19.43 -9.25
CA TYR A 318 29.89 -19.79 -10.64
C TYR A 318 29.61 -18.58 -11.53
N PRO A 319 28.90 -17.56 -11.00
CA PRO A 319 28.65 -16.40 -11.86
C PRO A 319 29.95 -15.67 -12.20
N ASP A 320 30.93 -15.69 -11.28
CA ASP A 320 32.21 -15.04 -11.51
C ASP A 320 32.95 -15.78 -12.61
N VAL A 321 32.85 -17.13 -12.62
CA VAL A 321 33.60 -17.97 -13.54
C VAL A 321 33.12 -17.73 -14.97
N ILE A 322 31.80 -17.45 -15.04
CA ILE A 322 31.12 -17.42 -16.33
C ILE A 322 31.32 -16.00 -16.90
N GLU A 323 31.60 -15.12 -15.95
CA GLU A 323 32.56 -14.19 -16.52
C GLU A 323 33.94 -14.29 -15.88
N GLY A 340 41.51 -7.89 -4.13
CA GLY A 340 42.13 -6.95 -5.05
C GLY A 340 43.42 -7.49 -5.66
N GLY A 341 44.34 -6.59 -5.97
CA GLY A 341 45.61 -6.98 -6.56
C GLY A 341 46.75 -7.03 -5.56
N LEU A 342 47.19 -8.25 -5.23
CA LEU A 342 48.28 -8.47 -4.28
C LEU A 342 49.64 -8.19 -4.89
N PRO A 343 50.61 -7.77 -4.06
CA PRO A 343 51.95 -7.48 -4.58
C PRO A 343 52.53 -8.67 -5.36
N GLU A 344 53.10 -8.38 -6.52
CA GLU A 344 53.68 -9.39 -7.41
C GLU A 344 54.54 -10.44 -6.72
N ASP A 345 55.34 -10.03 -5.75
CA ASP A 345 56.20 -10.97 -5.04
C ASP A 345 55.45 -11.98 -4.18
N LEU A 346 54.18 -11.70 -3.87
CA LEU A 346 53.37 -12.63 -3.09
C LEU A 346 52.73 -13.64 -4.03
N GLU A 347 53.27 -14.85 -4.06
CA GLU A 347 52.73 -15.88 -4.93
C GLU A 347 51.91 -16.90 -4.14
N PHE A 348 50.71 -17.17 -4.65
CA PHE A 348 49.80 -18.11 -4.00
C PHE A 348 49.17 -19.11 -4.97
N GLU A 349 48.82 -20.27 -4.45
CA GLU A 349 48.13 -21.28 -5.24
C GLU A 349 46.66 -21.01 -4.85
N LEU A 350 45.77 -20.92 -5.83
CA LEU A 350 44.37 -20.64 -5.53
C LEU A 350 43.51 -21.83 -5.11
N LEU A 351 42.70 -21.59 -4.08
CA LEU A 351 41.79 -22.60 -3.56
C LEU A 351 40.42 -21.94 -3.67
N GLU A 352 39.63 -22.39 -4.63
CA GLU A 352 38.29 -21.82 -4.86
C GLU A 352 37.24 -22.93 -4.83
N PRO A 353 36.86 -23.36 -3.63
CA PRO A 353 35.85 -24.43 -3.46
C PRO A 353 34.43 -24.14 -3.92
N PHE A 354 34.07 -22.87 -4.08
CA PHE A 354 32.69 -22.55 -4.47
C PHE A 354 32.53 -22.08 -5.92
N ARG A 355 33.55 -22.29 -6.73
CA ARG A 355 33.54 -21.84 -8.12
C ARG A 355 32.42 -22.38 -9.02
N LEU A 356 31.78 -23.48 -8.65
CA LEU A 356 30.70 -24.03 -9.47
C LEU A 356 29.36 -23.87 -8.73
N LEU A 357 29.36 -23.08 -7.67
CA LEU A 357 28.13 -22.89 -6.92
C LEU A 357 27.58 -21.49 -7.05
N PHE A 358 26.29 -21.36 -6.80
CA PHE A 358 25.62 -20.08 -6.81
C PHE A 358 25.57 -19.62 -5.35
N LYS A 359 25.40 -18.32 -5.15
CA LYS A 359 25.38 -17.75 -3.80
C LYS A 359 24.47 -18.49 -2.83
N ASP A 360 23.22 -18.74 -3.22
CA ASP A 360 22.27 -19.42 -2.35
C ASP A 360 22.67 -20.85 -2.00
N GLU A 361 23.47 -21.49 -2.84
CA GLU A 361 23.92 -22.85 -2.55
C GLU A 361 24.98 -22.79 -1.43
N VAL A 362 25.72 -21.70 -1.36
CA VAL A 362 26.72 -21.54 -0.30
C VAL A 362 25.98 -21.32 1.03
N ARG A 363 24.86 -20.57 1.00
CA ARG A 363 24.07 -20.32 2.21
C ARG A 363 23.55 -21.66 2.72
N GLU A 364 23.30 -22.58 1.79
CA GLU A 364 22.82 -23.89 2.17
C GLU A 364 23.96 -24.66 2.82
N LEU A 365 25.16 -24.58 2.24
CA LEU A 365 26.32 -25.28 2.82
C LEU A 365 26.61 -24.73 4.21
N ALA A 366 26.40 -23.43 4.37
CA ALA A 366 26.63 -22.79 5.65
C ALA A 366 25.74 -23.43 6.72
N LEU A 367 24.55 -23.82 6.32
CA LEU A 367 23.61 -24.46 7.22
C LEU A 367 24.18 -25.80 7.70
N LEU A 368 24.69 -26.59 6.76
CA LEU A 368 25.27 -27.86 7.14
C LEU A 368 26.59 -27.66 7.91
N LEU A 369 27.24 -26.51 7.72
CA LEU A 369 28.50 -26.28 8.43
C LEU A 369 28.29 -25.73 9.84
N GLY A 370 27.04 -25.49 10.21
CA GLY A 370 26.75 -25.00 11.55
C GLY A 370 26.74 -23.50 11.75
N LEU A 371 26.67 -22.73 10.66
CA LEU A 371 26.63 -21.27 10.80
C LEU A 371 25.23 -20.87 11.25
N PRO A 372 25.13 -20.05 12.31
CA PRO A 372 23.83 -19.60 12.83
C PRO A 372 23.12 -18.60 11.92
N ASP A 373 21.79 -18.61 11.96
CA ASP A 373 20.98 -17.72 11.13
C ASP A 373 21.34 -16.23 11.25
N THR A 374 21.83 -15.82 12.41
CA THR A 374 22.23 -14.42 12.60
C THR A 374 23.16 -13.98 11.47
N LEU A 375 24.07 -14.86 11.05
CA LEU A 375 25.00 -14.52 9.98
C LEU A 375 24.63 -15.18 8.66
N ARG A 376 24.10 -16.37 8.72
CA ARG A 376 23.75 -17.11 7.51
C ARG A 376 22.71 -16.44 6.62
N LEU A 377 21.79 -15.67 7.22
CA LEU A 377 20.72 -15.02 6.47
C LEU A 377 20.82 -13.51 6.33
N ARG A 378 21.94 -12.92 6.72
CA ARG A 378 22.07 -11.47 6.60
C ARG A 378 22.23 -11.10 5.13
N HIS A 379 21.86 -9.87 4.81
CA HIS A 379 21.96 -9.35 3.45
C HIS A 379 23.39 -8.99 3.05
N PRO A 380 23.67 -8.94 1.73
CA PRO A 380 25.00 -8.60 1.23
C PRO A 380 25.37 -7.20 1.70
N PHE A 381 26.65 -6.98 1.93
CA PHE A 381 27.17 -5.68 2.36
C PHE A 381 28.46 -5.51 1.57
N PRO A 382 28.69 -4.35 0.94
CA PRO A 382 29.90 -4.10 0.13
C PRO A 382 31.26 -3.97 0.84
N GLY A 383 32.32 -4.36 0.13
CA GLY A 383 33.67 -4.27 0.68
C GLY A 383 33.97 -2.89 1.20
N PRO A 384 33.67 -1.83 0.44
CA PRO A 384 33.93 -0.47 0.91
C PRO A 384 32.90 0.03 1.93
N GLY A 385 32.02 -0.88 2.35
CA GLY A 385 31.01 -0.57 3.35
C GLY A 385 30.32 0.79 3.27
N LEU A 386 30.17 1.42 4.43
CA LEU A 386 29.50 2.72 4.55
C LEU A 386 30.15 3.86 3.81
N ALA A 387 31.37 3.67 3.30
CA ALA A 387 32.01 4.74 2.58
C ALA A 387 31.23 5.07 1.30
N VAL A 388 30.59 4.06 0.71
CA VAL A 388 29.84 4.29 -0.52
C VAL A 388 28.38 4.62 -0.19
N ARG A 389 28.12 4.93 1.07
CA ARG A 389 26.76 5.28 1.48
C ARG A 389 26.62 6.67 2.09
N VAL A 390 27.67 7.48 1.91
CA VAL A 390 27.68 8.87 2.34
C VAL A 390 27.99 9.61 1.03
N LEU A 391 27.09 10.46 0.58
CA LEU A 391 27.33 11.20 -0.65
C LEU A 391 28.25 12.36 -0.37
N GLY A 392 29.56 12.12 -0.47
CA GLY A 392 30.51 13.17 -0.21
C GLY A 392 31.67 12.66 0.59
N GLU A 393 32.41 13.57 1.23
CA GLU A 393 33.56 13.15 2.01
C GLU A 393 33.16 12.26 3.18
N VAL A 394 33.96 11.24 3.45
CA VAL A 394 33.67 10.33 4.54
C VAL A 394 34.36 10.83 5.81
N THR A 395 33.58 11.24 6.80
CA THR A 395 34.17 11.69 8.05
C THR A 395 33.63 10.81 9.18
N GLU A 396 34.33 10.82 10.30
CA GLU A 396 33.92 10.02 11.45
C GLU A 396 32.53 10.43 11.96
N GLU A 397 32.25 11.72 11.94
CA GLU A 397 30.95 12.19 12.40
C GLU A 397 29.83 11.69 11.49
N ARG A 398 30.05 11.77 10.17
CA ARG A 398 29.05 11.31 9.22
C ARG A 398 28.78 9.82 9.34
N LEU A 399 29.82 9.04 9.59
CA LEU A 399 29.68 7.60 9.74
C LEU A 399 28.88 7.26 11.00
N GLU A 400 29.13 8.01 12.07
CA GLU A 400 28.45 7.79 13.34
C GLU A 400 26.94 8.04 13.16
N ILE A 401 26.61 9.01 12.31
CA ILE A 401 25.22 9.34 12.04
C ILE A 401 24.57 8.27 11.15
N LEU A 402 25.26 7.90 10.09
CA LEU A 402 24.77 6.88 9.18
C LEU A 402 24.68 5.51 9.87
N ARG A 403 25.65 5.19 10.73
CA ARG A 403 25.62 3.92 11.45
C ARG A 403 24.36 3.80 12.28
N ARG A 404 23.99 4.89 12.94
CA ARG A 404 22.81 4.92 13.78
C ARG A 404 21.49 4.78 12.99
N ALA A 405 21.38 5.53 11.91
CA ALA A 405 20.17 5.49 11.08
C ALA A 405 20.02 4.10 10.46
N ASP A 406 21.13 3.57 9.95
CA ASP A 406 21.18 2.25 9.33
C ASP A 406 20.73 1.15 10.31
N ASP A 407 21.20 1.27 11.55
CA ASP A 407 20.90 0.33 12.62
C ASP A 407 19.38 0.32 12.91
N ILE A 408 18.79 1.51 13.03
CA ILE A 408 17.37 1.62 13.28
C ILE A 408 16.53 1.03 12.14
N PHE A 409 16.96 1.25 10.90
CA PHE A 409 16.27 0.74 9.72
C PHE A 409 16.28 -0.80 9.68
N THR A 410 17.46 -1.36 9.90
CA THR A 410 17.62 -2.81 9.91
C THR A 410 16.81 -3.46 11.03
N SER A 411 16.81 -2.83 12.19
CA SER A 411 16.07 -3.38 13.32
C SER A 411 14.58 -3.34 13.10
N LEU A 412 14.07 -2.25 12.53
CA LEU A 412 12.62 -2.20 12.28
C LEU A 412 12.25 -3.25 11.23
N LEU A 413 13.08 -3.38 10.20
CA LEU A 413 12.79 -4.38 9.17
C LEU A 413 12.72 -5.77 9.81
N ARG A 414 13.62 -6.06 10.75
CA ARG A 414 13.60 -7.36 11.41
C ARG A 414 12.39 -7.49 12.32
N GLU A 415 12.06 -6.41 13.03
CA GLU A 415 10.91 -6.45 13.93
C GLU A 415 9.62 -6.75 13.17
N TRP A 416 9.42 -6.12 12.02
CA TRP A 416 8.19 -6.36 11.28
C TRP A 416 8.24 -7.49 10.26
N GLY A 417 9.19 -8.40 10.40
CA GLY A 417 9.29 -9.54 9.50
C GLY A 417 9.54 -9.19 8.03
N LEU A 418 9.99 -7.98 7.77
CA LEU A 418 10.24 -7.54 6.41
C LEU A 418 11.68 -7.79 5.94
N TYR A 419 12.62 -7.94 6.87
CA TYR A 419 14.01 -8.14 6.52
C TYR A 419 14.24 -9.29 5.54
N GLU A 420 13.67 -10.49 5.78
CA GLU A 420 13.86 -11.63 4.88
C GLU A 420 13.07 -11.53 3.58
N LYS A 421 12.26 -10.47 3.45
CA LYS A 421 11.38 -10.23 2.30
C LYS A 421 12.01 -9.30 1.24
N VAL A 422 13.24 -8.86 1.46
CA VAL A 422 13.96 -8.04 0.49
C VAL A 422 15.33 -8.69 0.35
N ALA A 423 15.97 -8.49 -0.80
CA ALA A 423 17.30 -9.05 -1.06
C ALA A 423 18.38 -8.19 -0.43
N GLN A 424 18.09 -6.91 -0.29
CA GLN A 424 19.06 -6.00 0.30
C GLN A 424 18.40 -4.69 0.72
N ALA A 425 18.87 -4.13 1.82
CA ALA A 425 18.33 -2.87 2.31
C ALA A 425 19.54 -2.02 2.70
N LEU A 426 19.40 -0.69 2.59
CA LEU A 426 20.51 0.19 2.93
C LEU A 426 20.05 1.63 3.13
N ALA A 427 20.86 2.42 3.83
CA ALA A 427 20.55 3.81 4.09
C ALA A 427 21.71 4.66 3.52
N VAL A 428 21.39 5.80 2.96
CA VAL A 428 22.39 6.66 2.36
C VAL A 428 22.32 8.06 2.96
N LEU A 429 23.45 8.55 3.46
CA LEU A 429 23.48 9.86 4.07
C LEU A 429 23.84 10.95 3.08
N THR A 430 22.97 11.95 2.94
CA THR A 430 23.21 13.05 2.00
C THR A 430 23.35 14.40 2.69
N PRO A 431 24.58 14.93 2.76
CA PRO A 431 24.80 16.23 3.41
C PRO A 431 24.07 17.35 2.66
N VAL A 432 23.53 18.30 3.41
CA VAL A 432 22.82 19.44 2.84
C VAL A 432 23.53 20.74 3.20
N GLY A 445 22.92 19.48 8.70
CA GLY A 445 21.74 19.24 7.88
C GLY A 445 21.91 18.00 7.04
N TYR A 446 21.05 17.00 7.26
CA TYR A 446 21.14 15.76 6.50
C TYR A 446 19.80 15.19 6.06
N VAL A 447 19.83 14.56 4.88
CA VAL A 447 18.67 13.89 4.31
C VAL A 447 19.12 12.44 4.22
N LEU A 448 18.32 11.52 4.77
CA LEU A 448 18.68 10.10 4.74
C LEU A 448 17.79 9.40 3.73
N ALA A 449 18.40 8.57 2.88
CA ALA A 449 17.62 7.84 1.88
C ALA A 449 17.52 6.39 2.26
N LEU A 450 16.29 5.91 2.42
CA LEU A 450 16.08 4.50 2.72
C LEU A 450 16.01 3.82 1.36
N ARG A 451 16.54 2.62 1.28
CA ARG A 451 16.60 1.92 0.02
C ARG A 451 16.59 0.40 0.20
N ALA A 452 15.63 -0.27 -0.44
CA ALA A 452 15.52 -1.71 -0.37
C ALA A 452 15.06 -2.20 -1.74
N VAL A 453 15.54 -3.38 -2.12
CA VAL A 453 15.20 -3.94 -3.43
C VAL A 453 14.93 -5.42 -3.35
N THR A 454 14.39 -5.97 -4.45
CA THR A 454 14.12 -7.41 -4.60
C THR A 454 14.89 -7.80 -5.87
N THR A 455 15.53 -8.95 -5.84
CA THR A 455 16.32 -9.42 -6.98
C THR A 455 16.76 -10.84 -6.74
N GLU A 456 17.26 -11.49 -7.78
CA GLU A 456 17.79 -12.84 -7.64
C GLU A 456 19.26 -12.73 -8.02
N ASP A 457 19.66 -11.93 -9.05
CA ASP A 457 20.84 -12.07 -9.89
C ASP A 457 21.64 -10.81 -9.62
N PHE A 458 21.24 -9.76 -8.89
CA PHE A 458 21.69 -8.42 -8.50
C PHE A 458 22.17 -7.46 -9.61
N MSE A 459 21.44 -7.76 -10.69
CA MSE A 459 21.92 -7.30 -11.98
C MSE A 459 20.77 -6.63 -12.74
O MSE A 459 20.97 -5.68 -13.49
CB MSE A 459 22.49 -8.48 -12.77
CG MSE A 459 24.02 -8.58 -12.68
SE MSE A 459 24.69 -10.15 -13.29
CE MSE A 459 23.99 -10.20 -14.97
N THR A 460 19.58 -6.98 -12.24
CA THR A 460 18.29 -6.35 -12.47
C THR A 460 17.63 -6.41 -11.10
N ALA A 461 17.02 -5.31 -10.67
CA ALA A 461 16.38 -5.30 -9.37
C ALA A 461 15.24 -4.31 -9.36
N ASP A 462 14.23 -4.59 -8.54
CA ASP A 462 13.08 -3.71 -8.42
C ASP A 462 13.07 -3.06 -7.04
N TRP A 463 12.64 -1.82 -6.95
CA TRP A 463 12.61 -1.21 -5.65
C TRP A 463 11.60 -2.01 -4.84
N ALA A 464 11.90 -2.22 -3.56
CA ALA A 464 11.03 -3.00 -2.70
C ALA A 464 9.83 -2.15 -2.30
N ARG A 465 8.63 -2.71 -2.43
CA ARG A 465 7.45 -1.95 -2.07
C ARG A 465 7.06 -2.26 -0.63
N LEU A 466 7.78 -1.64 0.29
CA LEU A 466 7.54 -1.82 1.71
C LEU A 466 6.24 -1.12 2.08
N PRO A 467 5.49 -1.67 3.05
CA PRO A 467 4.23 -1.05 3.47
C PRO A 467 4.39 0.43 3.81
N LEU A 468 3.41 1.22 3.42
CA LEU A 468 3.47 2.63 3.69
C LEU A 468 3.52 2.91 5.21
N GLU A 469 2.82 2.09 5.99
CA GLU A 469 2.80 2.26 7.45
C GLU A 469 4.20 1.99 8.00
N PHE A 470 4.90 1.03 7.40
CA PHE A 470 6.24 0.70 7.84
C PHE A 470 7.19 1.86 7.51
N LEU A 471 7.07 2.41 6.30
CA LEU A 471 7.93 3.52 5.91
C LEU A 471 7.71 4.72 6.86
N ASP A 472 6.47 4.94 7.27
CA ASP A 472 6.18 6.05 8.16
C ASP A 472 6.88 5.83 9.52
N GLU A 473 6.82 4.60 10.02
CA GLU A 473 7.45 4.27 11.28
C GLU A 473 8.96 4.40 11.19
N ALA A 474 9.57 3.91 10.11
CA ALA A 474 11.00 4.03 9.95
C ALA A 474 11.42 5.50 9.92
N ALA A 475 10.66 6.33 9.22
CA ALA A 475 11.02 7.74 9.14
C ALA A 475 10.84 8.51 10.45
N ARG A 476 9.78 8.21 11.20
CA ARG A 476 9.56 8.90 12.47
C ARG A 476 10.65 8.53 13.48
N ARG A 477 10.97 7.26 13.58
CA ARG A 477 12.00 6.84 14.54
C ARG A 477 13.38 7.41 14.22
N ILE A 478 13.74 7.43 12.94
CA ILE A 478 15.03 7.94 12.55
C ILE A 478 15.17 9.41 12.90
N THR A 479 14.28 10.26 12.41
CA THR A 479 14.40 11.68 12.73
C THR A 479 14.21 11.93 14.22
N ARG A 480 13.55 11.00 14.90
CA ARG A 480 13.32 11.13 16.33
C ARG A 480 14.60 10.82 17.13
N ARG A 481 15.20 9.67 16.86
CA ARG A 481 16.40 9.23 17.57
C ARG A 481 17.71 9.77 16.99
N VAL A 482 17.68 10.23 15.75
CA VAL A 482 18.89 10.77 15.12
C VAL A 482 18.57 12.18 14.65
N PRO A 483 18.44 13.12 15.59
CA PRO A 483 18.12 14.53 15.33
C PRO A 483 18.97 15.24 14.27
N GLU A 484 20.15 14.72 13.95
CA GLU A 484 20.97 15.34 12.92
C GLU A 484 20.30 15.10 11.56
N ILE A 485 19.42 14.09 11.51
CA ILE A 485 18.71 13.78 10.27
C ILE A 485 17.43 14.60 10.27
N GLY A 486 17.28 15.46 9.28
CA GLY A 486 16.09 16.29 9.24
C GLY A 486 15.02 15.86 8.25
N ARG A 487 15.34 14.91 7.39
CA ARG A 487 14.39 14.44 6.40
C ARG A 487 14.73 13.02 5.92
N VAL A 488 13.70 12.19 5.77
CA VAL A 488 13.88 10.82 5.30
C VAL A 488 13.09 10.58 4.02
N VAL A 489 13.73 9.94 3.05
CA VAL A 489 13.10 9.63 1.76
C VAL A 489 13.30 8.17 1.41
N TYR A 490 12.43 7.68 0.53
CA TYR A 490 12.51 6.30 0.09
C TYR A 490 12.79 6.28 -1.41
N ASP A 491 13.81 5.54 -1.82
CA ASP A 491 14.22 5.44 -3.22
C ASP A 491 13.20 4.62 -4.04
N LEU A 492 12.67 5.22 -5.10
CA LEU A 492 11.68 4.55 -5.94
C LEU A 492 12.24 4.02 -7.26
N THR A 493 13.56 4.03 -7.40
CA THR A 493 14.17 3.61 -8.66
C THR A 493 14.66 2.18 -8.74
N SER A 494 14.25 1.50 -9.79
CA SER A 494 14.65 0.12 -10.02
C SER A 494 15.96 0.07 -10.82
N LYS A 495 16.40 -1.15 -11.10
CA LYS A 495 17.61 -1.38 -11.86
C LYS A 495 17.34 -2.37 -13.00
N PRO A 496 17.40 -1.92 -14.26
CA PRO A 496 17.69 -0.54 -14.67
C PRO A 496 16.57 0.39 -14.26
N PRO A 497 16.77 1.71 -14.37
CA PRO A 497 17.95 2.43 -14.85
C PRO A 497 18.98 2.81 -13.80
N ALA A 498 18.78 2.41 -12.56
CA ALA A 498 19.73 2.80 -11.53
C ALA A 498 20.37 1.65 -10.77
N THR A 499 21.54 1.92 -10.23
CA THR A 499 22.28 0.94 -9.45
C THR A 499 21.62 0.74 -8.10
N ILE A 500 22.00 -0.32 -7.40
CA ILE A 500 21.43 -0.57 -6.08
C ILE A 500 22.02 0.46 -5.10
N GLU A 501 23.35 0.59 -5.08
CA GLU A 501 24.01 1.57 -4.22
C GLU A 501 23.85 2.94 -4.87
N TRP A 502 23.98 4.01 -4.09
CA TRP A 502 23.83 5.35 -4.63
C TRP A 502 25.13 5.88 -5.23
N GLU A 503 26.20 5.12 -5.10
CA GLU A 503 27.47 5.54 -5.68
C GLU A 503 28.44 4.38 -5.76
N MSE B 1 -23.99 35.15 13.82
CA MSE B 1 -22.53 35.19 14.12
C MSE B 1 -22.24 34.59 15.50
O MSE B 1 -22.73 35.08 16.52
CB MSE B 1 -22.02 36.63 14.07
CG MSE B 1 -20.53 36.79 14.42
SE MSE B 1 -20.16 36.66 16.18
CE MSE B 1 -18.91 37.90 16.34
N VAL B 2 -21.45 33.52 15.53
CA VAL B 2 -21.10 32.88 16.78
C VAL B 2 -19.68 33.28 17.16
N LEU B 3 -19.48 33.54 18.44
CA LEU B 3 -18.18 33.97 18.90
C LEU B 3 -17.42 32.86 19.62
N VAL B 4 -16.13 32.79 19.33
CA VAL B 4 -15.24 31.79 19.93
C VAL B 4 -14.29 32.54 20.86
N LEU B 5 -14.34 32.22 22.15
CA LEU B 5 -13.47 32.85 23.13
C LEU B 5 -12.22 31.98 23.24
N ASP B 6 -11.10 32.56 22.84
CA ASP B 6 -9.83 31.87 22.82
C ASP B 6 -9.06 31.78 24.15
N PHE B 7 -9.01 30.58 24.71
CA PHE B 7 -8.31 30.35 25.96
C PHE B 7 -6.99 29.64 25.73
N GLY B 8 -6.43 29.80 24.53
CA GLY B 8 -5.14 29.20 24.23
C GLY B 8 -5.08 27.91 23.41
N SER B 9 -6.18 27.20 23.27
CA SER B 9 -6.21 25.94 22.53
C SER B 9 -5.62 25.98 21.13
N GLN B 10 -4.81 24.99 20.82
CA GLN B 10 -4.20 24.85 19.52
C GLN B 10 -5.30 24.54 18.49
N TYR B 11 -6.51 24.24 18.97
CA TYR B 11 -7.63 23.91 18.10
C TYR B 11 -8.63 25.04 17.98
N THR B 12 -8.28 26.22 18.50
CA THR B 12 -9.19 27.36 18.46
C THR B 12 -9.61 27.75 17.04
N ARG B 13 -8.65 27.80 16.13
CA ARG B 13 -8.99 28.14 14.76
C ARG B 13 -9.86 27.05 14.17
N LEU B 14 -9.67 25.80 14.62
CA LEU B 14 -10.48 24.72 14.10
C LEU B 14 -11.95 24.92 14.45
N ILE B 15 -12.22 25.33 15.69
CA ILE B 15 -13.59 25.55 16.15
C ILE B 15 -14.26 26.57 15.24
N ALA B 16 -13.54 27.64 14.96
CA ALA B 16 -14.07 28.70 14.11
C ALA B 16 -14.45 28.15 12.74
N ARG B 17 -13.56 27.35 12.16
CA ARG B 17 -13.80 26.79 10.83
C ARG B 17 -14.99 25.84 10.78
N ARG B 18 -15.12 25.00 11.80
CA ARG B 18 -16.23 24.04 11.84
C ARG B 18 -17.56 24.75 11.79
N LEU B 19 -17.70 25.78 12.63
CA LEU B 19 -18.92 26.56 12.67
C LEU B 19 -19.27 27.08 11.27
N ARG B 20 -18.26 27.58 10.58
CA ARG B 20 -18.51 28.10 9.24
C ARG B 20 -18.98 26.96 8.36
N GLU B 21 -18.37 25.79 8.50
CA GLU B 21 -18.78 24.64 7.71
C GLU B 21 -20.25 24.33 8.00
N LEU B 22 -20.75 24.86 9.09
CA LEU B 22 -22.13 24.62 9.52
C LEU B 22 -23.03 25.79 9.15
N ARG B 23 -22.62 26.55 8.16
CA ARG B 23 -23.15 27.83 7.70
C ARG B 23 -23.45 28.86 8.81
N ALA B 24 -22.53 29.04 9.74
CA ALA B 24 -22.65 30.10 10.74
C ALA B 24 -21.36 30.90 10.73
N PHE B 25 -21.47 32.24 10.73
CA PHE B 25 -20.28 33.07 10.74
C PHE B 25 -19.63 32.94 12.11
N SER B 26 -18.32 33.07 12.18
CA SER B 26 -17.64 32.92 13.45
C SER B 26 -16.44 33.83 13.55
N LEU B 27 -16.18 34.30 14.76
CA LEU B 27 -15.05 35.18 14.98
C LEU B 27 -14.40 34.74 16.26
N ILE B 28 -13.10 34.99 16.36
CA ILE B 28 -12.35 34.63 17.54
C ILE B 28 -11.96 35.86 18.34
N LEU B 29 -12.06 35.75 19.66
CA LEU B 29 -11.70 36.83 20.55
C LEU B 29 -10.94 36.25 21.73
N PRO B 30 -10.01 37.02 22.30
CA PRO B 30 -9.26 36.50 23.45
C PRO B 30 -10.28 36.12 24.52
N GLY B 31 -9.98 35.06 25.27
CA GLY B 31 -10.90 34.64 26.30
C GLY B 31 -11.13 35.69 27.36
N ASP B 32 -10.11 36.49 27.62
CA ASP B 32 -10.19 37.53 28.63
C ASP B 32 -10.62 38.88 28.05
N ALA B 33 -11.58 38.84 27.14
CA ALA B 33 -12.06 40.09 26.53
C ALA B 33 -13.12 40.73 27.40
N PRO B 34 -13.25 42.06 27.32
CA PRO B 34 -14.26 42.76 28.12
C PRO B 34 -15.63 42.34 27.62
N LEU B 35 -16.60 42.23 28.52
CA LEU B 35 -17.95 41.83 28.12
C LEU B 35 -18.50 42.80 27.09
N GLU B 36 -18.17 44.07 27.23
CA GLU B 36 -18.65 45.08 26.29
C GLU B 36 -18.14 44.80 24.89
N GLU B 37 -16.87 44.44 24.79
CA GLU B 37 -16.25 44.15 23.50
C GLU B 37 -16.88 42.88 22.92
N VAL B 38 -17.07 41.88 23.77
CA VAL B 38 -17.66 40.62 23.35
C VAL B 38 -19.07 40.77 22.78
N LEU B 39 -19.85 41.69 23.36
CA LEU B 39 -21.22 41.86 22.93
C LEU B 39 -21.51 42.85 21.80
N LYS B 40 -20.55 43.69 21.44
CA LYS B 40 -20.81 44.67 20.39
C LYS B 40 -21.10 44.01 19.06
N HIS B 41 -20.64 42.77 18.87
CA HIS B 41 -20.88 42.05 17.63
C HIS B 41 -22.23 41.35 17.66
N ARG B 42 -22.93 41.48 18.78
CA ARG B 42 -24.24 40.85 18.95
C ARG B 42 -24.23 39.37 18.58
N PRO B 43 -23.45 38.55 19.30
CA PRO B 43 -23.38 37.12 19.03
C PRO B 43 -24.66 36.40 19.41
N GLN B 44 -25.00 35.36 18.67
CA GLN B 44 -26.19 34.57 18.96
C GLN B 44 -25.80 33.44 19.90
N ALA B 45 -24.51 33.13 19.93
CA ALA B 45 -24.03 32.07 20.79
C ALA B 45 -22.55 32.30 21.06
N LEU B 46 -22.05 31.66 22.11
CA LEU B 46 -20.65 31.78 22.49
C LEU B 46 -20.06 30.41 22.67
N ILE B 47 -18.77 30.29 22.38
CA ILE B 47 -18.09 29.03 22.57
C ILE B 47 -16.74 29.28 23.24
N LEU B 48 -16.56 28.64 24.40
CA LEU B 48 -15.33 28.79 25.14
C LEU B 48 -14.42 27.64 24.73
N SER B 49 -13.30 27.99 24.10
CA SER B 49 -12.36 26.97 23.66
C SER B 49 -11.68 26.29 24.84
N GLY B 50 -10.78 25.37 24.53
CA GLY B 50 -10.01 24.70 25.55
C GLY B 50 -8.74 25.52 25.69
N GLY B 51 -7.76 25.00 26.41
CA GLY B 51 -6.51 25.72 26.60
C GLY B 51 -5.48 24.83 27.26
N PRO B 52 -4.17 25.12 27.08
CA PRO B 52 -3.07 24.34 27.67
C PRO B 52 -2.87 24.46 29.17
N ARG B 53 -3.23 25.59 29.74
CA ARG B 53 -3.05 25.78 31.18
C ARG B 53 -4.31 25.44 31.97
N SER B 54 -4.09 24.88 33.16
CA SER B 54 -5.16 24.48 34.08
C SER B 54 -5.97 25.67 34.58
N VAL B 55 -7.21 25.43 34.99
CA VAL B 55 -8.04 26.51 35.51
C VAL B 55 -7.53 26.99 36.86
N PHE B 56 -6.65 26.19 37.47
CA PHE B 56 -6.07 26.55 38.76
C PHE B 56 -4.81 27.38 38.55
N ASP B 57 -4.26 27.29 37.34
CA ASP B 57 -3.07 28.05 37.00
C ASP B 57 -3.50 29.51 37.12
N PRO B 58 -2.77 30.32 37.91
CA PRO B 58 -3.11 31.74 38.08
C PRO B 58 -2.92 32.57 36.81
N ASP B 59 -1.89 32.23 36.03
CA ASP B 59 -1.59 32.92 34.78
C ASP B 59 -2.52 32.50 33.64
N ALA B 60 -3.35 31.49 33.91
CA ALA B 60 -4.29 31.00 32.90
C ALA B 60 -5.30 32.10 32.63
N PRO B 61 -5.79 32.19 31.38
CA PRO B 61 -6.77 33.20 30.97
C PRO B 61 -8.11 33.05 31.66
N ARG B 62 -8.68 34.18 32.08
CA ARG B 62 -9.97 34.20 32.77
C ARG B 62 -10.99 35.00 31.95
N PRO B 63 -12.24 34.52 31.90
CA PRO B 63 -13.26 35.25 31.14
C PRO B 63 -13.84 36.34 32.03
N ASP B 64 -14.82 37.07 31.51
CA ASP B 64 -15.47 38.12 32.28
C ASP B 64 -16.65 37.42 32.94
N PRO B 65 -16.66 37.34 34.27
CA PRO B 65 -17.76 36.68 34.97
C PRO B 65 -19.14 37.03 34.40
N ARG B 66 -19.40 38.32 34.24
CA ARG B 66 -20.69 38.78 33.71
C ARG B 66 -21.09 38.02 32.45
N LEU B 67 -20.08 37.59 31.70
CA LEU B 67 -20.31 36.85 30.46
C LEU B 67 -21.16 35.60 30.71
N PHE B 68 -21.06 35.04 31.91
CA PHE B 68 -21.83 33.86 32.26
C PHE B 68 -23.24 34.20 32.72
N SER B 69 -23.52 35.49 32.77
CA SER B 69 -24.84 35.98 33.15
C SER B 69 -25.21 37.00 32.08
N SER B 70 -25.23 36.52 30.84
CA SER B 70 -25.55 37.38 29.70
C SER B 70 -26.78 36.91 28.93
N GLY B 71 -27.25 35.70 29.24
CA GLY B 71 -28.42 35.18 28.56
C GLY B 71 -28.12 34.64 27.18
N LEU B 72 -26.85 34.43 26.87
CA LEU B 72 -26.48 33.92 25.56
C LEU B 72 -26.18 32.43 25.59
N PRO B 73 -26.58 31.71 24.55
CA PRO B 73 -26.30 30.27 24.53
C PRO B 73 -24.80 30.09 24.46
N LEU B 74 -24.26 29.17 25.26
CA LEU B 74 -22.83 28.95 25.21
C LEU B 74 -22.46 27.49 25.39
N LEU B 75 -21.28 27.14 24.90
CA LEU B 75 -20.75 25.79 24.99
C LEU B 75 -19.31 25.91 25.48
N GLY B 76 -19.01 25.22 26.59
CA GLY B 76 -17.67 25.26 27.13
C GLY B 76 -16.98 23.96 26.77
N ILE B 77 -15.80 24.08 26.17
CA ILE B 77 -15.03 22.92 25.75
C ILE B 77 -13.79 22.75 26.60
N CYS B 78 -13.70 21.63 27.31
CA CYS B 78 -12.58 21.33 28.18
C CYS B 78 -12.32 22.47 29.16
N TYR B 79 -11.19 23.16 29.03
CA TYR B 79 -10.90 24.30 29.90
C TYR B 79 -12.15 25.16 30.04
N GLY B 80 -12.92 25.23 28.95
CA GLY B 80 -14.14 26.01 28.93
C GLY B 80 -15.23 25.42 29.80
N MSE B 81 -15.32 24.09 29.81
CA MSE B 81 -16.30 23.41 30.65
C MSE B 81 -15.94 23.58 32.11
O MSE B 81 -16.80 23.64 32.97
CB MSE B 81 -16.38 21.91 30.33
CG MSE B 81 -17.41 21.18 31.18
SE MSE B 81 -18.00 19.60 30.54
CE MSE B 81 -17.04 18.46 31.52
N GLN B 82 -14.63 23.66 32.39
CA GLN B 82 -14.13 23.84 33.75
C GLN B 82 -14.60 25.20 34.28
N LEU B 83 -14.27 26.26 33.55
CA LEU B 83 -14.67 27.61 33.92
C LEU B 83 -16.16 27.60 34.25
N LEU B 84 -16.93 27.09 33.30
CA LEU B 84 -18.37 26.99 33.42
C LEU B 84 -18.80 26.38 34.76
N ALA B 85 -18.04 25.38 35.21
CA ALA B 85 -18.34 24.72 36.48
C ALA B 85 -18.13 25.66 37.66
N GLN B 86 -16.90 26.15 37.82
CA GLN B 86 -16.52 26.74 39.10
C GLN B 86 -17.17 28.10 39.36
N GLU B 87 -17.09 28.83 38.24
CA GLU B 87 -17.84 30.08 38.12
C GLU B 87 -19.35 29.90 38.37
N LEU B 88 -19.95 28.72 38.46
CA LEU B 88 -21.39 28.60 38.77
C LEU B 88 -21.75 27.66 39.90
N GLY B 89 -20.83 27.39 40.81
CA GLY B 89 -21.15 26.52 41.93
C GLY B 89 -20.62 25.11 41.84
N GLY B 90 -20.38 24.64 40.62
CA GLY B 90 -19.85 23.30 40.44
C GLY B 90 -18.47 23.20 41.06
N ARG B 91 -17.90 22.00 41.01
CA ARG B 91 -16.58 21.76 41.56
C ARG B 91 -15.62 21.24 40.49
N VAL B 92 -14.41 21.78 40.47
CA VAL B 92 -13.38 21.34 39.52
C VAL B 92 -12.11 21.12 40.33
N GLU B 93 -11.47 19.98 40.12
CA GLU B 93 -10.25 19.61 40.83
C GLU B 93 -9.12 19.17 39.90
N ARG B 94 -7.88 19.28 40.37
CA ARG B 94 -6.71 18.87 39.59
C ARG B 94 -6.82 17.38 39.24
N ALA B 95 -6.21 16.98 38.13
CA ALA B 95 -6.23 15.58 37.70
C ALA B 95 -5.36 15.34 36.47
N GLY B 96 -4.90 14.10 36.32
CA GLY B 96 -4.07 13.73 35.19
C GLY B 96 -3.02 14.75 34.78
N ARG B 97 -2.68 14.74 33.50
CA ARG B 97 -1.71 15.67 32.94
C ARG B 97 -2.24 16.23 31.62
N ALA B 98 -1.83 17.45 31.29
CA ALA B 98 -2.28 18.08 30.06
C ALA B 98 -1.97 17.19 28.86
N GLU B 99 -2.97 16.44 28.41
CA GLU B 99 -2.83 15.53 27.28
C GLU B 99 -4.24 15.12 26.81
N TYR B 100 -4.33 14.57 25.60
CA TYR B 100 -5.64 14.14 25.08
C TYR B 100 -5.71 12.63 25.01
N GLY B 101 -6.89 12.11 24.69
CA GLY B 101 -7.06 10.67 24.59
C GLY B 101 -8.42 10.27 24.06
N LYS B 102 -8.44 9.24 23.22
CA LYS B 102 -9.69 8.74 22.66
C LYS B 102 -10.40 7.94 23.73
N ALA B 103 -11.71 8.13 23.85
CA ALA B 103 -12.50 7.40 24.83
C ALA B 103 -13.93 7.28 24.32
N LEU B 104 -14.62 6.24 24.73
CA LEU B 104 -16.00 6.05 24.32
C LEU B 104 -16.88 6.63 25.41
N LEU B 105 -17.95 7.32 25.00
CA LEU B 105 -18.86 7.88 25.97
C LEU B 105 -19.73 6.72 26.39
N THR B 106 -19.69 6.40 27.68
CA THR B 106 -20.48 5.30 28.21
C THR B 106 -21.95 5.68 28.25
N ARG B 107 -22.23 6.96 28.12
CA ARG B 107 -23.61 7.46 28.12
C ARG B 107 -23.63 8.85 27.50
N HIS B 108 -24.66 9.12 26.71
CA HIS B 108 -24.79 10.41 26.03
C HIS B 108 -26.28 10.67 25.81
N GLU B 109 -26.83 11.57 26.62
CA GLU B 109 -28.25 11.90 26.54
C GLU B 109 -28.49 13.40 26.45
N GLY B 110 -29.62 13.78 25.86
CA GLY B 110 -29.95 15.18 25.74
C GLY B 110 -29.94 15.67 24.31
N PRO B 111 -30.47 16.88 24.06
CA PRO B 111 -30.51 17.44 22.70
C PRO B 111 -29.12 17.71 22.14
N LEU B 112 -28.12 17.63 23.01
CA LEU B 112 -26.74 17.87 22.59
C LEU B 112 -26.17 16.61 21.93
N PHE B 113 -26.76 15.47 22.23
CA PHE B 113 -26.30 14.21 21.66
C PHE B 113 -27.37 13.63 20.74
N ARG B 114 -28.19 14.53 20.23
CA ARG B 114 -29.28 14.20 19.33
C ARG B 114 -28.71 13.67 18.01
N GLY B 115 -29.03 12.44 17.68
CA GLY B 115 -28.54 11.87 16.44
C GLY B 115 -27.25 11.08 16.59
N LEU B 116 -26.53 11.27 17.69
CA LEU B 116 -25.30 10.51 17.88
C LEU B 116 -25.59 9.19 18.58
N GLU B 117 -26.08 8.22 17.82
CA GLU B 117 -26.39 6.90 18.34
C GLU B 117 -25.21 5.98 18.09
N GLY B 118 -25.34 4.71 18.49
CA GLY B 118 -24.23 3.79 18.30
C GLY B 118 -23.10 4.23 19.20
N GLU B 119 -21.85 3.97 18.82
CA GLU B 119 -20.74 4.40 19.66
C GLU B 119 -20.29 5.82 19.35
N VAL B 120 -19.83 6.51 20.39
CA VAL B 120 -19.39 7.87 20.22
C VAL B 120 -17.99 8.04 20.78
N GLN B 121 -17.01 8.12 19.89
CA GLN B 121 -15.63 8.31 20.30
C GLN B 121 -15.37 9.80 20.38
N VAL B 122 -14.76 10.22 21.48
CA VAL B 122 -14.43 11.63 21.64
C VAL B 122 -12.97 11.73 21.97
N TRP B 123 -12.42 12.91 21.76
CA TRP B 123 -11.02 13.22 22.03
C TRP B 123 -11.05 13.96 23.37
N MSE B 124 -10.93 13.21 24.46
CA MSE B 124 -10.96 13.74 25.83
C MSE B 124 -9.71 14.49 26.26
O MSE B 124 -8.60 14.09 25.95
CB MSE B 124 -11.19 12.62 26.84
CG MSE B 124 -12.53 11.89 26.75
SE MSE B 124 -13.90 12.82 27.47
CE MSE B 124 -13.46 12.73 29.21
N SER B 125 -9.91 15.59 26.98
CA SER B 125 -8.81 16.36 27.53
C SER B 125 -8.61 15.76 28.91
N HIS B 126 -7.37 15.43 29.27
CA HIS B 126 -7.09 14.80 30.57
C HIS B 126 -6.61 15.76 31.65
N GLN B 127 -6.59 17.06 31.43
CA GLN B 127 -6.17 18.15 32.30
C GLN B 127 -7.30 18.61 33.21
N ASP B 128 -7.28 18.16 34.46
CA ASP B 128 -8.27 18.45 35.49
C ASP B 128 -9.59 17.77 35.17
N ALA B 129 -10.66 18.18 35.83
CA ALA B 129 -11.88 17.36 35.79
C ALA B 129 -13.00 17.99 36.59
N VAL B 130 -14.23 17.97 36.09
CA VAL B 130 -15.36 18.52 36.82
C VAL B 130 -15.88 17.34 37.64
N THR B 131 -15.84 17.49 38.96
CA THR B 131 -16.30 16.42 39.85
C THR B 131 -17.74 16.63 40.29
N ALA B 132 -18.22 17.87 40.17
CA ALA B 132 -19.58 18.19 40.53
C ALA B 132 -20.08 19.34 39.66
N PRO B 133 -21.19 19.12 38.95
CA PRO B 133 -21.74 20.17 38.09
C PRO B 133 -22.37 21.30 38.88
N PRO B 134 -22.60 22.45 38.23
CA PRO B 134 -23.20 23.56 38.98
C PRO B 134 -24.55 23.05 39.48
N PRO B 135 -25.01 23.55 40.63
CA PRO B 135 -26.30 23.09 41.16
C PRO B 135 -27.46 23.24 40.17
N GLY B 136 -28.13 22.12 39.88
CA GLY B 136 -29.26 22.16 38.97
C GLY B 136 -28.98 21.62 37.58
N TRP B 137 -27.70 21.48 37.24
CA TRP B 137 -27.29 20.97 35.94
C TRP B 137 -27.34 19.45 35.91
N ARG B 138 -27.33 18.88 34.70
CA ARG B 138 -27.37 17.44 34.53
C ARG B 138 -26.14 16.92 33.80
N VAL B 139 -25.48 15.92 34.38
CA VAL B 139 -24.32 15.32 33.72
C VAL B 139 -24.93 14.43 32.64
N VAL B 140 -25.00 14.95 31.42
CA VAL B 140 -25.60 14.22 30.31
C VAL B 140 -24.64 13.37 29.50
N ALA B 141 -23.44 13.15 30.02
CA ALA B 141 -22.44 12.35 29.32
C ALA B 141 -21.40 11.82 30.29
N GLU B 142 -20.95 10.59 30.05
CA GLU B 142 -19.94 9.97 30.88
C GLU B 142 -19.02 9.15 30.02
N THR B 143 -17.91 8.72 30.62
CA THR B 143 -16.94 7.89 29.96
C THR B 143 -16.51 6.87 30.99
N GLU B 144 -15.67 5.92 30.58
CA GLU B 144 -15.21 4.90 31.50
C GLU B 144 -14.63 5.49 32.80
N GLU B 145 -13.49 6.16 32.69
CA GLU B 145 -12.83 6.74 33.86
C GLU B 145 -13.34 8.09 34.35
N ASN B 146 -14.13 8.78 33.53
CA ASN B 146 -14.65 10.09 33.94
C ASN B 146 -16.17 10.17 33.96
N PRO B 147 -16.76 10.20 35.17
CA PRO B 147 -18.20 10.28 35.43
C PRO B 147 -18.89 11.52 34.88
N VAL B 148 -18.12 12.57 34.64
CA VAL B 148 -18.69 13.81 34.11
C VAL B 148 -18.03 14.24 32.80
N ALA B 149 -18.49 13.68 31.69
CA ALA B 149 -17.94 14.02 30.37
C ALA B 149 -18.57 15.27 29.81
N ALA B 150 -19.87 15.46 30.08
CA ALA B 150 -20.58 16.64 29.62
C ALA B 150 -21.66 17.05 30.61
N ILE B 151 -21.93 18.35 30.69
CA ILE B 151 -22.93 18.88 31.60
C ILE B 151 -23.90 19.82 30.88
N ALA B 152 -25.14 19.85 31.33
CA ALA B 152 -26.14 20.71 30.71
C ALA B 152 -26.91 21.53 31.76
N SER B 153 -27.16 22.79 31.45
CA SER B 153 -27.89 23.66 32.35
C SER B 153 -29.36 23.24 32.34
N PRO B 154 -30.12 23.61 33.38
CA PRO B 154 -31.54 23.27 33.47
C PRO B 154 -32.39 23.97 32.41
N ASP B 155 -31.90 25.11 31.92
CA ASP B 155 -32.62 25.87 30.89
C ASP B 155 -32.28 25.39 29.48
N GLY B 156 -31.36 24.44 29.38
CA GLY B 156 -30.98 23.90 28.08
C GLY B 156 -30.45 24.92 27.08
N ARG B 157 -29.65 25.87 27.57
CA ARG B 157 -29.07 26.90 26.71
C ARG B 157 -27.55 26.98 26.91
N ALA B 158 -27.06 26.24 27.89
CA ALA B 158 -25.63 26.22 28.16
C ALA B 158 -25.17 24.76 28.25
N TYR B 159 -23.97 24.49 27.75
CA TYR B 159 -23.44 23.14 27.78
C TYR B 159 -21.93 23.13 27.95
N GLY B 160 -21.42 22.03 28.49
CA GLY B 160 -20.00 21.88 28.68
C GLY B 160 -19.62 20.47 28.27
N VAL B 161 -18.45 20.31 27.66
CA VAL B 161 -17.97 18.99 27.25
C VAL B 161 -16.50 18.86 27.64
N GLN B 162 -16.12 17.67 28.09
CA GLN B 162 -14.74 17.44 28.52
C GLN B 162 -13.91 16.92 27.34
N PHE B 163 -14.48 16.98 26.15
CA PHE B 163 -13.80 16.54 24.93
C PHE B 163 -13.84 17.63 23.83
N HIS B 164 -12.99 17.47 22.83
CA HIS B 164 -12.88 18.42 21.71
C HIS B 164 -13.73 17.96 20.55
N PRO B 165 -14.93 18.51 20.40
CA PRO B 165 -15.82 18.14 19.30
C PRO B 165 -15.34 18.67 17.95
N GLU B 166 -14.37 19.56 17.98
CA GLU B 166 -13.85 20.17 16.76
C GLU B 166 -12.76 19.39 16.03
N VAL B 167 -12.23 18.33 16.64
CA VAL B 167 -11.16 17.56 16.00
C VAL B 167 -11.62 16.23 15.42
N ALA B 168 -11.02 15.86 14.29
CA ALA B 168 -11.35 14.62 13.60
C ALA B 168 -11.44 13.41 14.54
N HIS B 169 -10.64 13.41 15.60
CA HIS B 169 -10.67 12.30 16.57
C HIS B 169 -11.99 12.19 17.32
N THR B 170 -12.87 13.15 17.09
CA THR B 170 -14.22 13.13 17.65
C THR B 170 -15.04 13.10 16.37
N PRO B 171 -15.06 11.94 15.68
CA PRO B 171 -15.76 11.67 14.41
C PRO B 171 -17.13 12.34 14.26
N LYS B 172 -17.95 12.24 15.31
CA LYS B 172 -19.27 12.82 15.26
C LYS B 172 -19.34 14.21 15.90
N GLY B 173 -18.18 14.81 16.13
CA GLY B 173 -18.11 16.13 16.72
C GLY B 173 -18.91 17.18 15.96
N MSE B 174 -18.80 17.17 14.63
CA MSE B 174 -19.53 18.13 13.81
C MSE B 174 -21.02 18.10 14.09
O MSE B 174 -21.68 19.13 14.06
CB MSE B 174 -19.26 17.88 12.33
CG MSE B 174 -18.06 18.64 11.81
SE MSE B 174 -18.46 20.40 11.58
CE MSE B 174 -19.02 20.34 9.87
N GLN B 175 -21.54 16.91 14.36
CA GLN B 175 -22.96 16.76 14.65
C GLN B 175 -23.31 17.37 16.02
N ILE B 176 -22.38 17.29 16.98
CA ILE B 176 -22.62 17.85 18.30
C ILE B 176 -22.69 19.37 18.17
N LEU B 177 -21.73 19.95 17.45
CA LEU B 177 -21.69 21.39 17.23
C LEU B 177 -22.95 21.84 16.48
N GLU B 178 -23.43 21.00 15.58
CA GLU B 178 -24.64 21.29 14.81
C GLU B 178 -25.83 21.26 15.76
N ASN B 179 -25.87 20.29 16.67
CA ASN B 179 -26.96 20.18 17.64
C ASN B 179 -27.00 21.41 18.55
N PHE B 180 -25.82 21.88 18.96
CA PHE B 180 -25.74 23.04 19.83
C PHE B 180 -26.23 24.29 19.13
N LEU B 181 -25.94 24.40 17.84
CA LEU B 181 -26.37 25.57 17.06
C LEU B 181 -27.88 25.54 16.90
N GLU B 182 -28.42 24.34 16.70
CA GLU B 182 -29.86 24.17 16.57
C GLU B 182 -30.47 24.62 17.90
N LEU B 183 -29.97 24.08 19.00
CA LEU B 183 -30.46 24.45 20.32
C LEU B 183 -30.37 25.95 20.50
N ALA B 184 -29.18 26.49 20.30
CA ALA B 184 -28.95 27.92 20.44
C ALA B 184 -29.84 28.73 19.47
N GLY B 185 -30.47 28.04 18.53
CA GLY B 185 -31.30 28.74 17.56
C GLY B 185 -30.45 29.66 16.68
N VAL B 186 -29.23 29.23 16.37
CA VAL B 186 -28.33 30.03 15.55
C VAL B 186 -28.79 30.06 14.11
N LYS B 187 -28.83 31.26 13.53
CA LYS B 187 -29.23 31.42 12.13
C LYS B 187 -28.01 31.18 11.24
N ARG B 188 -28.25 30.57 10.09
CA ARG B 188 -27.18 30.26 9.16
C ARG B 188 -27.08 31.27 8.01
N ASP B 189 -26.51 32.43 8.29
CA ASP B 189 -26.34 33.48 7.30
C ASP B 189 -25.01 33.38 6.57
N TRP B 190 -24.16 32.46 7.00
CA TRP B 190 -22.86 32.34 6.38
C TRP B 190 -22.93 31.51 5.10
N THR B 191 -23.26 32.20 4.00
CA THR B 191 -23.38 31.61 2.67
C THR B 191 -22.54 32.46 1.72
N PRO B 192 -22.08 31.89 0.61
CA PRO B 192 -21.26 32.58 -0.39
C PRO B 192 -21.83 33.84 -1.04
N GLU B 193 -23.11 33.81 -1.42
CA GLU B 193 -23.73 34.98 -2.05
C GLU B 193 -23.77 36.17 -1.11
N HIS B 194 -24.03 35.91 0.18
CA HIS B 194 -24.08 36.97 1.17
C HIS B 194 -22.70 37.58 1.29
N VAL B 195 -21.68 36.72 1.26
CA VAL B 195 -20.32 37.19 1.35
C VAL B 195 -19.96 38.02 0.12
N LEU B 196 -20.31 37.53 -1.06
CA LEU B 196 -20.00 38.23 -2.29
C LEU B 196 -20.68 39.61 -2.33
N GLU B 197 -21.98 39.64 -2.06
CA GLU B 197 -22.71 40.90 -2.05
C GLU B 197 -22.01 41.89 -1.13
N GLU B 198 -21.87 41.51 0.14
CA GLU B 198 -21.22 42.36 1.13
C GLU B 198 -19.86 42.86 0.64
N LEU B 199 -19.07 41.97 0.06
CA LEU B 199 -17.74 42.34 -0.42
C LEU B 199 -17.74 43.22 -1.65
N LEU B 200 -18.69 43.01 -2.56
CA LEU B 200 -18.73 43.84 -3.75
C LEU B 200 -19.06 45.26 -3.31
N ARG B 201 -20.09 45.38 -2.47
CA ARG B 201 -20.51 46.67 -1.94
C ARG B 201 -19.34 47.42 -1.32
N GLU B 202 -18.74 46.83 -0.30
CA GLU B 202 -17.62 47.47 0.37
C GLU B 202 -16.52 47.94 -0.59
N VAL B 203 -15.87 46.99 -1.24
CA VAL B 203 -14.81 47.31 -2.20
C VAL B 203 -15.20 48.55 -3.00
N ARG B 204 -16.42 48.53 -3.53
CA ARG B 204 -16.93 49.62 -4.33
C ARG B 204 -16.87 50.96 -3.60
N GLU B 205 -17.40 50.99 -2.38
CA GLU B 205 -17.41 52.22 -1.59
C GLU B 205 -16.01 52.65 -1.15
N ARG B 206 -15.28 51.75 -0.50
CA ARG B 206 -13.93 52.06 -0.02
C ARG B 206 -13.02 52.64 -1.10
N ALA B 207 -13.12 52.11 -2.32
CA ALA B 207 -12.28 52.57 -3.43
C ALA B 207 -12.88 53.71 -4.22
N GLY B 208 -14.20 53.77 -4.27
CA GLY B 208 -14.86 54.84 -5.00
C GLY B 208 -14.31 54.95 -6.42
N LYS B 209 -13.73 56.09 -6.74
CA LYS B 209 -13.17 56.32 -8.07
C LYS B 209 -11.66 56.40 -8.09
N ASP B 210 -11.01 56.09 -6.97
CA ASP B 210 -9.55 56.12 -6.89
C ASP B 210 -8.93 54.92 -7.62
N ARG B 211 -7.61 54.90 -7.70
CA ARG B 211 -6.90 53.81 -8.36
C ARG B 211 -6.36 52.81 -7.35
N VAL B 212 -6.68 51.53 -7.56
CA VAL B 212 -6.21 50.47 -6.67
C VAL B 212 -5.31 49.50 -7.42
N LEU B 213 -4.10 49.32 -6.89
CA LEU B 213 -3.11 48.44 -7.49
C LEU B 213 -2.94 47.13 -6.73
N LEU B 214 -3.08 46.00 -7.42
CA LEU B 214 -2.91 44.70 -6.76
C LEU B 214 -2.08 43.74 -7.62
N ALA B 215 -1.28 42.92 -6.95
CA ALA B 215 -0.42 41.95 -7.62
C ALA B 215 -1.07 40.57 -7.73
N VAL B 216 -1.00 39.99 -8.92
CA VAL B 216 -1.52 38.64 -9.15
C VAL B 216 -0.31 37.73 -9.31
N SER B 217 -0.33 36.62 -8.58
CA SER B 217 0.77 35.67 -8.57
C SER B 217 0.46 34.39 -9.34
N GLY B 218 -0.82 34.05 -9.38
CA GLY B 218 -1.26 32.83 -10.04
C GLY B 218 -2.16 32.11 -9.04
N GLY B 219 -1.91 32.40 -7.76
CA GLY B 219 -2.69 31.80 -6.69
C GLY B 219 -4.16 32.17 -6.78
N VAL B 220 -5.02 31.24 -6.40
CA VAL B 220 -6.44 31.49 -6.45
C VAL B 220 -6.83 32.71 -5.61
N ASP B 221 -5.99 33.05 -4.63
CA ASP B 221 -6.25 34.17 -3.75
C ASP B 221 -6.14 35.48 -4.53
N SER B 222 -4.95 35.74 -5.10
CA SER B 222 -4.70 36.95 -5.90
C SER B 222 -5.69 37.03 -7.04
N SER B 223 -5.92 35.91 -7.70
CA SER B 223 -6.83 35.85 -8.82
C SER B 223 -8.26 36.22 -8.45
N THR B 224 -8.73 35.73 -7.30
CA THR B 224 -10.10 36.02 -6.87
C THR B 224 -10.22 37.50 -6.51
N LEU B 225 -9.17 38.05 -5.93
CA LEU B 225 -9.15 39.46 -5.55
C LEU B 225 -9.31 40.27 -6.83
N ALA B 226 -8.51 39.95 -7.83
CA ALA B 226 -8.55 40.63 -9.11
C ALA B 226 -9.98 40.56 -9.66
N LEU B 227 -10.59 39.38 -9.64
CA LEU B 227 -11.94 39.24 -10.14
C LEU B 227 -12.98 40.00 -9.34
N LEU B 228 -12.71 40.20 -8.05
CA LEU B 228 -13.65 40.92 -7.19
C LEU B 228 -13.64 42.39 -7.59
N LEU B 229 -12.45 42.93 -7.82
CA LEU B 229 -12.33 44.32 -8.21
C LEU B 229 -13.07 44.53 -9.51
N ALA B 230 -12.68 43.79 -10.55
CA ALA B 230 -13.31 43.90 -11.85
C ALA B 230 -14.83 43.81 -11.76
N LYS B 231 -15.32 42.77 -11.08
CA LYS B 231 -16.76 42.58 -10.93
C LYS B 231 -17.45 43.79 -10.28
N ALA B 232 -16.71 44.49 -9.43
CA ALA B 232 -17.25 45.65 -8.73
C ALA B 232 -17.08 46.93 -9.53
N GLY B 233 -16.65 46.80 -10.77
CA GLY B 233 -16.46 47.95 -11.65
C GLY B 233 -15.33 48.88 -11.21
N VAL B 234 -14.57 48.44 -10.21
CA VAL B 234 -13.47 49.23 -9.69
C VAL B 234 -12.34 49.36 -10.72
N ASP B 235 -11.68 50.51 -10.73
CA ASP B 235 -10.57 50.75 -11.64
C ASP B 235 -9.30 50.18 -11.00
N HIS B 236 -8.68 49.23 -11.68
CA HIS B 236 -7.50 48.57 -11.13
C HIS B 236 -6.45 48.22 -12.16
N LEU B 237 -5.25 47.90 -11.68
CA LEU B 237 -4.17 47.47 -12.54
C LEU B 237 -3.59 46.21 -11.90
N ALA B 238 -3.98 45.06 -12.43
CA ALA B 238 -3.49 43.79 -11.93
C ALA B 238 -2.09 43.61 -12.50
N VAL B 239 -1.12 43.40 -11.64
CA VAL B 239 0.26 43.25 -12.07
C VAL B 239 0.80 41.84 -11.83
N PHE B 240 1.10 41.12 -12.91
CA PHE B 240 1.63 39.76 -12.85
C PHE B 240 3.11 39.83 -13.19
N VAL B 241 3.94 39.57 -12.19
CA VAL B 241 5.38 39.62 -12.38
C VAL B 241 5.99 38.25 -12.65
N ASP B 242 6.19 37.93 -13.93
CA ASP B 242 6.78 36.66 -14.29
C ASP B 242 8.28 36.72 -13.97
N HIS B 243 8.67 36.04 -12.90
CA HIS B 243 10.07 36.01 -12.48
C HIS B 243 10.82 34.86 -13.13
N GLY B 244 10.13 34.14 -14.01
CA GLY B 244 10.72 33.00 -14.69
C GLY B 244 10.93 31.80 -13.78
N LEU B 245 10.24 31.80 -12.63
CA LEU B 245 10.36 30.70 -11.68
C LEU B 245 9.02 30.00 -11.49
N LEU B 246 8.15 30.11 -12.49
CA LEU B 246 6.82 29.49 -12.46
C LEU B 246 6.81 28.10 -13.10
N ARG B 247 5.66 27.42 -12.97
CA ARG B 247 5.47 26.09 -13.52
C ARG B 247 5.16 26.17 -15.02
N LEU B 248 5.47 25.10 -15.76
CA LEU B 248 5.21 25.10 -17.20
C LEU B 248 3.85 25.64 -17.59
N GLY B 249 3.87 26.66 -18.44
CA GLY B 249 2.64 27.26 -18.94
C GLY B 249 1.76 27.99 -17.93
N GLU B 250 2.25 28.20 -16.72
CA GLU B 250 1.43 28.88 -15.72
C GLU B 250 1.07 30.30 -16.13
N ARG B 251 2.05 31.07 -16.61
CA ARG B 251 1.77 32.44 -17.03
C ARG B 251 0.68 32.54 -18.09
N GLU B 252 0.74 31.71 -19.13
CA GLU B 252 -0.27 31.75 -20.18
C GLU B 252 -1.66 31.39 -19.68
N GLU B 253 -1.74 30.48 -18.73
CA GLU B 253 -3.02 30.06 -18.17
C GLU B 253 -3.65 31.16 -17.33
N VAL B 254 -2.83 31.85 -16.55
CA VAL B 254 -3.31 32.93 -15.70
C VAL B 254 -3.75 34.19 -16.49
N GLU B 255 -2.86 34.72 -17.34
CA GLU B 255 -3.22 35.92 -18.09
C GLU B 255 -4.44 35.68 -18.98
N GLY B 256 -4.52 34.51 -19.59
CA GLY B 256 -5.65 34.20 -20.46
C GLY B 256 -6.99 34.13 -19.75
N ALA B 257 -7.01 33.59 -18.54
CA ALA B 257 -8.26 33.49 -17.80
C ALA B 257 -8.64 34.83 -17.18
N LEU B 258 -7.67 35.50 -16.59
CA LEU B 258 -7.94 36.80 -15.98
C LEU B 258 -8.40 37.83 -17.03
N ARG B 259 -7.69 37.92 -18.16
CA ARG B 259 -8.07 38.87 -19.21
C ARG B 259 -9.44 38.52 -19.74
N ALA B 260 -9.67 37.23 -19.99
CA ALA B 260 -10.94 36.77 -20.52
C ALA B 260 -12.10 37.05 -19.56
N LEU B 261 -11.76 37.30 -18.30
CA LEU B 261 -12.77 37.58 -17.30
C LEU B 261 -12.97 39.08 -17.11
N GLY B 262 -12.03 39.88 -17.60
CA GLY B 262 -12.17 41.33 -17.52
C GLY B 262 -11.17 42.04 -16.63
N VAL B 263 -10.15 41.34 -16.19
CA VAL B 263 -9.16 41.97 -15.32
C VAL B 263 -8.19 42.83 -16.12
N ASN B 264 -7.96 44.04 -15.65
CA ASN B 264 -7.03 44.96 -16.29
C ASN B 264 -5.65 44.42 -15.93
N LEU B 265 -5.15 43.50 -16.75
CA LEU B 265 -3.88 42.84 -16.48
C LEU B 265 -2.63 43.30 -17.22
N LEU B 266 -1.54 43.44 -16.47
CA LEU B 266 -0.25 43.84 -17.02
C LEU B 266 0.82 42.86 -16.55
N VAL B 267 1.31 42.03 -17.46
CA VAL B 267 2.36 41.08 -17.09
C VAL B 267 3.74 41.65 -17.43
N VAL B 268 4.65 41.62 -16.45
CA VAL B 268 6.02 42.13 -16.59
C VAL B 268 7.07 41.03 -16.72
N ASP B 269 7.84 41.05 -17.81
CA ASP B 269 8.89 40.07 -18.05
C ASP B 269 10.11 40.42 -17.23
N ALA B 270 10.33 39.69 -16.14
CA ALA B 270 11.47 39.95 -15.27
C ALA B 270 12.34 38.71 -15.16
N LYS B 271 12.07 37.74 -16.02
CA LYS B 271 12.81 36.49 -16.03
C LYS B 271 14.29 36.72 -15.85
N GLU B 272 14.86 37.50 -16.76
CA GLU B 272 16.29 37.83 -16.73
C GLU B 272 16.73 38.42 -15.40
N ARG B 273 16.04 39.47 -14.96
CA ARG B 273 16.36 40.15 -13.71
C ARG B 273 16.56 39.17 -12.56
N PHE B 274 15.53 38.36 -12.30
CA PHE B 274 15.55 37.36 -11.24
C PHE B 274 16.66 36.33 -11.44
N LEU B 275 16.79 35.85 -12.67
CA LEU B 275 17.80 34.86 -13.00
C LEU B 275 19.22 35.38 -12.75
N LYS B 276 19.51 36.58 -13.25
CA LYS B 276 20.83 37.16 -13.06
C LYS B 276 21.07 37.47 -11.58
N ALA B 277 20.04 37.98 -10.91
CA ALA B 277 20.15 38.32 -9.49
C ALA B 277 20.38 37.09 -8.62
N LEU B 278 19.96 35.92 -9.09
CA LEU B 278 20.12 34.68 -8.33
C LEU B 278 21.40 33.90 -8.62
N LYS B 279 22.22 34.40 -9.53
CA LYS B 279 23.45 33.67 -9.86
C LYS B 279 24.39 33.46 -8.68
N GLY B 280 24.90 32.23 -8.56
CA GLY B 280 25.83 31.92 -7.50
C GLY B 280 25.26 31.79 -6.10
N VAL B 281 24.04 32.27 -5.88
CA VAL B 281 23.44 32.19 -4.54
C VAL B 281 22.81 30.83 -4.27
N GLU B 282 23.13 30.26 -3.11
CA GLU B 282 22.62 28.95 -2.72
C GLU B 282 21.78 28.99 -1.44
N ASP B 283 22.11 29.91 -0.54
CA ASP B 283 21.38 30.03 0.72
C ASP B 283 19.89 30.22 0.47
N PRO B 284 19.06 29.32 1.02
CA PRO B 284 17.61 29.44 0.83
C PRO B 284 17.12 30.81 1.29
N GLU B 285 17.74 31.33 2.33
CA GLU B 285 17.40 32.64 2.88
C GLU B 285 17.65 33.72 1.84
N GLU B 286 18.88 33.79 1.33
CA GLU B 286 19.25 34.77 0.34
C GLU B 286 18.34 34.74 -0.87
N LYS B 287 18.01 33.54 -1.34
CA LYS B 287 17.13 33.42 -2.49
C LYS B 287 15.85 34.20 -2.24
N ARG B 288 15.17 33.85 -1.15
CA ARG B 288 13.92 34.52 -0.80
C ARG B 288 14.14 36.03 -0.67
N LYS B 289 15.22 36.44 -0.01
CA LYS B 289 15.51 37.86 0.14
C LYS B 289 15.68 38.47 -1.25
N ILE B 290 16.58 37.87 -2.04
CA ILE B 290 16.83 38.36 -3.39
C ILE B 290 15.52 38.42 -4.18
N ILE B 291 14.78 37.32 -4.21
CA ILE B 291 13.52 37.27 -4.93
C ILE B 291 12.57 38.37 -4.47
N GLY B 292 12.46 38.56 -3.16
CA GLY B 292 11.58 39.59 -2.62
C GLY B 292 12.01 40.98 -3.04
N ARG B 293 13.30 41.25 -2.93
CA ARG B 293 13.85 42.55 -3.30
C ARG B 293 13.51 42.83 -4.76
N GLU B 294 13.80 41.86 -5.62
CA GLU B 294 13.54 42.02 -7.05
C GLU B 294 12.07 42.21 -7.40
N PHE B 295 11.18 41.59 -6.63
CA PHE B 295 9.75 41.70 -6.89
C PHE B 295 9.23 43.08 -6.56
N VAL B 296 9.67 43.61 -5.42
CA VAL B 296 9.26 44.94 -4.98
C VAL B 296 9.75 45.93 -6.05
N ALA B 297 11.03 45.82 -6.39
CA ALA B 297 11.61 46.69 -7.39
C ALA B 297 10.73 46.70 -8.62
N ALA B 298 10.40 45.50 -9.11
CA ALA B 298 9.56 45.36 -10.29
C ALA B 298 8.14 45.88 -10.08
N PHE B 299 7.58 45.64 -8.89
CA PHE B 299 6.23 46.09 -8.61
C PHE B 299 6.21 47.61 -8.43
N SER B 300 7.16 48.10 -7.64
CA SER B 300 7.26 49.53 -7.39
C SER B 300 7.35 50.32 -8.69
N GLN B 301 8.20 49.86 -9.60
CA GLN B 301 8.38 50.54 -10.88
C GLN B 301 7.09 50.70 -11.65
N VAL B 302 6.24 49.68 -11.63
CA VAL B 302 4.97 49.76 -12.35
C VAL B 302 3.99 50.64 -11.57
N ALA B 303 4.22 50.75 -10.27
CA ALA B 303 3.36 51.57 -9.42
C ALA B 303 3.56 53.04 -9.76
N ARG B 304 4.77 53.36 -10.19
CA ARG B 304 5.16 54.71 -10.58
C ARG B 304 4.90 54.92 -12.05
N GLU B 305 5.54 54.12 -12.88
CA GLU B 305 5.38 54.21 -14.32
C GLU B 305 3.91 54.34 -14.73
N ARG B 306 3.01 53.86 -13.88
CA ARG B 306 1.58 53.94 -14.18
C ARG B 306 0.75 54.53 -13.04
N GLY B 307 1.42 55.02 -12.01
CA GLY B 307 0.72 55.61 -10.88
C GLY B 307 -0.14 56.80 -11.24
N PRO B 308 -0.77 57.46 -10.24
CA PRO B 308 -0.67 57.07 -8.84
C PRO B 308 -1.73 56.03 -8.47
N PHE B 309 -1.44 55.26 -7.43
CA PHE B 309 -2.38 54.24 -6.96
C PHE B 309 -2.61 54.48 -5.48
N ARG B 310 -3.77 55.04 -5.16
CA ARG B 310 -4.10 55.32 -3.77
C ARG B 310 -4.15 54.05 -2.94
N PHE B 311 -4.83 53.04 -3.47
CA PHE B 311 -5.03 51.77 -2.79
C PHE B 311 -4.15 50.60 -3.23
N LEU B 312 -3.70 49.81 -2.26
CA LEU B 312 -2.91 48.62 -2.54
C LEU B 312 -3.72 47.44 -2.02
N ALA B 313 -4.40 46.74 -2.93
CA ALA B 313 -5.20 45.59 -2.54
C ALA B 313 -4.34 44.37 -2.23
N GLN B 314 -4.67 43.69 -1.15
CA GLN B 314 -3.94 42.49 -0.75
C GLN B 314 -4.95 41.41 -0.37
N GLY B 315 -4.53 40.16 -0.54
CA GLY B 315 -5.42 39.04 -0.24
C GLY B 315 -5.26 38.47 1.16
N THR B 316 -5.04 39.37 2.14
CA THR B 316 -4.90 38.98 3.53
C THR B 316 -6.11 38.15 3.97
N LEU B 317 -5.83 37.06 4.68
CA LEU B 317 -6.86 36.15 5.15
C LEU B 317 -6.95 36.15 6.67
N TYR B 318 -8.05 35.63 7.20
CA TYR B 318 -8.27 35.58 8.63
C TYR B 318 -7.11 34.94 9.40
N PRO B 319 -6.59 33.78 8.93
CA PRO B 319 -5.47 33.15 9.63
C PRO B 319 -4.30 34.12 9.73
N ASP B 320 -4.16 34.97 8.73
CA ASP B 320 -3.10 35.97 8.73
C ASP B 320 -3.39 36.90 9.89
N VAL B 321 -4.62 37.41 9.93
CA VAL B 321 -5.06 38.30 11.00
C VAL B 321 -4.83 37.63 12.35
N ILE B 322 -5.15 36.35 12.43
CA ILE B 322 -4.95 35.60 13.67
C ILE B 322 -3.45 35.47 13.98
N GLU B 347 2.77 55.34 1.69
CA GLU B 347 2.46 55.82 0.31
C GLU B 347 1.36 54.97 -0.32
N PHE B 348 0.69 54.17 0.50
CA PHE B 348 -0.39 53.30 0.03
C PHE B 348 -1.45 53.05 1.09
N GLU B 349 -2.70 52.91 0.64
CA GLU B 349 -3.82 52.61 1.53
C GLU B 349 -4.20 51.16 1.25
N LEU B 350 -4.06 50.30 2.25
CA LEU B 350 -4.37 48.88 2.11
C LEU B 350 -5.85 48.54 2.00
N LEU B 351 -6.18 47.70 1.02
CA LEU B 351 -7.55 47.25 0.80
C LEU B 351 -7.55 45.71 0.83
N GLU B 352 -7.93 45.14 1.98
CA GLU B 352 -7.94 43.70 2.17
C GLU B 352 -9.34 43.17 2.43
N PRO B 353 -10.12 42.89 1.38
CA PRO B 353 -11.48 42.39 1.50
C PRO B 353 -11.68 40.96 1.99
N PHE B 354 -10.60 40.20 2.21
CA PHE B 354 -10.72 38.82 2.67
C PHE B 354 -10.21 38.52 4.08
N ARG B 355 -9.76 39.55 4.80
CA ARG B 355 -9.19 39.33 6.13
C ARG B 355 -10.02 38.52 7.13
N LEU B 356 -11.30 38.30 6.84
CA LEU B 356 -12.15 37.53 7.73
C LEU B 356 -12.51 36.17 7.14
N LEU B 357 -11.83 35.78 6.07
CA LEU B 357 -12.13 34.49 5.43
C LEU B 357 -10.96 33.54 5.43
N PHE B 358 -11.27 32.27 5.22
CA PHE B 358 -10.25 31.23 5.13
C PHE B 358 -10.06 30.98 3.63
N LYS B 359 -8.91 30.44 3.25
CA LYS B 359 -8.61 30.18 1.84
C LYS B 359 -9.74 29.44 1.14
N ASP B 360 -10.22 28.37 1.77
CA ASP B 360 -11.29 27.59 1.17
C ASP B 360 -12.53 28.43 0.89
N GLU B 361 -12.78 29.45 1.71
CA GLU B 361 -13.95 30.31 1.50
C GLU B 361 -13.71 31.25 0.33
N VAL B 362 -12.44 31.56 0.07
CA VAL B 362 -12.12 32.41 -1.05
C VAL B 362 -12.29 31.59 -2.34
N ARG B 363 -11.99 30.28 -2.27
CA ARG B 363 -12.13 29.40 -3.43
C ARG B 363 -13.61 29.33 -3.76
N GLU B 364 -14.43 29.40 -2.73
CA GLU B 364 -15.88 29.33 -2.88
C GLU B 364 -16.41 30.59 -3.54
N LEU B 365 -15.80 31.73 -3.25
CA LEU B 365 -16.23 32.96 -3.85
C LEU B 365 -15.78 32.98 -5.30
N ALA B 366 -14.56 32.50 -5.53
CA ALA B 366 -14.00 32.46 -6.87
C ALA B 366 -14.94 31.71 -7.81
N LEU B 367 -15.72 30.80 -7.25
CA LEU B 367 -16.67 30.02 -8.03
C LEU B 367 -17.81 30.95 -8.46
N LEU B 368 -18.35 31.70 -7.50
CA LEU B 368 -19.42 32.63 -7.80
C LEU B 368 -18.95 33.72 -8.76
N LEU B 369 -17.67 34.07 -8.68
CA LEU B 369 -17.11 35.09 -9.56
C LEU B 369 -16.73 34.49 -10.93
N GLY B 370 -17.19 33.27 -11.17
CA GLY B 370 -16.93 32.60 -12.44
C GLY B 370 -15.52 32.14 -12.83
N LEU B 371 -14.64 31.93 -11.85
CA LEU B 371 -13.29 31.45 -12.15
C LEU B 371 -13.34 29.96 -12.49
N PRO B 372 -12.70 29.54 -13.61
CA PRO B 372 -12.67 28.14 -14.07
C PRO B 372 -11.89 27.20 -13.14
N ASP B 373 -12.37 25.98 -12.98
CA ASP B 373 -11.72 24.99 -12.10
C ASP B 373 -10.23 24.83 -12.35
N THR B 374 -9.79 25.08 -13.59
CA THR B 374 -8.37 24.94 -13.92
C THR B 374 -7.45 25.77 -13.00
N LEU B 375 -7.90 26.96 -12.60
CA LEU B 375 -7.09 27.81 -11.74
C LEU B 375 -7.67 27.92 -10.35
N ARG B 376 -8.95 27.56 -10.23
CA ARG B 376 -9.65 27.64 -8.97
C ARG B 376 -9.33 26.52 -7.97
N LEU B 377 -8.94 25.36 -8.48
CA LEU B 377 -8.64 24.20 -7.63
C LEU B 377 -7.17 23.80 -7.66
N ARG B 378 -6.28 24.76 -7.85
CA ARG B 378 -4.86 24.44 -7.90
C ARG B 378 -4.23 24.48 -6.51
N HIS B 379 -3.23 23.66 -6.28
CA HIS B 379 -2.57 23.66 -4.99
C HIS B 379 -1.74 24.95 -4.87
N PRO B 380 -1.45 25.37 -3.64
CA PRO B 380 -0.66 26.59 -3.50
C PRO B 380 0.74 26.44 -4.09
N PHE B 381 1.31 27.56 -4.49
CA PHE B 381 2.63 27.61 -5.09
C PHE B 381 3.31 28.82 -4.45
N PRO B 382 4.54 28.65 -3.95
CA PRO B 382 5.30 29.74 -3.29
C PRO B 382 5.73 30.91 -4.18
N GLY B 383 5.84 32.08 -3.56
CA GLY B 383 6.26 33.26 -4.29
C GLY B 383 7.61 33.05 -4.96
N PRO B 384 8.58 32.47 -4.25
CA PRO B 384 9.91 32.21 -4.83
C PRO B 384 9.86 31.13 -5.90
N GLY B 385 8.70 30.50 -6.07
CA GLY B 385 8.56 29.45 -7.07
C GLY B 385 9.59 28.33 -6.99
N LEU B 386 10.02 27.85 -8.16
CA LEU B 386 10.98 26.77 -8.24
C LEU B 386 12.35 27.08 -7.70
N ALA B 387 12.58 28.32 -7.30
CA ALA B 387 13.89 28.70 -6.77
C ALA B 387 14.14 27.98 -5.46
N VAL B 388 13.07 27.78 -4.69
CA VAL B 388 13.19 27.10 -3.41
C VAL B 388 13.05 25.58 -3.57
N ARG B 389 13.04 25.12 -4.82
CA ARG B 389 12.92 23.69 -5.10
C ARG B 389 14.12 23.14 -5.84
N VAL B 390 15.20 23.91 -5.80
CA VAL B 390 16.46 23.51 -6.40
C VAL B 390 17.43 23.51 -5.24
N LEU B 391 17.83 22.33 -4.82
CA LEU B 391 18.78 22.22 -3.71
C LEU B 391 20.13 22.69 -4.24
N GLY B 392 20.36 24.00 -4.18
CA GLY B 392 21.60 24.56 -4.67
C GLY B 392 21.29 25.83 -5.43
N GLU B 393 22.25 26.35 -6.21
CA GLU B 393 21.96 27.58 -6.92
C GLU B 393 21.06 27.33 -8.11
N VAL B 394 20.19 28.28 -8.37
CA VAL B 394 19.26 28.17 -9.49
C VAL B 394 19.99 28.52 -10.76
N THR B 395 19.65 27.83 -11.85
CA THR B 395 20.23 28.07 -13.15
C THR B 395 19.13 27.78 -14.16
N GLU B 396 19.30 28.27 -15.38
CA GLU B 396 18.29 28.03 -16.39
C GLU B 396 18.16 26.56 -16.70
N GLU B 397 19.29 25.87 -16.80
CA GLU B 397 19.29 24.45 -17.11
C GLU B 397 18.60 23.63 -16.02
N ARG B 398 18.99 23.85 -14.76
CA ARG B 398 18.38 23.13 -13.65
C ARG B 398 16.88 23.40 -13.61
N LEU B 399 16.49 24.62 -13.95
CA LEU B 399 15.10 25.04 -13.96
C LEU B 399 14.33 24.27 -15.02
N GLU B 400 14.95 24.07 -16.18
CA GLU B 400 14.30 23.34 -17.25
C GLU B 400 14.13 21.87 -16.90
N ILE B 401 15.09 21.30 -16.20
CA ILE B 401 15.03 19.91 -15.77
C ILE B 401 13.87 19.77 -14.79
N LEU B 402 13.84 20.65 -13.81
CA LEU B 402 12.81 20.63 -12.79
C LEU B 402 11.41 20.85 -13.36
N ARG B 403 11.28 21.86 -14.21
CA ARG B 403 10.00 22.19 -14.82
C ARG B 403 9.36 21.00 -15.53
N ARG B 404 10.18 20.21 -16.23
CA ARG B 404 9.66 19.05 -16.95
C ARG B 404 9.31 17.89 -16.01
N ALA B 405 10.09 17.74 -14.93
CA ALA B 405 9.81 16.68 -13.98
C ALA B 405 8.53 17.05 -13.23
N ASP B 406 8.45 18.30 -12.77
CA ASP B 406 7.31 18.83 -12.03
C ASP B 406 6.01 18.69 -12.81
N ASP B 407 6.12 18.92 -14.11
CA ASP B 407 4.99 18.84 -15.05
C ASP B 407 4.47 17.41 -15.12
N ILE B 408 5.38 16.45 -15.26
CA ILE B 408 5.02 15.04 -15.34
C ILE B 408 4.32 14.56 -14.06
N PHE B 409 4.85 14.96 -12.91
CA PHE B 409 4.28 14.57 -11.62
C PHE B 409 2.84 15.08 -11.49
N THR B 410 2.65 16.36 -11.80
CA THR B 410 1.35 17.01 -11.76
C THR B 410 0.35 16.29 -12.69
N SER B 411 0.78 16.07 -13.92
CA SER B 411 -0.09 15.42 -14.89
C SER B 411 -0.51 14.01 -14.46
N LEU B 412 0.45 13.22 -14.01
CA LEU B 412 0.10 11.88 -13.55
C LEU B 412 -0.87 11.99 -12.37
N LEU B 413 -0.61 12.92 -11.44
CA LEU B 413 -1.51 13.05 -10.29
C LEU B 413 -2.93 13.36 -10.77
N ARG B 414 -3.06 14.27 -11.73
CA ARG B 414 -4.37 14.63 -12.27
C ARG B 414 -5.01 13.44 -12.99
N GLU B 415 -4.23 12.78 -13.84
CA GLU B 415 -4.78 11.64 -14.56
C GLU B 415 -5.29 10.54 -13.64
N TRP B 416 -4.57 10.28 -12.56
CA TRP B 416 -4.99 9.24 -11.62
C TRP B 416 -6.03 9.69 -10.62
N GLY B 417 -6.43 10.96 -10.67
CA GLY B 417 -7.44 11.45 -9.74
C GLY B 417 -6.93 11.56 -8.32
N LEU B 418 -5.63 11.79 -8.18
CA LEU B 418 -4.99 11.93 -6.88
C LEU B 418 -4.67 13.40 -6.56
N TYR B 419 -4.52 14.21 -7.61
CA TYR B 419 -4.19 15.61 -7.42
C TYR B 419 -5.15 16.26 -6.42
N GLU B 420 -6.44 15.99 -6.58
CA GLU B 420 -7.46 16.54 -5.70
C GLU B 420 -7.48 15.88 -4.32
N LYS B 421 -6.78 14.76 -4.17
CA LYS B 421 -6.76 14.07 -2.89
C LYS B 421 -5.58 14.47 -2.01
N VAL B 422 -4.80 15.46 -2.45
CA VAL B 422 -3.68 15.92 -1.63
C VAL B 422 -3.77 17.43 -1.57
N ALA B 423 -3.20 18.01 -0.52
CA ALA B 423 -3.24 19.47 -0.34
C ALA B 423 -2.15 20.15 -1.15
N GLN B 424 -1.05 19.45 -1.38
CA GLN B 424 0.03 20.04 -2.15
C GLN B 424 1.00 18.97 -2.62
N ALA B 425 1.54 19.16 -3.81
CA ALA B 425 2.52 18.26 -4.40
C ALA B 425 3.63 19.11 -5.00
N LEU B 426 4.86 18.65 -4.87
CA LEU B 426 5.99 19.38 -5.42
C LEU B 426 7.15 18.43 -5.65
N ALA B 427 8.11 18.87 -6.45
CA ALA B 427 9.28 18.09 -6.77
C ALA B 427 10.51 18.94 -6.49
N VAL B 428 11.53 18.33 -5.89
CA VAL B 428 12.76 19.01 -5.54
C VAL B 428 13.92 18.42 -6.35
N LEU B 429 14.74 19.29 -6.93
CA LEU B 429 15.87 18.86 -7.74
C LEU B 429 17.16 18.91 -6.92
N THR B 430 17.73 17.74 -6.64
CA THR B 430 18.97 17.67 -5.88
C THR B 430 20.17 17.36 -6.78
N PRO B 431 21.03 18.36 -7.03
CA PRO B 431 22.21 18.19 -7.87
C PRO B 431 23.23 17.29 -7.16
N VAL B 432 23.62 16.21 -7.82
CA VAL B 432 24.58 15.28 -7.23
C VAL B 432 25.79 15.13 -8.14
N GLY B 445 24.07 14.96 -13.30
CA GLY B 445 23.71 14.10 -12.18
C GLY B 445 22.65 14.72 -11.29
N TYR B 446 21.45 14.16 -11.30
CA TYR B 446 20.36 14.70 -10.48
C TYR B 446 19.45 13.65 -9.85
N VAL B 447 19.16 13.84 -8.58
CA VAL B 447 18.23 12.98 -7.85
C VAL B 447 17.01 13.85 -7.65
N LEU B 448 15.84 13.35 -8.02
CA LEU B 448 14.61 14.13 -7.87
C LEU B 448 13.75 13.59 -6.73
N ALA B 449 13.29 14.48 -5.86
CA ALA B 449 12.46 14.08 -4.73
C ALA B 449 11.00 14.49 -4.92
N LEU B 450 10.11 13.49 -4.94
CA LEU B 450 8.67 13.77 -5.07
C LEU B 450 8.19 14.05 -3.67
N ARG B 451 7.25 14.99 -3.55
CA ARG B 451 6.77 15.39 -2.24
C ARG B 451 5.31 15.82 -2.26
N ALA B 452 4.48 15.12 -1.51
CA ALA B 452 3.05 15.45 -1.41
C ALA B 452 2.58 15.31 0.02
N VAL B 453 1.66 16.18 0.43
CA VAL B 453 1.15 16.12 1.80
C VAL B 453 -0.33 16.39 1.87
N THR B 454 -0.91 16.09 3.03
CA THR B 454 -2.32 16.32 3.32
C THR B 454 -2.28 17.23 4.53
N THR B 455 -3.02 18.34 4.48
CA THR B 455 -3.02 19.27 5.59
C THR B 455 -4.35 20.00 5.68
N GLU B 456 -4.62 20.54 6.84
CA GLU B 456 -5.84 21.32 7.08
C GLU B 456 -5.53 22.80 6.97
N ASP B 457 -4.38 23.25 7.41
CA ASP B 457 -3.92 24.57 7.85
C ASP B 457 -2.49 24.89 7.43
N PHE B 458 -1.70 24.14 6.71
CA PHE B 458 -0.28 24.05 6.39
C PHE B 458 0.65 24.27 7.60
N MSE B 459 0.04 24.06 8.77
CA MSE B 459 0.85 24.49 9.91
C MSE B 459 1.24 23.22 10.65
O MSE B 459 2.34 23.09 11.18
CB MSE B 459 0.03 25.40 10.84
CG MSE B 459 -0.04 26.83 10.38
SE MSE B 459 1.13 27.88 11.22
CE MSE B 459 0.21 28.21 12.72
N THR B 460 0.52 22.16 10.24
CA THR B 460 0.80 20.75 10.52
C THR B 460 0.57 20.08 9.18
N ALA B 461 1.18 18.91 8.96
CA ALA B 461 0.98 18.21 7.68
C ALA B 461 1.54 16.80 7.71
N ASP B 462 0.84 15.89 7.05
CA ASP B 462 1.25 14.51 6.97
C ASP B 462 1.70 14.22 5.55
N TRP B 463 2.75 13.40 5.40
CA TRP B 463 3.21 13.05 4.08
C TRP B 463 2.09 12.21 3.49
N ALA B 464 1.73 12.49 2.25
CA ALA B 464 0.64 11.79 1.61
C ALA B 464 0.99 10.33 1.28
N ARG B 465 0.12 9.41 1.70
CA ARG B 465 0.32 7.99 1.45
C ARG B 465 -0.14 7.62 0.02
N LEU B 466 0.56 8.14 -0.98
CA LEU B 466 0.20 7.84 -2.36
C LEU B 466 0.35 6.34 -2.64
N PRO B 467 -0.47 5.78 -3.55
CA PRO B 467 -0.40 4.36 -3.88
C PRO B 467 1.01 3.99 -4.36
N LEU B 468 1.49 2.81 -3.95
CA LEU B 468 2.81 2.35 -4.35
C LEU B 468 2.93 2.19 -5.86
N GLU B 469 1.87 1.71 -6.48
CA GLU B 469 1.88 1.49 -7.92
C GLU B 469 2.00 2.85 -8.62
N PHE B 470 1.39 3.86 -8.03
CA PHE B 470 1.43 5.20 -8.61
C PHE B 470 2.83 5.82 -8.60
N LEU B 471 3.52 5.67 -7.46
CA LEU B 471 4.86 6.22 -7.33
C LEU B 471 5.82 5.55 -8.29
N ASP B 472 5.57 4.27 -8.57
CA ASP B 472 6.38 3.51 -9.50
C ASP B 472 6.20 4.12 -10.90
N GLU B 473 4.95 4.35 -11.28
CA GLU B 473 4.65 4.92 -12.58
C GLU B 473 5.33 6.30 -12.68
N ALA B 474 5.22 7.09 -11.61
CA ALA B 474 5.82 8.41 -11.60
C ALA B 474 7.34 8.37 -11.74
N ALA B 475 7.98 7.46 -11.00
CA ALA B 475 9.44 7.34 -11.05
C ALA B 475 9.94 6.89 -12.43
N ARG B 476 9.24 5.95 -13.04
CA ARG B 476 9.65 5.47 -14.35
C ARG B 476 9.43 6.52 -15.45
N ARG B 477 8.27 7.17 -15.45
CA ARG B 477 7.98 8.19 -16.44
C ARG B 477 9.03 9.31 -16.39
N ILE B 478 9.39 9.71 -15.17
CA ILE B 478 10.38 10.77 -14.97
C ILE B 478 11.77 10.39 -15.48
N THR B 479 12.33 9.27 -15.04
CA THR B 479 13.66 8.90 -15.51
C THR B 479 13.70 8.62 -17.03
N ARG B 480 12.58 8.16 -17.58
CA ARG B 480 12.50 7.87 -19.01
C ARG B 480 12.43 9.12 -19.87
N ARG B 481 11.55 10.05 -19.49
CA ARG B 481 11.34 11.29 -20.21
C ARG B 481 12.31 12.41 -19.81
N VAL B 482 12.94 12.29 -18.65
CA VAL B 482 13.89 13.31 -18.22
C VAL B 482 15.23 12.65 -17.85
N PRO B 483 15.95 12.15 -18.87
CA PRO B 483 17.24 11.47 -18.80
C PRO B 483 18.31 11.99 -17.85
N GLU B 484 18.29 13.28 -17.55
CA GLU B 484 19.28 13.83 -16.62
C GLU B 484 18.94 13.48 -15.18
N ILE B 485 17.74 12.98 -14.96
CA ILE B 485 17.30 12.56 -13.63
C ILE B 485 17.60 11.07 -13.56
N GLY B 486 18.60 10.69 -12.78
CA GLY B 486 18.96 9.29 -12.68
C GLY B 486 18.28 8.53 -11.55
N ARG B 487 17.70 9.26 -10.60
CA ARG B 487 17.05 8.64 -9.46
C ARG B 487 15.88 9.48 -8.93
N VAL B 488 14.77 8.81 -8.65
CA VAL B 488 13.59 9.45 -8.12
C VAL B 488 13.33 8.93 -6.70
N VAL B 489 13.06 9.86 -5.80
CA VAL B 489 12.85 9.58 -4.40
C VAL B 489 11.49 10.13 -3.90
N TYR B 490 10.95 9.55 -2.81
CA TYR B 490 9.70 10.05 -2.25
C TYR B 490 9.88 10.44 -0.78
N ASP B 491 9.47 11.65 -0.44
CA ASP B 491 9.63 12.20 0.91
C ASP B 491 8.64 11.56 1.91
N LEU B 492 9.17 10.96 2.98
CA LEU B 492 8.35 10.31 3.99
C LEU B 492 8.23 11.15 5.26
N THR B 493 8.60 12.42 5.19
CA THR B 493 8.60 13.25 6.40
C THR B 493 7.43 14.20 6.61
N SER B 494 6.85 14.14 7.81
CA SER B 494 5.72 14.99 8.11
C SER B 494 6.16 16.33 8.70
N LYS B 495 5.18 17.20 8.90
CA LYS B 495 5.40 18.51 9.49
C LYS B 495 4.50 18.59 10.72
N PRO B 496 5.09 18.56 11.92
CA PRO B 496 6.53 18.46 12.20
C PRO B 496 7.00 17.03 11.96
N PRO B 497 8.33 16.80 11.97
CA PRO B 497 9.46 17.71 12.19
C PRO B 497 9.97 18.53 11.00
N ALA B 498 9.54 18.24 9.78
CA ALA B 498 10.02 18.98 8.62
C ALA B 498 9.01 19.91 7.94
N THR B 499 9.53 20.89 7.21
CA THR B 499 8.70 21.84 6.48
C THR B 499 8.17 21.16 5.23
N ILE B 500 7.10 21.68 4.65
CA ILE B 500 6.55 21.09 3.43
C ILE B 500 7.61 21.23 2.31
N GLU B 501 8.13 22.45 2.14
CA GLU B 501 9.18 22.73 1.12
C GLU B 501 10.51 22.26 1.72
N TRP B 502 11.49 21.96 0.87
CA TRP B 502 12.80 21.52 1.35
C TRP B 502 13.72 22.67 1.76
N GLU B 503 13.27 23.90 1.53
CA GLU B 503 14.05 25.06 1.91
C GLU B 503 13.22 26.33 1.80
N MSE C 1 23.41 -30.30 23.70
CA MSE C 1 21.97 -29.94 23.69
C MSE C 1 21.67 -28.81 24.66
O MSE C 1 22.40 -28.60 25.63
CB MSE C 1 21.12 -31.17 24.05
CG MSE C 1 19.70 -30.82 24.41
SE MSE C 1 19.53 -30.20 26.08
CE MSE C 1 17.97 -30.94 26.57
N VAL C 2 20.59 -28.08 24.40
CA VAL C 2 20.20 -26.98 25.28
C VAL C 2 18.77 -27.22 25.75
N LEU C 3 18.58 -27.13 27.06
CA LEU C 3 17.28 -27.38 27.64
C LEU C 3 16.52 -26.12 28.02
N VAL C 4 15.23 -26.08 27.67
CA VAL C 4 14.38 -24.96 28.00
C VAL C 4 13.36 -25.40 29.06
N LEU C 5 13.48 -24.85 30.26
CA LEU C 5 12.56 -25.19 31.35
C LEU C 5 11.33 -24.30 31.27
N ASP C 6 10.22 -24.91 30.89
CA ASP C 6 8.93 -24.24 30.71
C ASP C 6 8.24 -23.85 32.02
N PHE C 7 7.97 -22.55 32.17
CA PHE C 7 7.29 -22.02 33.33
C PHE C 7 5.97 -21.36 32.93
N GLY C 8 5.43 -21.83 31.80
CA GLY C 8 4.15 -21.32 31.32
C GLY C 8 4.16 -20.28 30.21
N SER C 9 5.30 -19.64 29.96
CA SER C 9 5.35 -18.63 28.91
C SER C 9 4.78 -19.11 27.58
N GLN C 10 4.00 -18.26 26.93
CA GLN C 10 3.42 -18.60 25.65
C GLN C 10 4.51 -18.67 24.58
N TYR C 11 5.71 -18.19 24.90
CA TYR C 11 6.82 -18.18 23.95
C TYR C 11 7.82 -19.31 24.18
N THR C 12 7.48 -20.24 25.06
CA THR C 12 8.37 -21.36 25.34
C THR C 12 8.79 -22.09 24.07
N ARG C 13 7.86 -22.30 23.15
CA ARG C 13 8.20 -22.99 21.91
C ARG C 13 9.10 -22.11 21.06
N LEU C 14 8.87 -20.80 21.12
CA LEU C 14 9.67 -19.85 20.38
C LEU C 14 11.14 -19.93 20.82
N ILE C 15 11.37 -20.05 22.12
CA ILE C 15 12.73 -20.15 22.64
C ILE C 15 13.40 -21.38 22.03
N ALA C 16 12.70 -22.50 22.04
CA ALA C 16 13.24 -23.74 21.48
C ALA C 16 13.56 -23.59 19.97
N ARG C 17 12.70 -22.91 19.21
CA ARG C 17 12.93 -22.72 17.79
C ARG C 17 14.16 -21.86 17.53
N ARG C 18 14.26 -20.74 18.24
CA ARG C 18 15.41 -19.85 18.10
C ARG C 18 16.74 -20.58 18.29
N LEU C 19 16.78 -21.49 19.26
CA LEU C 19 18.01 -22.24 19.52
C LEU C 19 18.34 -23.12 18.32
N ARG C 20 17.32 -23.73 17.70
CA ARG C 20 17.56 -24.56 16.53
C ARG C 20 18.13 -23.67 15.42
N GLU C 21 17.55 -22.48 15.26
CA GLU C 21 18.00 -21.56 14.22
C GLU C 21 19.46 -21.17 14.42
N LEU C 22 19.96 -21.39 15.64
CA LEU C 22 21.35 -21.09 15.94
C LEU C 22 22.18 -22.38 15.93
N ARG C 23 21.71 -23.37 15.20
CA ARG C 23 22.30 -24.70 15.11
C ARG C 23 22.64 -25.39 16.45
N ALA C 24 21.77 -25.24 17.43
CA ALA C 24 21.90 -25.96 18.70
C ALA C 24 20.59 -26.70 18.95
N PHE C 25 20.68 -28.00 19.21
CA PHE C 25 19.49 -28.79 19.48
C PHE C 25 18.84 -28.27 20.76
N SER C 26 17.52 -28.35 20.83
CA SER C 26 16.79 -27.86 22.00
C SER C 26 15.60 -28.75 22.40
N LEU C 27 15.33 -28.81 23.70
CA LEU C 27 14.21 -29.60 24.19
C LEU C 27 13.51 -28.87 25.33
N ILE C 28 12.18 -28.91 25.31
CA ILE C 28 11.38 -28.27 26.33
C ILE C 28 11.09 -29.25 27.46
N LEU C 29 11.13 -28.77 28.69
CA LEU C 29 10.85 -29.60 29.86
C LEU C 29 10.06 -28.80 30.87
N PRO C 30 9.09 -29.43 31.53
CA PRO C 30 8.29 -28.69 32.54
C PRO C 30 9.27 -28.06 33.52
N GLY C 31 9.05 -26.77 33.80
CA GLY C 31 9.94 -26.06 34.71
C GLY C 31 10.21 -26.74 36.03
N ASP C 32 9.16 -27.22 36.69
CA ASP C 32 9.30 -27.90 37.96
C ASP C 32 9.62 -29.37 37.73
N ALA C 33 10.77 -29.64 37.11
CA ALA C 33 11.15 -31.02 36.84
C ALA C 33 12.29 -31.50 37.72
N PRO C 34 12.27 -32.80 38.06
CA PRO C 34 13.30 -33.41 38.90
C PRO C 34 14.68 -33.22 38.27
N LEU C 35 15.68 -32.89 39.09
CA LEU C 35 17.03 -32.67 38.58
C LEU C 35 17.59 -33.86 37.81
N GLU C 36 17.02 -35.03 38.05
CA GLU C 36 17.45 -36.24 37.37
C GLU C 36 16.83 -36.28 35.99
N GLU C 37 15.59 -35.79 35.91
CA GLU C 37 14.84 -35.76 34.66
C GLU C 37 15.45 -34.79 33.65
N VAL C 38 16.19 -33.80 34.14
CA VAL C 38 16.79 -32.81 33.27
C VAL C 38 18.24 -33.15 32.94
N LEU C 39 18.95 -33.71 33.90
CA LEU C 39 20.35 -34.03 33.69
C LEU C 39 20.59 -35.27 32.85
N LYS C 40 19.58 -36.12 32.72
CA LYS C 40 19.74 -37.34 31.93
C LYS C 40 19.91 -37.05 30.45
N HIS C 41 19.63 -35.80 30.07
CA HIS C 41 19.75 -35.36 28.68
C HIS C 41 21.12 -34.72 28.45
N ARG C 42 21.89 -34.60 29.52
CA ARG C 42 23.22 -33.99 29.46
C ARG C 42 23.23 -32.62 28.78
N PRO C 43 22.34 -31.71 29.21
CA PRO C 43 22.28 -30.37 28.62
C PRO C 43 23.59 -29.60 28.75
N GLN C 44 23.92 -28.82 27.72
CA GLN C 44 25.15 -28.03 27.74
C GLN C 44 24.82 -26.66 28.35
N ALA C 45 23.53 -26.36 28.43
CA ALA C 45 23.07 -25.09 29.01
C ALA C 45 21.58 -25.15 29.31
N LEU C 46 21.12 -24.30 30.22
CA LEU C 46 19.72 -24.29 30.59
C LEU C 46 19.09 -22.92 30.35
N ILE C 47 17.83 -22.91 29.93
CA ILE C 47 17.12 -21.67 29.72
C ILE C 47 15.78 -21.71 30.46
N LEU C 48 15.58 -20.73 31.32
CA LEU C 48 14.35 -20.64 32.10
C LEU C 48 13.38 -19.71 31.40
N SER C 49 12.27 -20.27 30.90
CA SER C 49 11.28 -19.47 30.19
C SER C 49 10.56 -18.50 31.12
N GLY C 50 9.76 -17.63 30.50
CA GLY C 50 8.98 -16.68 31.27
C GLY C 50 7.73 -17.42 31.71
N GLY C 51 6.77 -16.70 32.28
CA GLY C 51 5.55 -17.34 32.72
C GLY C 51 4.49 -16.35 33.20
N PRO C 52 3.22 -16.72 33.10
CA PRO C 52 2.10 -15.86 33.52
C PRO C 52 2.01 -15.63 35.03
N ARG C 53 2.71 -16.45 35.81
CA ARG C 53 2.67 -16.29 37.25
C ARG C 53 3.73 -15.37 37.80
N SER C 54 3.54 -14.96 39.06
CA SER C 54 4.45 -14.09 39.77
C SER C 54 5.28 -14.99 40.66
N VAL C 55 6.50 -14.56 40.97
CA VAL C 55 7.36 -15.36 41.83
C VAL C 55 6.87 -15.37 43.28
N PHE C 56 5.98 -14.43 43.60
CA PHE C 56 5.42 -14.32 44.95
C PHE C 56 4.19 -15.19 45.12
N ASP C 57 3.90 -16.01 44.11
CA ASP C 57 2.76 -16.89 44.17
C ASP C 57 3.18 -18.24 44.77
N PRO C 58 2.64 -18.60 45.94
CA PRO C 58 2.95 -19.85 46.64
C PRO C 58 2.70 -21.10 45.80
N ASP C 59 2.00 -20.93 44.69
CA ASP C 59 1.69 -22.05 43.80
C ASP C 59 2.43 -21.87 42.48
N ALA C 60 3.26 -20.83 42.39
CA ALA C 60 4.04 -20.56 41.19
C ALA C 60 5.05 -21.68 40.99
N PRO C 61 5.14 -22.20 39.75
CA PRO C 61 6.10 -23.29 39.48
C PRO C 61 7.51 -22.91 39.87
N ARG C 62 8.19 -23.84 40.55
CA ARG C 62 9.54 -23.62 41.01
C ARG C 62 10.43 -24.71 40.42
N PRO C 63 11.74 -24.41 40.26
CA PRO C 63 12.69 -25.38 39.71
C PRO C 63 13.31 -26.19 40.86
N ASP C 64 13.74 -27.42 40.57
CA ASP C 64 14.37 -28.25 41.59
C ASP C 64 15.42 -27.43 42.34
N PRO C 65 15.42 -27.52 43.68
CA PRO C 65 16.38 -26.81 44.53
C PRO C 65 17.82 -26.92 44.06
N ARG C 66 18.20 -28.11 43.64
CA ARG C 66 19.57 -28.37 43.19
C ARG C 66 19.92 -27.87 41.79
N LEU C 67 18.94 -27.28 41.10
CA LEU C 67 19.15 -26.77 39.75
C LEU C 67 20.15 -25.64 39.65
N PHE C 68 19.90 -24.56 40.40
CA PHE C 68 20.79 -23.40 40.35
C PHE C 68 22.19 -23.65 40.86
N SER C 69 22.53 -24.92 41.07
CA SER C 69 23.86 -25.29 41.55
C SER C 69 24.48 -26.47 40.79
N SER C 70 23.91 -26.80 39.63
CA SER C 70 24.43 -27.91 38.83
C SER C 70 25.70 -27.50 38.09
N GLY C 71 25.96 -26.19 38.07
CA GLY C 71 27.15 -25.70 37.39
C GLY C 71 26.91 -25.38 35.91
N LEU C 72 25.75 -25.82 35.40
CA LEU C 72 25.38 -25.61 34.00
C LEU C 72 25.09 -24.15 33.64
N PRO C 73 25.59 -23.68 32.47
CA PRO C 73 25.38 -22.30 32.00
C PRO C 73 23.88 -22.01 32.09
N LEU C 74 23.51 -20.79 32.45
CA LEU C 74 22.09 -20.55 32.61
C LEU C 74 21.60 -19.17 32.22
N LEU C 75 20.47 -19.14 31.52
CA LEU C 75 19.86 -17.89 31.11
C LEU C 75 18.43 -17.83 31.63
N GLY C 76 18.14 -16.82 32.44
CA GLY C 76 16.81 -16.67 32.99
C GLY C 76 16.05 -15.57 32.27
N ILE C 77 14.89 -15.92 31.72
CA ILE C 77 14.06 -14.97 30.99
C ILE C 77 12.88 -14.49 31.84
N CYS C 78 12.85 -13.20 32.15
CA CYS C 78 11.77 -12.62 32.96
C CYS C 78 11.51 -13.40 34.24
N TYR C 79 10.41 -14.15 34.28
CA TYR C 79 10.10 -14.96 35.46
C TYR C 79 11.37 -15.72 35.83
N GLY C 80 12.01 -16.28 34.80
CA GLY C 80 13.23 -17.03 35.01
C GLY C 80 14.33 -16.23 35.68
N MSE C 81 14.39 -14.94 35.39
CA MSE C 81 15.40 -14.07 35.97
C MSE C 81 15.06 -13.76 37.43
O MSE C 81 15.94 -13.66 38.28
CB MSE C 81 15.49 -12.75 35.18
CG MSE C 81 16.47 -11.68 35.77
SE MSE C 81 16.31 -10.10 34.92
CE MSE C 81 17.79 -9.24 35.43
N GLN C 82 13.77 -13.61 37.73
CA GLN C 82 13.36 -13.31 39.07
C GLN C 82 13.50 -14.53 39.95
N LEU C 83 13.45 -15.71 39.33
CA LEU C 83 13.65 -16.94 40.08
C LEU C 83 15.08 -16.94 40.60
N LEU C 84 16.00 -16.46 39.76
CA LEU C 84 17.42 -16.39 40.11
C LEU C 84 17.65 -15.43 41.26
N ALA C 85 17.15 -14.21 41.09
CA ALA C 85 17.32 -13.17 42.09
C ALA C 85 16.73 -13.65 43.42
N GLN C 86 15.48 -14.11 43.35
CA GLN C 86 14.75 -14.58 44.51
C GLN C 86 15.36 -15.76 45.25
N GLU C 87 15.93 -16.71 44.51
CA GLU C 87 16.51 -17.90 45.13
C GLU C 87 18.01 -17.87 45.41
N LEU C 88 18.68 -16.81 44.98
CA LEU C 88 20.13 -16.76 45.21
C LEU C 88 20.63 -15.58 46.02
N GLY C 89 19.71 -14.82 46.61
CA GLY C 89 20.14 -13.70 47.42
C GLY C 89 19.76 -12.34 46.93
N GLY C 90 19.16 -12.26 45.75
CA GLY C 90 18.75 -10.96 45.24
C GLY C 90 17.39 -10.56 45.79
N ARG C 91 16.94 -9.35 45.46
CA ARG C 91 15.65 -8.87 45.93
C ARG C 91 14.67 -8.75 44.76
N VAL C 92 13.43 -9.13 45.00
CA VAL C 92 12.38 -9.05 43.99
C VAL C 92 11.16 -8.36 44.62
N GLU C 93 10.57 -7.42 43.90
CA GLU C 93 9.41 -6.69 44.39
C GLU C 93 8.14 -7.01 43.62
N ARG C 94 7.00 -6.83 44.29
CA ARG C 94 5.70 -7.10 43.68
C ARG C 94 5.24 -5.80 43.02
N ALA C 95 5.58 -5.63 41.75
CA ALA C 95 5.20 -4.41 41.03
C ALA C 95 4.56 -4.68 39.66
N GLY C 96 4.10 -3.62 39.02
CA GLY C 96 3.47 -3.72 37.72
C GLY C 96 2.40 -4.79 37.63
N ARG C 97 2.05 -5.16 36.40
CA ARG C 97 1.03 -6.17 36.16
C ARG C 97 1.55 -7.21 35.18
N ALA C 98 0.68 -8.14 34.77
CA ALA C 98 1.06 -9.17 33.82
C ALA C 98 0.87 -8.65 32.40
N GLU C 99 1.90 -8.00 31.86
CA GLU C 99 1.85 -7.44 30.51
C GLU C 99 3.25 -7.21 29.92
N TYR C 100 3.29 -6.87 28.63
CA TYR C 100 4.55 -6.63 27.94
C TYR C 100 4.62 -5.20 27.45
N GLY C 101 5.82 -4.72 27.19
CA GLY C 101 5.99 -3.37 26.70
C GLY C 101 7.33 -3.14 26.02
N LYS C 102 7.33 -2.35 24.94
CA LYS C 102 8.57 -2.06 24.24
C LYS C 102 9.36 -1.07 25.07
N ALA C 103 10.68 -1.21 25.08
CA ALA C 103 11.52 -0.30 25.84
C ALA C 103 12.96 -0.32 25.32
N LEU C 104 13.64 0.81 25.44
CA LEU C 104 15.03 0.88 25.00
C LEU C 104 15.94 0.61 26.19
N LEU C 105 17.03 -0.09 25.96
CA LEU C 105 17.98 -0.33 27.03
C LEU C 105 18.81 0.95 27.10
N THR C 106 18.95 1.52 28.29
CA THR C 106 19.74 2.74 28.46
C THR C 106 21.20 2.39 28.70
N ARG C 107 21.46 1.12 28.93
CA ARG C 107 22.79 0.63 29.16
C ARG C 107 22.77 -0.87 28.92
N HIS C 108 23.82 -1.39 28.31
CA HIS C 108 23.89 -2.81 28.04
C HIS C 108 25.34 -3.20 27.80
N GLU C 109 25.99 -3.69 28.87
CA GLU C 109 27.39 -4.08 28.79
C GLU C 109 27.64 -5.56 29.07
N GLY C 110 28.87 -6.00 28.82
CA GLY C 110 29.25 -7.37 29.05
C GLY C 110 29.10 -8.24 27.81
N PRO C 111 29.66 -9.46 27.82
CA PRO C 111 29.55 -10.36 26.67
C PRO C 111 28.13 -10.72 26.24
N LEU C 112 27.18 -10.71 27.17
CA LEU C 112 25.81 -11.04 26.79
C LEU C 112 25.28 -10.02 25.77
N PHE C 113 25.86 -8.83 25.77
CA PHE C 113 25.42 -7.78 24.86
C PHE C 113 26.42 -7.43 23.75
N ARG C 114 27.37 -8.31 23.49
CA ARG C 114 28.34 -8.07 22.41
C ARG C 114 27.60 -8.01 21.06
N GLY C 115 28.05 -7.10 20.19
CA GLY C 115 27.44 -6.98 18.87
C GLY C 115 26.12 -6.25 18.81
N LEU C 116 25.67 -5.68 19.93
CA LEU C 116 24.39 -4.98 19.95
C LEU C 116 24.50 -3.47 20.07
N GLU C 117 25.62 -2.91 19.63
CA GLU C 117 25.80 -1.47 19.70
C GLU C 117 24.65 -0.78 18.98
N GLY C 118 24.31 0.43 19.43
CA GLY C 118 23.22 1.17 18.82
C GLY C 118 22.01 1.14 19.74
N GLU C 119 20.80 1.30 19.18
CA GLU C 119 19.61 1.26 20.02
C GLU C 119 19.19 -0.20 20.18
N VAL C 120 18.85 -0.57 21.41
CA VAL C 120 18.45 -1.94 21.69
C VAL C 120 17.04 -1.98 22.28
N GLN C 121 16.07 -2.28 21.42
CA GLN C 121 14.67 -2.36 21.84
C GLN C 121 14.37 -3.79 22.34
N VAL C 122 13.69 -3.90 23.47
CA VAL C 122 13.37 -5.20 24.03
C VAL C 122 11.90 -5.29 24.41
N TRP C 123 11.35 -6.51 24.37
CA TRP C 123 9.94 -6.73 24.73
C TRP C 123 9.96 -7.01 26.24
N MSE C 124 9.89 -5.96 27.05
CA MSE C 124 9.94 -6.11 28.51
C MSE C 124 8.72 -6.74 29.13
O MSE C 124 7.59 -6.58 28.66
CB MSE C 124 10.18 -4.75 29.18
CG MSE C 124 11.53 -4.10 28.95
SE MSE C 124 12.87 -4.73 29.96
CE MSE C 124 12.43 -4.10 31.59
N SER C 125 8.95 -7.46 30.22
CA SER C 125 7.87 -8.06 30.99
C SER C 125 7.67 -7.04 32.11
N HIS C 126 6.43 -6.65 32.35
CA HIS C 126 6.14 -5.68 33.39
C HIS C 126 5.69 -6.33 34.69
N GLN C 127 5.76 -7.68 34.72
CA GLN C 127 5.41 -8.44 35.90
C GLN C 127 6.60 -8.58 36.85
N ASP C 128 6.43 -7.86 37.96
CA ASP C 128 7.27 -7.60 39.13
C ASP C 128 8.59 -6.98 38.69
N ALA C 129 9.53 -7.15 39.60
CA ALA C 129 10.84 -6.59 39.27
C ALA C 129 11.92 -7.09 40.19
N VAL C 130 13.17 -7.07 39.72
CA VAL C 130 14.29 -7.40 40.57
C VAL C 130 14.85 -6.04 41.01
N THR C 131 15.05 -5.86 42.31
CA THR C 131 15.57 -4.60 42.81
C THR C 131 17.01 -4.72 43.27
N ALA C 132 17.52 -5.95 43.34
CA ALA C 132 18.90 -6.18 43.72
C ALA C 132 19.38 -7.49 43.11
N PRO C 133 20.59 -7.50 42.53
CA PRO C 133 21.12 -8.72 41.94
C PRO C 133 21.65 -9.61 43.05
N PRO C 134 21.82 -10.90 42.78
CA PRO C 134 22.33 -11.80 43.82
C PRO C 134 23.73 -11.31 44.23
N PRO C 135 24.22 -11.73 45.40
CA PRO C 135 25.53 -11.30 45.87
C PRO C 135 26.66 -11.54 44.88
N GLY C 136 27.31 -10.46 44.45
CA GLY C 136 28.41 -10.58 43.51
C GLY C 136 28.06 -10.43 42.04
N TRP C 137 26.77 -10.38 41.72
CA TRP C 137 26.33 -10.24 40.33
C TRP C 137 26.30 -8.77 39.89
N ARG C 138 26.60 -8.53 38.63
CA ARG C 138 26.59 -7.18 38.10
C ARG C 138 25.28 -6.91 37.38
N VAL C 139 24.85 -5.65 37.38
CA VAL C 139 23.64 -5.25 36.67
C VAL C 139 24.16 -4.83 35.30
N VAL C 140 23.94 -5.68 34.31
CA VAL C 140 24.45 -5.39 32.97
C VAL C 140 23.52 -4.66 32.00
N ALA C 141 22.26 -4.46 32.40
CA ALA C 141 21.33 -3.76 31.53
C ALA C 141 20.27 -3.00 32.32
N GLU C 142 19.83 -1.87 31.76
CA GLU C 142 18.81 -1.02 32.37
C GLU C 142 17.94 -0.36 31.30
N THR C 143 16.78 0.14 31.72
CA THR C 143 15.87 0.86 30.85
C THR C 143 15.61 2.12 31.67
N GLU C 144 15.00 3.14 31.10
CA GLU C 144 14.79 4.35 31.87
C GLU C 144 13.83 4.17 33.04
N GLU C 145 12.99 3.14 32.98
CA GLU C 145 12.01 2.89 34.05
C GLU C 145 12.30 1.64 34.88
N ASN C 146 13.43 0.99 34.63
CA ASN C 146 13.78 -0.22 35.36
C ASN C 146 15.30 -0.33 35.46
N PRO C 147 15.86 -0.02 36.64
CA PRO C 147 17.30 -0.08 36.87
C PRO C 147 17.93 -1.47 36.80
N VAL C 148 17.13 -2.51 36.65
CA VAL C 148 17.69 -3.86 36.59
C VAL C 148 17.06 -4.70 35.50
N ALA C 149 17.47 -4.50 34.25
CA ALA C 149 16.90 -5.23 33.13
C ALA C 149 17.69 -6.49 32.79
N ALA C 150 18.88 -6.62 33.35
CA ALA C 150 19.72 -7.79 33.12
C ALA C 150 20.82 -7.92 34.18
N ILE C 151 21.06 -9.13 34.63
CA ILE C 151 22.09 -9.36 35.63
C ILE C 151 23.04 -10.46 35.14
N ALA C 152 24.25 -10.48 35.69
CA ALA C 152 25.24 -11.47 35.29
C ALA C 152 25.96 -12.07 36.50
N SER C 153 26.17 -13.38 36.47
CA SER C 153 26.85 -14.08 37.56
C SER C 153 28.35 -13.78 37.45
N PRO C 154 29.06 -13.75 38.59
CA PRO C 154 30.50 -13.47 38.59
C PRO C 154 31.30 -14.40 37.68
N ASP C 155 30.93 -15.69 37.68
CA ASP C 155 31.61 -16.69 36.87
C ASP C 155 31.31 -16.57 35.37
N GLY C 156 30.43 -15.63 35.02
CA GLY C 156 30.08 -15.39 33.64
C GLY C 156 29.35 -16.50 32.91
N ARG C 157 28.80 -17.45 33.67
CA ARG C 157 28.07 -18.57 33.08
C ARG C 157 26.56 -18.53 33.35
N ALA C 158 26.11 -17.52 34.09
CA ALA C 158 24.68 -17.39 34.40
C ALA C 158 24.19 -15.95 34.11
N TYR C 159 23.00 -15.84 33.54
CA TYR C 159 22.45 -14.53 33.20
C TYR C 159 20.94 -14.49 33.33
N GLY C 160 20.44 -13.29 33.57
CA GLY C 160 19.00 -13.11 33.67
C GLY C 160 18.66 -11.87 32.86
N VAL C 161 17.47 -11.87 32.26
CA VAL C 161 17.02 -10.74 31.47
C VAL C 161 15.55 -10.49 31.78
N GLN C 162 15.17 -9.22 31.89
CA GLN C 162 13.79 -8.87 32.22
C GLN C 162 12.93 -8.73 30.96
N PHE C 163 13.49 -9.09 29.81
CA PHE C 163 12.75 -9.01 28.55
C PHE C 163 12.81 -10.36 27.85
N HIS C 164 12.03 -10.51 26.78
CA HIS C 164 12.00 -11.76 26.01
C HIS C 164 12.83 -11.63 24.74
N PRO C 165 14.07 -12.16 24.75
CA PRO C 165 14.91 -12.05 23.56
C PRO C 165 14.46 -12.93 22.40
N GLU C 166 13.49 -13.79 22.65
CA GLU C 166 13.01 -14.71 21.62
C GLU C 166 11.92 -14.15 20.68
N VAL C 167 11.32 -13.01 21.02
CA VAL C 167 10.26 -12.46 20.16
C VAL C 167 10.74 -11.33 19.26
N ALA C 168 10.09 -11.21 18.11
CA ALA C 168 10.39 -10.20 17.11
C ALA C 168 10.50 -8.79 17.68
N HIS C 169 9.73 -8.51 18.73
CA HIS C 169 9.76 -7.19 19.37
C HIS C 169 11.09 -6.87 20.05
N THR C 170 12.00 -7.83 20.04
CA THR C 170 13.35 -7.63 20.54
C THR C 170 14.11 -8.01 19.27
N PRO C 171 14.13 -7.09 18.30
CA PRO C 171 14.81 -7.32 17.02
C PRO C 171 16.19 -7.95 17.08
N LYS C 172 17.02 -7.53 18.03
CA LYS C 172 18.36 -8.09 18.17
C LYS C 172 18.36 -9.21 19.21
N GLY C 173 17.20 -9.83 19.43
CA GLY C 173 17.06 -10.90 20.40
C GLY C 173 17.89 -12.13 20.08
N MSE C 174 17.97 -12.47 18.79
CA MSE C 174 18.75 -13.62 18.37
C MSE C 174 20.25 -13.48 18.65
O MSE C 174 20.92 -14.44 19.01
CB MSE C 174 18.56 -13.87 16.88
CG MSE C 174 17.32 -14.67 16.59
SE MSE C 174 17.58 -16.44 16.84
CE MSE C 174 18.10 -16.85 15.19
N GLN C 175 20.77 -12.27 18.47
CA GLN C 175 22.18 -12.04 18.73
C GLN C 175 22.48 -12.23 20.22
N ILE C 176 21.49 -11.94 21.07
CA ILE C 176 21.65 -12.11 22.52
C ILE C 176 21.63 -13.58 22.89
N LEU C 177 20.75 -14.35 22.26
CA LEU C 177 20.69 -15.78 22.53
C LEU C 177 21.99 -16.40 22.04
N GLU C 178 22.46 -15.91 20.90
CA GLU C 178 23.69 -16.39 20.30
C GLU C 178 24.89 -16.05 21.20
N ASN C 179 24.84 -14.91 21.88
CA ASN C 179 25.95 -14.57 22.76
C ASN C 179 25.97 -15.57 23.91
N PHE C 180 24.79 -15.83 24.49
CA PHE C 180 24.69 -16.79 25.59
C PHE C 180 25.22 -18.16 25.18
N LEU C 181 24.87 -18.61 23.97
CA LEU C 181 25.34 -19.91 23.49
C LEU C 181 26.86 -19.91 23.35
N GLU C 182 27.42 -18.77 22.97
CA GLU C 182 28.85 -18.68 22.81
C GLU C 182 29.52 -18.67 24.19
N LEU C 183 28.99 -17.86 25.10
CA LEU C 183 29.52 -17.77 26.45
C LEU C 183 29.49 -19.12 27.15
N ALA C 184 28.39 -19.83 26.98
CA ALA C 184 28.19 -21.13 27.60
C ALA C 184 28.89 -22.24 26.82
N GLY C 185 29.57 -21.84 25.73
CA GLY C 185 30.27 -22.80 24.91
C GLY C 185 29.44 -23.96 24.36
N VAL C 186 28.20 -23.68 24.00
CA VAL C 186 27.32 -24.72 23.46
C VAL C 186 27.78 -25.13 22.05
N LYS C 187 27.77 -26.42 21.78
CA LYS C 187 28.20 -26.92 20.47
C LYS C 187 27.05 -26.91 19.47
N ARG C 188 27.38 -26.57 18.23
CA ARG C 188 26.38 -26.51 17.16
C ARG C 188 26.40 -27.79 16.36
N ASP C 189 25.76 -28.83 16.88
CA ASP C 189 25.71 -30.12 16.21
C ASP C 189 24.37 -30.33 15.55
N TRP C 190 23.50 -29.36 15.66
CA TRP C 190 22.17 -29.48 15.07
C TRP C 190 22.19 -29.00 13.62
N THR C 191 22.55 -29.90 12.71
CA THR C 191 22.60 -29.58 11.28
C THR C 191 21.80 -30.65 10.54
N PRO C 192 21.36 -30.35 9.32
CA PRO C 192 20.57 -31.31 8.55
C PRO C 192 21.24 -32.67 8.23
N GLU C 193 22.52 -32.65 7.87
CA GLU C 193 23.17 -33.92 7.54
C GLU C 193 23.28 -34.80 8.78
N HIS C 194 23.53 -34.18 9.94
CA HIS C 194 23.61 -34.96 11.17
C HIS C 194 22.26 -35.62 11.40
N VAL C 195 21.19 -34.86 11.18
CA VAL C 195 19.86 -35.39 11.37
C VAL C 195 19.51 -36.46 10.35
N LEU C 196 19.84 -36.25 9.08
CA LEU C 196 19.52 -37.26 8.09
C LEU C 196 20.29 -38.54 8.41
N GLU C 197 21.56 -38.39 8.77
CA GLU C 197 22.40 -39.54 9.13
C GLU C 197 21.72 -40.37 10.21
N GLU C 198 21.39 -39.72 11.31
CA GLU C 198 20.76 -40.37 12.44
C GLU C 198 19.44 -41.06 12.08
N LEU C 199 18.58 -40.38 11.32
CA LEU C 199 17.29 -40.96 10.95
C LEU C 199 17.38 -42.10 9.94
N LEU C 200 18.33 -42.03 9.03
CA LEU C 200 18.47 -43.12 8.08
C LEU C 200 18.88 -44.34 8.89
N ARG C 201 19.87 -44.14 9.76
CA ARG C 201 20.40 -45.19 10.63
C ARG C 201 19.33 -45.91 11.44
N GLU C 202 18.48 -45.14 12.12
CA GLU C 202 17.43 -45.69 12.95
C GLU C 202 16.32 -46.36 12.15
N VAL C 203 15.86 -45.69 11.10
CA VAL C 203 14.80 -46.22 10.27
C VAL C 203 15.20 -47.59 9.72
N ARG C 204 16.45 -47.75 9.34
CA ARG C 204 16.94 -49.01 8.80
C ARG C 204 17.01 -50.10 9.85
N GLU C 205 17.26 -49.69 11.09
CA GLU C 205 17.35 -50.62 12.21
C GLU C 205 15.97 -51.12 12.65
N ARG C 206 15.11 -50.18 13.06
CA ARG C 206 13.78 -50.55 13.50
C ARG C 206 12.99 -51.31 12.44
N ALA C 207 13.11 -50.90 11.18
CA ALA C 207 12.38 -51.57 10.10
C ALA C 207 13.08 -52.87 9.70
N GLY C 208 14.39 -52.78 9.49
CA GLY C 208 15.16 -53.95 9.09
C GLY C 208 14.79 -54.40 7.68
N LYS C 209 14.00 -55.46 7.60
CA LYS C 209 13.58 -56.00 6.31
C LYS C 209 12.08 -56.23 6.28
N ASP C 210 11.36 -55.60 7.22
CA ASP C 210 9.92 -55.71 7.30
C ASP C 210 9.22 -54.69 6.38
N ARG C 211 7.90 -54.79 6.32
CA ARG C 211 7.09 -53.90 5.50
C ARG C 211 6.79 -52.65 6.29
N VAL C 212 6.75 -51.51 5.59
CA VAL C 212 6.42 -50.25 6.24
C VAL C 212 5.29 -49.63 5.44
N LEU C 213 4.13 -49.47 6.07
CA LEU C 213 2.98 -48.88 5.40
C LEU C 213 2.96 -47.39 5.74
N LEU C 214 2.57 -46.57 4.78
CA LEU C 214 2.55 -45.13 4.97
C LEU C 214 1.49 -44.42 4.16
N ALA C 215 1.00 -43.31 4.70
CA ALA C 215 0.00 -42.50 4.04
C ALA C 215 0.67 -41.23 3.48
N VAL C 216 0.52 -41.03 2.18
CA VAL C 216 1.07 -39.87 1.47
C VAL C 216 -0.10 -38.95 1.15
N SER C 217 -0.06 -37.74 1.71
CA SER C 217 -1.14 -36.77 1.53
C SER C 217 -0.85 -35.66 0.54
N GLY C 218 0.39 -35.55 0.11
CA GLY C 218 0.76 -34.48 -0.81
C GLY C 218 1.57 -33.42 -0.05
N GLY C 219 1.43 -33.41 1.27
CA GLY C 219 2.16 -32.46 2.09
C GLY C 219 3.65 -32.76 2.20
N VAL C 220 4.44 -31.73 2.47
CA VAL C 220 5.88 -31.90 2.58
C VAL C 220 6.26 -32.92 3.66
N ASP C 221 5.46 -33.02 4.70
CA ASP C 221 5.75 -33.96 5.78
C ASP C 221 5.73 -35.41 5.27
N SER C 222 4.55 -35.87 4.83
CA SER C 222 4.43 -37.23 4.32
C SER C 222 5.36 -37.52 3.13
N SER C 223 5.50 -36.55 2.24
CA SER C 223 6.39 -36.70 1.09
C SER C 223 7.86 -36.96 1.50
N THR C 224 8.34 -36.23 2.51
CA THR C 224 9.72 -36.40 2.96
C THR C 224 9.89 -37.70 3.75
N LEU C 225 8.81 -38.15 4.38
CA LEU C 225 8.83 -39.40 5.12
C LEU C 225 8.99 -40.53 4.09
N ALA C 226 8.14 -40.49 3.06
CA ALA C 226 8.20 -41.48 1.98
C ALA C 226 9.62 -41.52 1.43
N LEU C 227 10.15 -40.35 1.13
CA LEU C 227 11.50 -40.22 0.59
C LEU C 227 12.54 -40.81 1.56
N LEU C 228 12.30 -40.65 2.86
CA LEU C 228 13.22 -41.17 3.86
C LEU C 228 13.30 -42.69 3.75
N LEU C 229 12.14 -43.33 3.74
CA LEU C 229 12.07 -44.78 3.64
C LEU C 229 12.70 -45.26 2.35
N ALA C 230 12.36 -44.62 1.24
CA ALA C 230 12.94 -45.02 -0.04
C ALA C 230 14.46 -44.95 0.01
N LYS C 231 14.98 -43.89 0.64
CA LYS C 231 16.43 -43.68 0.74
C LYS C 231 17.05 -44.65 1.73
N ALA C 232 16.27 -45.09 2.71
CA ALA C 232 16.77 -46.04 3.70
C ALA C 232 16.71 -47.43 3.11
N GLY C 233 16.18 -47.51 1.89
CA GLY C 233 16.06 -48.78 1.18
C GLY C 233 15.12 -49.74 1.86
N VAL C 234 14.40 -49.26 2.87
CA VAL C 234 13.46 -50.11 3.59
C VAL C 234 12.22 -50.39 2.75
N ASP C 235 11.77 -51.64 2.79
CA ASP C 235 10.60 -52.06 2.04
C ASP C 235 9.41 -51.27 2.55
N HIS C 236 8.66 -50.66 1.64
CA HIS C 236 7.51 -49.84 2.02
C HIS C 236 6.43 -49.74 0.95
N LEU C 237 5.31 -49.14 1.34
CA LEU C 237 4.20 -48.92 0.44
C LEU C 237 3.52 -47.60 0.84
N ALA C 238 3.70 -46.58 0.03
CA ALA C 238 3.10 -45.28 0.28
C ALA C 238 1.76 -45.27 -0.41
N VAL C 239 0.71 -44.93 0.34
CA VAL C 239 -0.63 -44.89 -0.22
C VAL C 239 -1.10 -43.46 -0.36
N PHE C 240 -1.55 -43.09 -1.54
CA PHE C 240 -2.03 -41.75 -1.78
C PHE C 240 -3.49 -41.88 -2.15
N VAL C 241 -4.37 -41.50 -1.22
CA VAL C 241 -5.81 -41.58 -1.47
C VAL C 241 -6.31 -40.31 -2.14
N ASP C 242 -6.76 -40.41 -3.39
CA ASP C 242 -7.28 -39.23 -4.09
C ASP C 242 -8.75 -39.10 -3.77
N HIS C 243 -9.07 -38.16 -2.89
CA HIS C 243 -10.45 -37.93 -2.46
C HIS C 243 -11.12 -36.91 -3.37
N GLY C 244 -10.39 -36.46 -4.38
CA GLY C 244 -10.93 -35.49 -5.31
C GLY C 244 -11.23 -34.15 -4.66
N LEU C 245 -10.51 -33.84 -3.59
CA LEU C 245 -10.69 -32.57 -2.90
C LEU C 245 -9.37 -31.82 -2.95
N LEU C 246 -8.48 -32.29 -3.81
CA LEU C 246 -7.16 -31.68 -3.99
C LEU C 246 -7.18 -30.51 -4.97
N ARG C 247 -6.08 -29.77 -5.00
CA ARG C 247 -5.94 -28.63 -5.90
C ARG C 247 -5.65 -29.13 -7.32
N LEU C 248 -5.93 -28.28 -8.31
CA LEU C 248 -5.70 -28.62 -9.70
C LEU C 248 -4.27 -29.12 -9.92
N GLY C 249 -4.14 -30.28 -10.56
CA GLY C 249 -2.83 -30.85 -10.85
C GLY C 249 -1.99 -31.41 -9.72
N GLU C 250 -2.48 -31.32 -8.48
CA GLU C 250 -1.73 -31.80 -7.31
C GLU C 250 -1.34 -33.29 -7.32
N ARG C 251 -2.31 -34.16 -7.55
CA ARG C 251 -2.07 -35.60 -7.56
C ARG C 251 -1.01 -35.96 -8.59
N GLU C 252 -1.09 -35.35 -9.77
CA GLU C 252 -0.15 -35.62 -10.85
C GLU C 252 1.28 -35.20 -10.50
N GLU C 253 1.42 -34.00 -9.92
CA GLU C 253 2.73 -33.49 -9.51
C GLU C 253 3.34 -34.37 -8.44
N VAL C 254 2.58 -34.59 -7.37
CA VAL C 254 3.05 -35.40 -6.25
C VAL C 254 3.51 -36.79 -6.68
N GLU C 255 2.60 -37.54 -7.30
CA GLU C 255 2.92 -38.91 -7.72
C GLU C 255 4.09 -38.95 -8.71
N GLY C 256 4.10 -38.03 -9.66
CA GLY C 256 5.17 -38.01 -10.64
C GLY C 256 6.52 -37.76 -9.98
N ALA C 257 6.53 -36.84 -9.02
CA ALA C 257 7.76 -36.51 -8.31
C ALA C 257 8.19 -37.61 -7.34
N LEU C 258 7.26 -38.13 -6.54
CA LEU C 258 7.63 -39.18 -5.58
C LEU C 258 8.13 -40.44 -6.28
N ARG C 259 7.42 -40.87 -7.31
CA ARG C 259 7.82 -42.05 -8.06
C ARG C 259 9.17 -41.86 -8.72
N ALA C 260 9.37 -40.71 -9.36
CA ALA C 260 10.63 -40.42 -10.01
C ALA C 260 11.78 -40.51 -9.01
N LEU C 261 11.46 -40.30 -7.73
CA LEU C 261 12.49 -40.35 -6.69
C LEU C 261 12.68 -41.72 -6.05
N GLY C 262 11.93 -42.70 -6.51
CA GLY C 262 12.08 -44.05 -5.98
C GLY C 262 11.11 -44.52 -4.92
N VAL C 263 10.02 -43.79 -4.71
CA VAL C 263 9.05 -44.19 -3.70
C VAL C 263 8.11 -45.24 -4.30
N ASN C 264 7.80 -46.26 -3.52
CA ASN C 264 6.89 -47.32 -3.94
C ASN C 264 5.50 -46.79 -3.59
N LEU C 265 4.85 -46.17 -4.58
CA LEU C 265 3.57 -45.51 -4.42
C LEU C 265 2.32 -46.08 -5.12
N LEU C 266 1.23 -46.16 -4.37
CA LEU C 266 -0.05 -46.63 -4.87
C LEU C 266 -1.09 -45.49 -4.77
N VAL C 267 -1.65 -45.09 -5.89
CA VAL C 267 -2.65 -44.03 -5.89
C VAL C 267 -4.05 -44.65 -5.91
N VAL C 268 -4.88 -44.25 -4.95
CA VAL C 268 -6.25 -44.75 -4.85
C VAL C 268 -7.26 -43.70 -5.32
N ASP C 269 -8.04 -44.04 -6.33
CA ASP C 269 -9.04 -43.14 -6.86
C ASP C 269 -10.38 -43.33 -6.14
N ALA C 270 -10.65 -42.48 -5.15
CA ALA C 270 -11.88 -42.53 -4.35
C ALA C 270 -12.69 -41.25 -4.48
N LYS C 271 -12.60 -40.59 -5.62
CA LYS C 271 -13.32 -39.35 -5.87
C LYS C 271 -14.84 -39.52 -5.67
N GLU C 272 -15.46 -40.29 -6.56
CA GLU C 272 -16.89 -40.56 -6.51
C GLU C 272 -17.31 -40.96 -5.09
N ARG C 273 -16.47 -41.77 -4.45
CA ARG C 273 -16.70 -42.25 -3.11
C ARG C 273 -16.93 -41.10 -2.12
N PHE C 274 -15.86 -40.35 -1.86
CA PHE C 274 -15.91 -39.20 -0.96
C PHE C 274 -17.01 -38.22 -1.31
N LEU C 275 -17.13 -37.90 -2.60
CA LEU C 275 -18.14 -36.94 -3.05
C LEU C 275 -19.55 -37.38 -2.63
N LYS C 276 -19.92 -38.61 -2.96
CA LYS C 276 -21.24 -39.14 -2.60
C LYS C 276 -21.46 -39.10 -1.09
N ALA C 277 -20.41 -39.44 -0.36
CA ALA C 277 -20.44 -39.46 1.10
C ALA C 277 -20.62 -38.07 1.71
N LEU C 278 -20.44 -37.03 0.90
CA LEU C 278 -20.57 -35.66 1.39
C LEU C 278 -21.87 -35.01 0.95
N LYS C 279 -22.56 -35.61 -0.01
CA LYS C 279 -23.82 -35.06 -0.51
C LYS C 279 -24.73 -34.51 0.59
N GLY C 280 -25.25 -33.30 0.38
CA GLY C 280 -26.13 -32.70 1.35
C GLY C 280 -25.52 -32.19 2.65
N VAL C 281 -24.28 -32.59 2.95
CA VAL C 281 -23.63 -32.15 4.17
C VAL C 281 -23.13 -30.71 4.12
N GLU C 282 -23.60 -29.91 5.07
CA GLU C 282 -23.20 -28.50 5.15
C GLU C 282 -22.37 -28.23 6.38
N ASP C 283 -22.64 -28.95 7.46
CA ASP C 283 -21.90 -28.77 8.69
C ASP C 283 -20.43 -29.03 8.47
N PRO C 284 -19.58 -28.02 8.74
CA PRO C 284 -18.14 -28.17 8.55
C PRO C 284 -17.53 -29.27 9.42
N GLU C 285 -17.98 -29.40 10.66
CA GLU C 285 -17.44 -30.42 11.55
C GLU C 285 -17.88 -31.80 11.05
N GLU C 286 -19.01 -31.84 10.36
CA GLU C 286 -19.54 -33.06 9.80
C GLU C 286 -18.62 -33.54 8.68
N LYS C 287 -18.41 -32.67 7.69
CA LYS C 287 -17.56 -32.98 6.56
C LYS C 287 -16.21 -33.53 7.02
N ARG C 288 -15.65 -32.91 8.05
CA ARG C 288 -14.36 -33.36 8.57
C ARG C 288 -14.43 -34.79 9.11
N LYS C 289 -15.60 -35.19 9.58
CA LYS C 289 -15.77 -36.54 10.12
C LYS C 289 -16.01 -37.54 9.01
N ILE C 290 -16.88 -37.19 8.07
CA ILE C 290 -17.17 -38.06 6.95
C ILE C 290 -15.91 -38.29 6.12
N ILE C 291 -15.17 -37.21 5.88
CA ILE C 291 -13.95 -37.30 5.10
C ILE C 291 -12.92 -38.16 5.81
N GLY C 292 -12.77 -37.93 7.11
CA GLY C 292 -11.82 -38.70 7.88
C GLY C 292 -12.18 -40.18 7.82
N ARG C 293 -13.47 -40.45 7.94
CA ARG C 293 -13.99 -41.81 7.91
C ARG C 293 -13.69 -42.49 6.59
N GLU C 294 -14.20 -41.90 5.51
CA GLU C 294 -13.98 -42.47 4.19
C GLU C 294 -12.49 -42.67 3.94
N PHE C 295 -11.68 -41.77 4.49
CA PHE C 295 -10.24 -41.88 4.32
C PHE C 295 -9.77 -43.15 4.99
N VAL C 296 -10.19 -43.33 6.24
CA VAL C 296 -9.84 -44.50 7.03
C VAL C 296 -10.20 -45.77 6.27
N ALA C 297 -11.42 -45.80 5.74
CA ALA C 297 -11.87 -46.95 4.98
C ALA C 297 -10.89 -47.27 3.84
N ALA C 298 -10.76 -46.35 2.89
CA ALA C 298 -9.88 -46.52 1.74
C ALA C 298 -8.46 -46.96 2.12
N PHE C 299 -7.90 -46.32 3.14
CA PHE C 299 -6.53 -46.66 3.58
C PHE C 299 -6.50 -48.08 4.12
N SER C 300 -7.39 -48.37 5.07
CA SER C 300 -7.46 -49.68 5.70
C SER C 300 -7.64 -50.83 4.72
N GLN C 301 -8.42 -50.60 3.67
CA GLN C 301 -8.64 -51.65 2.69
C GLN C 301 -7.31 -52.00 2.02
N VAL C 302 -6.50 -50.99 1.72
CA VAL C 302 -5.19 -51.22 1.10
C VAL C 302 -4.25 -51.94 2.05
N ALA C 303 -4.44 -51.72 3.34
CA ALA C 303 -3.62 -52.35 4.35
C ALA C 303 -3.73 -53.88 4.23
N ARG C 304 -4.95 -54.36 4.02
CA ARG C 304 -5.21 -55.79 3.90
C ARG C 304 -4.97 -56.37 2.49
N GLU C 305 -5.36 -55.63 1.45
CA GLU C 305 -5.17 -56.10 0.07
C GLU C 305 -3.68 -56.39 -0.14
N ARG C 306 -2.84 -55.48 0.34
CA ARG C 306 -1.39 -55.59 0.23
C ARG C 306 -0.89 -55.98 1.61
N GLY C 307 0.42 -56.09 1.77
CA GLY C 307 0.95 -56.46 3.08
C GLY C 307 0.53 -57.87 3.49
N PRO C 308 0.29 -58.13 4.79
CA PRO C 308 0.36 -57.24 5.96
C PRO C 308 1.65 -56.42 6.14
N PHE C 309 1.56 -55.41 6.99
CA PHE C 309 2.69 -54.52 7.27
C PHE C 309 3.02 -54.51 8.76
N ARG C 310 4.31 -54.60 9.06
CA ARG C 310 4.77 -54.59 10.45
C ARG C 310 4.72 -53.17 11.02
N PHE C 311 5.11 -52.18 10.21
CA PHE C 311 5.15 -50.78 10.63
C PHE C 311 4.21 -49.80 9.92
N LEU C 312 3.79 -48.80 10.67
CA LEU C 312 2.95 -47.71 10.17
C LEU C 312 3.77 -46.46 10.39
N ALA C 313 4.22 -45.84 9.30
CA ALA C 313 5.03 -44.63 9.39
C ALA C 313 4.13 -43.42 9.54
N GLN C 314 4.45 -42.58 10.53
CA GLN C 314 3.70 -41.36 10.79
C GLN C 314 4.64 -40.16 10.88
N GLY C 315 4.20 -39.01 10.36
CA GLY C 315 5.03 -37.82 10.39
C GLY C 315 4.76 -36.87 11.53
N THR C 316 4.60 -37.40 12.74
CA THR C 316 4.34 -36.55 13.90
C THR C 316 5.60 -35.74 14.22
N LEU C 317 5.39 -34.46 14.51
CA LEU C 317 6.46 -33.52 14.81
C LEU C 317 6.51 -33.19 16.29
N TYR C 318 7.55 -32.48 16.68
CA TYR C 318 7.75 -32.09 18.06
C TYR C 318 6.56 -31.34 18.65
N PRO C 319 6.00 -30.37 17.91
CA PRO C 319 4.85 -29.65 18.46
C PRO C 319 3.74 -30.62 18.86
N ASP C 320 3.63 -31.72 18.12
CA ASP C 320 2.63 -32.73 18.43
C ASP C 320 2.98 -33.36 19.77
N VAL C 321 4.23 -33.78 19.91
CA VAL C 321 4.72 -34.39 21.14
C VAL C 321 4.49 -33.43 22.30
N ILE C 322 4.76 -32.15 22.07
CA ILE C 322 4.57 -31.11 23.07
C ILE C 322 3.08 -30.97 23.35
N GLU C 347 -3.24 -53.20 13.29
CA GLU C 347 -2.72 -52.78 14.62
C GLU C 347 -1.18 -52.82 14.60
N PHE C 348 -0.60 -52.03 13.70
CA PHE C 348 0.86 -51.96 13.50
C PHE C 348 1.70 -51.37 14.63
N GLU C 349 3.00 -51.25 14.35
CA GLU C 349 3.98 -50.66 15.25
C GLU C 349 4.38 -49.30 14.66
N LEU C 350 4.29 -48.24 15.45
CA LEU C 350 4.62 -46.89 14.98
C LEU C 350 6.07 -46.59 14.67
N LEU C 351 6.26 -45.82 13.61
CA LEU C 351 7.59 -45.40 13.18
C LEU C 351 7.46 -43.89 13.07
N GLU C 352 8.14 -43.15 13.95
CA GLU C 352 8.04 -41.69 13.95
C GLU C 352 9.38 -40.96 13.92
N PRO C 353 10.02 -40.95 12.75
CA PRO C 353 11.32 -40.32 12.49
C PRO C 353 11.40 -38.83 12.83
N PHE C 354 10.29 -38.11 12.68
CA PHE C 354 10.28 -36.67 12.91
C PHE C 354 9.74 -36.14 14.25
N ARG C 355 9.76 -36.97 15.29
CA ARG C 355 9.23 -36.58 16.60
C ARG C 355 9.90 -35.36 17.26
N LEU C 356 11.20 -35.21 17.06
CA LEU C 356 11.94 -34.09 17.66
C LEU C 356 12.19 -32.94 16.67
N LEU C 357 11.38 -32.89 15.62
CA LEU C 357 11.54 -31.87 14.60
C LEU C 357 10.37 -30.90 14.45
N PHE C 358 10.70 -29.71 14.01
CA PHE C 358 9.68 -28.72 13.72
C PHE C 358 9.51 -28.89 12.22
N LYS C 359 8.37 -28.47 11.69
CA LYS C 359 8.06 -28.61 10.28
C LYS C 359 9.11 -28.03 9.33
N ASP C 360 9.65 -26.87 9.67
CA ASP C 360 10.64 -26.24 8.81
C ASP C 360 11.89 -27.09 8.70
N GLU C 361 12.18 -27.88 9.73
CA GLU C 361 13.34 -28.75 9.72
C GLU C 361 13.09 -29.98 8.83
N VAL C 362 11.83 -30.37 8.68
CA VAL C 362 11.50 -31.49 7.81
C VAL C 362 11.71 -30.99 6.37
N ARG C 363 11.36 -29.74 6.11
CA ARG C 363 11.54 -29.16 4.78
C ARG C 363 13.03 -29.14 4.45
N GLU C 364 13.87 -28.96 5.47
CA GLU C 364 15.31 -28.95 5.28
C GLU C 364 15.78 -30.36 4.94
N LEU C 365 15.20 -31.36 5.60
CA LEU C 365 15.58 -32.75 5.34
C LEU C 365 15.20 -33.10 3.91
N ALA C 366 14.01 -32.69 3.50
CA ALA C 366 13.52 -32.95 2.16
C ALA C 366 14.54 -32.46 1.13
N LEU C 367 15.16 -31.32 1.39
CA LEU C 367 16.16 -30.78 0.48
C LEU C 367 17.31 -31.79 0.36
N LEU C 368 17.76 -32.32 1.49
CA LEU C 368 18.84 -33.29 1.50
C LEU C 368 18.43 -34.61 0.85
N LEU C 369 17.13 -34.93 0.93
CA LEU C 369 16.63 -36.16 0.35
C LEU C 369 16.23 -35.97 -1.11
N GLY C 370 16.74 -34.91 -1.73
CA GLY C 370 16.49 -34.62 -3.13
C GLY C 370 15.08 -34.28 -3.58
N LEU C 371 14.25 -33.78 -2.68
CA LEU C 371 12.91 -33.42 -3.09
C LEU C 371 12.97 -32.05 -3.82
N PRO C 372 12.32 -31.94 -4.99
CA PRO C 372 12.33 -30.69 -5.75
C PRO C 372 11.57 -29.54 -5.05
N ASP C 373 12.07 -28.32 -5.23
CA ASP C 373 11.46 -27.15 -4.61
C ASP C 373 9.98 -27.02 -4.91
N THR C 374 9.57 -27.52 -6.07
CA THR C 374 8.17 -27.48 -6.47
C THR C 374 7.31 -28.05 -5.34
N LEU C 375 7.75 -29.16 -4.73
CA LEU C 375 7.00 -29.77 -3.64
C LEU C 375 7.53 -29.42 -2.25
N ARG C 376 8.83 -29.14 -2.15
CA ARG C 376 9.45 -28.85 -0.87
C ARG C 376 9.01 -27.53 -0.22
N LEU C 377 8.68 -26.54 -1.05
CA LEU C 377 8.29 -25.24 -0.55
C LEU C 377 6.80 -24.90 -0.64
N ARG C 378 5.95 -25.89 -0.87
CA ARG C 378 4.52 -25.63 -0.97
C ARG C 378 3.89 -25.31 0.38
N HIS C 379 2.90 -24.44 0.38
CA HIS C 379 2.22 -24.06 1.61
C HIS C 379 1.44 -25.27 2.08
N PRO C 380 1.05 -25.29 3.36
CA PRO C 380 0.30 -26.45 3.84
C PRO C 380 -1.10 -26.45 3.23
N PHE C 381 -1.70 -27.64 3.14
CA PHE C 381 -3.04 -27.80 2.59
C PHE C 381 -3.74 -28.75 3.54
N PRO C 382 -5.01 -28.47 3.89
CA PRO C 382 -5.70 -29.36 4.83
C PRO C 382 -6.10 -30.74 4.31
N GLY C 383 -6.06 -31.73 5.20
CA GLY C 383 -6.43 -33.10 4.85
C GLY C 383 -7.75 -33.18 4.09
N PRO C 384 -8.82 -32.52 4.57
CA PRO C 384 -10.13 -32.52 3.90
C PRO C 384 -10.18 -31.65 2.64
N GLY C 385 -9.03 -31.16 2.23
CA GLY C 385 -8.91 -30.35 1.04
C GLY C 385 -9.92 -29.23 0.86
N LEU C 386 -10.34 -29.04 -0.38
CA LEU C 386 -11.30 -27.99 -0.72
C LEU C 386 -12.67 -28.16 -0.08
N ALA C 387 -12.89 -29.29 0.58
CA ALA C 387 -14.17 -29.56 1.24
C ALA C 387 -14.50 -28.48 2.25
N VAL C 388 -13.48 -28.03 2.98
CA VAL C 388 -13.69 -26.99 3.97
C VAL C 388 -13.52 -25.59 3.39
N ARG C 389 -13.40 -25.48 2.07
CA ARG C 389 -13.27 -24.16 1.45
C ARG C 389 -14.45 -23.81 0.57
N VAL C 390 -15.50 -24.62 0.68
CA VAL C 390 -16.75 -24.41 -0.02
C VAL C 390 -17.73 -24.14 1.12
N LEU C 391 -18.23 -22.91 1.21
CA LEU C 391 -19.16 -22.52 2.27
C LEU C 391 -20.55 -23.12 2.04
N GLY C 392 -20.71 -24.38 2.40
CA GLY C 392 -21.99 -25.04 2.22
C GLY C 392 -21.79 -26.46 1.72
N GLU C 393 -22.71 -26.90 0.87
CA GLU C 393 -22.66 -28.25 0.31
C GLU C 393 -21.54 -28.40 -0.72
N VAL C 394 -20.75 -29.46 -0.58
CA VAL C 394 -19.66 -29.73 -1.51
C VAL C 394 -20.20 -30.51 -2.70
N THR C 395 -20.15 -29.90 -3.88
CA THR C 395 -20.61 -30.57 -5.08
C THR C 395 -19.47 -30.50 -6.09
N GLU C 396 -19.58 -31.27 -7.16
CA GLU C 396 -18.55 -31.28 -8.17
C GLU C 396 -18.53 -29.95 -8.91
N GLU C 397 -19.70 -29.42 -9.23
CA GLU C 397 -19.73 -28.15 -9.94
C GLU C 397 -19.01 -27.07 -9.14
N ARG C 398 -19.26 -27.04 -7.84
CA ARG C 398 -18.63 -26.05 -6.97
C ARG C 398 -17.12 -26.28 -6.87
N LEU C 399 -16.70 -27.54 -6.85
CA LEU C 399 -15.28 -27.85 -6.77
C LEU C 399 -14.57 -27.41 -8.04
N GLU C 400 -15.28 -27.51 -9.17
CA GLU C 400 -14.73 -27.13 -10.46
C GLU C 400 -14.48 -25.63 -10.49
N ILE C 401 -15.43 -24.86 -9.95
CA ILE C 401 -15.30 -23.41 -9.90
C ILE C 401 -14.13 -23.03 -8.97
N LEU C 402 -14.12 -23.63 -7.79
CA LEU C 402 -13.10 -23.34 -6.80
C LEU C 402 -11.70 -23.76 -7.23
N ARG C 403 -11.59 -24.91 -7.91
CA ARG C 403 -10.29 -25.37 -8.36
C ARG C 403 -9.67 -24.36 -9.30
N ARG C 404 -10.46 -23.85 -10.24
CA ARG C 404 -9.97 -22.85 -11.18
C ARG C 404 -9.54 -21.51 -10.56
N ALA C 405 -10.40 -20.95 -9.69
CA ALA C 405 -10.09 -19.68 -9.04
C ALA C 405 -8.85 -19.84 -8.16
N ASP C 406 -8.81 -20.93 -7.41
CA ASP C 406 -7.69 -21.24 -6.53
C ASP C 406 -6.37 -21.37 -7.32
N ASP C 407 -6.45 -21.98 -8.50
CA ASP C 407 -5.29 -22.17 -9.37
C ASP C 407 -4.80 -20.80 -9.86
N ILE C 408 -5.74 -19.94 -10.23
CA ILE C 408 -5.38 -18.61 -10.68
C ILE C 408 -4.70 -17.84 -9.56
N PHE C 409 -5.25 -17.94 -8.35
CA PHE C 409 -4.69 -17.21 -7.20
C PHE C 409 -3.27 -17.64 -6.90
N THR C 410 -3.04 -18.94 -6.80
CA THR C 410 -1.72 -19.47 -6.51
C THR C 410 -0.71 -19.10 -7.60
N SER C 411 -1.14 -19.18 -8.86
CA SER C 411 -0.28 -18.85 -10.00
C SER C 411 0.18 -17.40 -9.96
N LEU C 412 -0.78 -16.49 -9.77
CA LEU C 412 -0.46 -15.06 -9.68
C LEU C 412 0.49 -14.80 -8.51
N LEU C 413 0.29 -15.48 -7.38
CA LEU C 413 1.15 -15.28 -6.24
C LEU C 413 2.60 -15.62 -6.63
N ARG C 414 2.78 -16.75 -7.34
CA ARG C 414 4.12 -17.17 -7.75
C ARG C 414 4.70 -16.22 -8.79
N GLU C 415 3.91 -15.85 -9.80
CA GLU C 415 4.43 -14.96 -10.82
C GLU C 415 4.96 -13.67 -10.18
N TRP C 416 4.22 -13.13 -9.21
CA TRP C 416 4.61 -11.91 -8.54
C TRP C 416 5.61 -12.10 -7.40
N GLY C 417 6.02 -13.34 -7.15
CA GLY C 417 6.99 -13.59 -6.09
C GLY C 417 6.46 -13.37 -4.68
N LEU C 418 5.13 -13.40 -4.53
CA LEU C 418 4.52 -13.20 -3.22
C LEU C 418 4.21 -14.52 -2.54
N TYR C 419 4.17 -15.60 -3.32
CA TYR C 419 3.86 -16.90 -2.75
C TYR C 419 4.74 -17.26 -1.55
N GLU C 420 6.04 -17.04 -1.67
CA GLU C 420 6.95 -17.38 -0.58
C GLU C 420 6.97 -16.34 0.54
N LYS C 421 6.23 -15.27 0.38
CA LYS C 421 6.19 -14.21 1.39
C LYS C 421 5.00 -14.30 2.36
N VAL C 422 4.19 -15.35 2.21
CA VAL C 422 3.07 -15.57 3.12
C VAL C 422 3.26 -16.99 3.59
N ALA C 423 2.71 -17.33 4.75
CA ALA C 423 2.84 -18.69 5.26
C ALA C 423 1.79 -19.58 4.64
N GLN C 424 0.68 -18.97 4.24
CA GLN C 424 -0.45 -19.72 3.71
C GLN C 424 -1.35 -18.83 2.86
N ALA C 425 -1.99 -19.42 1.86
CA ALA C 425 -2.91 -18.69 1.00
C ALA C 425 -4.02 -19.64 0.59
N LEU C 426 -5.24 -19.14 0.47
CA LEU C 426 -6.35 -20.00 0.08
C LEU C 426 -7.51 -19.17 -0.44
N ALA C 427 -8.43 -19.84 -1.13
CA ALA C 427 -9.61 -19.19 -1.68
C ALA C 427 -10.80 -19.98 -1.17
N VAL C 428 -11.83 -19.25 -0.76
CA VAL C 428 -13.05 -19.83 -0.22
C VAL C 428 -14.22 -19.45 -1.10
N LEU C 429 -15.04 -20.43 -1.47
CA LEU C 429 -16.17 -20.14 -2.35
C LEU C 429 -17.46 -20.02 -1.54
N THR C 430 -18.13 -18.88 -1.66
CA THR C 430 -19.37 -18.67 -0.93
C THR C 430 -20.55 -18.65 -1.88
N PRO C 431 -21.42 -19.65 -1.80
CA PRO C 431 -22.59 -19.67 -2.69
C PRO C 431 -23.57 -18.59 -2.27
N VAL C 432 -23.93 -17.73 -3.21
CA VAL C 432 -24.86 -16.66 -2.94
C VAL C 432 -25.87 -16.58 -4.08
N GLY C 445 -25.06 -17.76 -8.25
CA GLY C 445 -24.02 -16.76 -8.09
C GLY C 445 -22.99 -17.16 -7.04
N TYR C 446 -21.80 -16.57 -7.11
CA TYR C 446 -20.75 -16.90 -6.15
C TYR C 446 -19.85 -15.73 -5.76
N VAL C 447 -19.49 -15.70 -4.49
CA VAL C 447 -18.56 -14.71 -3.99
C VAL C 447 -17.31 -15.52 -3.64
N LEU C 448 -16.16 -15.08 -4.12
CA LEU C 448 -14.92 -15.79 -3.81
C LEU C 448 -14.12 -14.97 -2.82
N ALA C 449 -13.72 -15.59 -1.72
CA ALA C 449 -12.93 -14.90 -0.71
C ALA C 449 -11.45 -15.32 -0.78
N LEU C 450 -10.57 -14.36 -1.04
CA LEU C 450 -9.13 -14.62 -1.08
C LEU C 450 -8.62 -14.43 0.34
N ARG C 451 -7.71 -15.30 0.76
CA ARG C 451 -7.19 -15.28 2.12
C ARG C 451 -5.70 -15.67 2.16
N ALA C 452 -4.90 -14.85 2.82
CA ALA C 452 -3.48 -15.15 2.98
C ALA C 452 -3.06 -14.70 4.36
N VAL C 453 -2.11 -15.40 4.95
CA VAL C 453 -1.64 -15.03 6.28
C VAL C 453 -0.14 -15.24 6.42
N THR C 454 0.41 -14.66 7.48
CA THR C 454 1.81 -14.80 7.84
C THR C 454 1.74 -15.39 9.24
N THR C 455 2.42 -16.52 9.40
CA THR C 455 2.45 -17.12 10.73
C THR C 455 3.74 -17.89 10.89
N GLU C 456 4.05 -18.34 12.10
CA GLU C 456 5.25 -19.08 12.48
C GLU C 456 4.85 -20.38 13.14
N ASP C 457 3.66 -20.78 13.64
CA ASP C 457 3.19 -21.76 14.63
C ASP C 457 1.73 -22.17 14.40
N PHE C 458 1.17 -21.43 13.43
CA PHE C 458 -0.19 -21.60 12.93
C PHE C 458 -1.27 -21.55 14.01
N MSE C 459 -0.98 -20.72 15.00
CA MSE C 459 -1.77 -20.67 16.23
C MSE C 459 -2.18 -19.20 16.50
O MSE C 459 -3.18 -18.94 17.16
CB MSE C 459 -0.97 -21.25 17.39
CG MSE C 459 -0.62 -22.73 17.19
SE MSE C 459 0.05 -23.52 18.66
CE MSE C 459 -1.46 -23.90 19.56
N THR C 460 -1.50 -18.25 15.90
CA THR C 460 -1.60 -16.79 15.90
C THR C 460 -1.05 -16.35 14.53
N ALA C 461 -1.96 -15.95 13.65
CA ALA C 461 -1.56 -15.47 12.34
C ALA C 461 -2.07 -14.05 12.07
N ASP C 462 -1.34 -13.33 11.22
CA ASP C 462 -1.70 -11.97 10.82
C ASP C 462 -2.18 -12.03 9.37
N TRP C 463 -3.28 -11.36 9.05
CA TRP C 463 -3.71 -11.40 7.67
C TRP C 463 -2.58 -10.76 6.86
N ALA C 464 -2.17 -11.43 5.79
CA ALA C 464 -1.09 -10.91 4.93
C ALA C 464 -1.50 -9.65 4.21
N ARG C 465 -0.64 -8.64 4.23
CA ARG C 465 -0.95 -7.39 3.57
C ARG C 465 -0.34 -7.39 2.16
N LEU C 466 -1.05 -8.05 1.26
CA LEU C 466 -0.63 -8.16 -0.12
C LEU C 466 -0.77 -6.79 -0.80
N PRO C 467 0.09 -6.49 -1.78
CA PRO C 467 -0.02 -5.19 -2.46
C PRO C 467 -1.41 -5.03 -3.08
N LEU C 468 -1.98 -3.84 -2.94
CA LEU C 468 -3.31 -3.54 -3.46
C LEU C 468 -3.37 -3.72 -4.98
N GLU C 469 -2.23 -3.49 -5.64
CA GLU C 469 -2.15 -3.63 -7.08
C GLU C 469 -2.34 -5.10 -7.39
N PHE C 470 -1.71 -5.95 -6.58
CA PHE C 470 -1.81 -7.39 -6.76
C PHE C 470 -3.25 -7.91 -6.53
N LEU C 471 -3.90 -7.44 -5.48
CA LEU C 471 -5.25 -7.88 -5.18
C LEU C 471 -6.14 -7.49 -6.36
N ASP C 472 -5.87 -6.32 -6.96
CA ASP C 472 -6.65 -5.90 -8.12
C ASP C 472 -6.42 -6.87 -9.27
N GLU C 473 -5.15 -7.18 -9.57
CA GLU C 473 -4.87 -8.10 -10.67
C GLU C 473 -5.54 -9.48 -10.40
N ALA C 474 -5.50 -9.95 -9.15
CA ALA C 474 -6.09 -11.23 -8.81
C ALA C 474 -7.60 -11.23 -9.06
N ALA C 475 -8.27 -10.21 -8.54
CA ALA C 475 -9.73 -10.08 -8.67
C ALA C 475 -10.19 -9.96 -10.12
N ARG C 476 -9.53 -9.10 -10.88
CA ARG C 476 -9.90 -8.93 -12.29
C ARG C 476 -9.72 -10.25 -13.03
N ARG C 477 -8.57 -10.89 -12.89
CA ARG C 477 -8.36 -12.13 -13.61
C ARG C 477 -9.33 -13.24 -13.20
N ILE C 478 -9.66 -13.35 -11.92
CA ILE C 478 -10.58 -14.39 -11.49
C ILE C 478 -12.01 -14.20 -12.03
N THR C 479 -12.58 -13.00 -11.95
CA THR C 479 -13.93 -12.80 -12.47
C THR C 479 -13.92 -12.84 -14.01
N ARG C 480 -12.78 -12.58 -14.62
CA ARG C 480 -12.68 -12.62 -16.07
C ARG C 480 -12.64 -14.05 -16.58
N ARG C 481 -11.87 -14.90 -15.90
CA ARG C 481 -11.72 -16.28 -16.32
C ARG C 481 -12.66 -17.28 -15.65
N VAL C 482 -13.27 -16.90 -14.54
CA VAL C 482 -14.22 -17.79 -13.88
C VAL C 482 -15.52 -17.01 -13.69
N PRO C 483 -16.26 -16.85 -14.80
CA PRO C 483 -17.54 -16.13 -14.90
C PRO C 483 -18.53 -16.43 -13.78
N GLU C 484 -18.60 -17.69 -13.37
CA GLU C 484 -19.51 -18.09 -12.31
C GLU C 484 -19.28 -17.25 -11.04
N ILE C 485 -18.10 -16.65 -10.91
CA ILE C 485 -17.78 -15.82 -9.76
C ILE C 485 -18.03 -14.36 -10.11
N GLY C 486 -18.94 -13.73 -9.38
CA GLY C 486 -19.24 -12.35 -9.68
C GLY C 486 -18.57 -11.36 -8.77
N ARG C 487 -18.01 -11.83 -7.67
CA ARG C 487 -17.38 -10.90 -6.74
C ARG C 487 -16.23 -11.55 -5.98
N VAL C 488 -15.13 -10.81 -5.87
CA VAL C 488 -13.96 -11.30 -5.11
C VAL C 488 -13.67 -10.39 -3.92
N VAL C 489 -13.44 -10.99 -2.76
CA VAL C 489 -13.14 -10.20 -1.56
C VAL C 489 -11.87 -10.69 -0.88
N TYR C 490 -11.31 -9.87 0.00
CA TYR C 490 -10.10 -10.24 0.73
C TYR C 490 -10.33 -10.24 2.24
N ASP C 491 -9.92 -11.33 2.88
CA ASP C 491 -10.07 -11.47 4.32
C ASP C 491 -9.13 -10.53 5.11
N LEU C 492 -9.71 -9.67 5.96
CA LEU C 492 -8.93 -8.73 6.78
C LEU C 492 -8.81 -9.22 8.21
N THR C 493 -9.22 -10.46 8.47
CA THR C 493 -9.21 -10.95 9.84
C THR C 493 -8.02 -11.79 10.24
N SER C 494 -7.45 -11.44 11.38
CA SER C 494 -6.30 -12.15 11.93
C SER C 494 -6.77 -13.21 12.90
N LYS C 495 -5.81 -13.96 13.44
CA LYS C 495 -6.08 -15.02 14.39
C LYS C 495 -5.19 -14.77 15.60
N PRO C 496 -5.78 -14.46 16.76
CA PRO C 496 -7.23 -14.33 16.95
C PRO C 496 -7.76 -13.07 16.25
N PRO C 497 -9.08 -12.92 16.17
CA PRO C 497 -10.18 -13.77 16.66
C PRO C 497 -10.65 -14.88 15.72
N ALA C 498 -10.23 -14.84 14.46
CA ALA C 498 -10.68 -15.85 13.50
C ALA C 498 -9.65 -16.92 13.18
N THR C 499 -10.14 -18.07 12.74
CA THR C 499 -9.26 -19.16 12.37
C THR C 499 -8.67 -18.87 10.98
N ILE C 500 -7.67 -19.63 10.57
CA ILE C 500 -7.08 -19.42 9.26
C ILE C 500 -8.09 -19.84 8.19
N GLU C 501 -8.54 -21.09 8.25
CA GLU C 501 -9.54 -21.60 7.31
C GLU C 501 -10.86 -20.96 7.70
N TRP C 502 -11.84 -20.98 6.79
CA TRP C 502 -13.16 -20.41 7.07
C TRP C 502 -14.07 -21.52 7.62
N GLU C 503 -13.51 -22.72 7.75
CA GLU C 503 -14.28 -23.86 8.27
C GLU C 503 -13.44 -24.81 9.11
N MSE D 1 -24.06 29.68 -23.47
CA MSE D 1 -24.79 28.39 -23.63
C MSE D 1 -24.12 27.55 -24.71
O MSE D 1 -24.58 27.50 -25.85
CB MSE D 1 -26.24 28.66 -24.01
CG MSE D 1 -27.17 27.43 -23.94
SE MSE D 1 -26.71 26.04 -25.00
CE MSE D 1 -26.32 24.82 -23.77
N VAL D 2 -23.02 26.88 -24.35
CA VAL D 2 -22.30 26.03 -25.29
C VAL D 2 -23.15 24.79 -25.55
N LEU D 3 -23.21 24.36 -26.80
CA LEU D 3 -24.01 23.21 -27.16
C LEU D 3 -23.13 21.98 -27.42
N VAL D 4 -23.58 20.83 -26.94
CA VAL D 4 -22.85 19.58 -27.13
C VAL D 4 -23.68 18.65 -28.01
N LEU D 5 -23.21 18.39 -29.22
CA LEU D 5 -23.92 17.51 -30.15
C LEU D 5 -23.45 16.07 -30.01
N ASP D 6 -24.30 15.23 -29.42
CA ASP D 6 -24.01 13.84 -29.18
C ASP D 6 -24.04 12.95 -30.43
N PHE D 7 -22.88 12.41 -30.78
CA PHE D 7 -22.75 11.52 -31.92
C PHE D 7 -22.54 10.09 -31.44
N GLY D 8 -22.92 9.83 -30.19
CA GLY D 8 -22.77 8.49 -29.64
C GLY D 8 -21.63 8.24 -28.65
N SER D 9 -20.70 9.18 -28.51
CA SER D 9 -19.57 9.01 -27.59
C SER D 9 -19.97 8.75 -26.14
N GLN D 10 -19.23 7.86 -25.49
CA GLN D 10 -19.50 7.53 -24.10
C GLN D 10 -19.06 8.69 -23.21
N TYR D 11 -18.36 9.65 -23.79
CA TYR D 11 -17.86 10.81 -23.07
C TYR D 11 -18.65 12.09 -23.32
N THR D 12 -19.88 11.97 -23.79
CA THR D 12 -20.69 13.15 -24.06
C THR D 12 -21.06 13.87 -22.76
N ARG D 13 -21.48 13.09 -21.75
CA ARG D 13 -21.83 13.66 -20.45
C ARG D 13 -20.62 14.39 -19.90
N LEU D 14 -19.46 13.72 -19.96
CA LEU D 14 -18.23 14.32 -19.47
C LEU D 14 -17.95 15.66 -20.10
N ILE D 15 -18.17 15.78 -21.42
CA ILE D 15 -17.95 17.04 -22.14
C ILE D 15 -18.83 18.13 -21.53
N ALA D 16 -20.10 17.79 -21.31
CA ALA D 16 -21.03 18.73 -20.72
C ALA D 16 -20.51 19.22 -19.37
N ARG D 17 -20.43 18.32 -18.40
CA ARG D 17 -19.96 18.71 -17.08
C ARG D 17 -18.56 19.32 -17.06
N ARG D 18 -17.77 19.05 -18.09
CA ARG D 18 -16.42 19.60 -18.18
C ARG D 18 -16.54 21.09 -18.45
N LEU D 19 -17.53 21.44 -19.27
CA LEU D 19 -17.77 22.84 -19.63
C LEU D 19 -18.25 23.63 -18.42
N ARG D 20 -19.18 23.04 -17.67
CA ARG D 20 -19.73 23.69 -16.49
C ARG D 20 -18.65 23.95 -15.44
N GLU D 21 -17.65 23.06 -15.37
CA GLU D 21 -16.56 23.21 -14.42
C GLU D 21 -15.66 24.39 -14.84
N LEU D 22 -15.79 24.85 -16.07
CA LEU D 22 -15.07 26.01 -16.57
C LEU D 22 -16.05 27.19 -16.62
N ARG D 23 -17.02 27.12 -15.73
CA ARG D 23 -18.14 28.04 -15.57
C ARG D 23 -18.87 28.43 -16.85
N ALA D 24 -19.14 27.49 -17.75
CA ALA D 24 -19.95 27.71 -18.94
C ALA D 24 -21.08 26.69 -19.05
N PHE D 25 -22.32 27.17 -19.03
CA PHE D 25 -23.48 26.28 -19.13
C PHE D 25 -23.46 25.49 -20.44
N SER D 26 -23.89 24.23 -20.38
CA SER D 26 -23.90 23.37 -21.55
C SER D 26 -25.10 22.44 -21.58
N LEU D 27 -25.53 22.09 -22.78
CA LEU D 27 -26.66 21.17 -22.97
C LEU D 27 -26.37 20.12 -24.03
N ILE D 28 -27.03 18.98 -23.92
CA ILE D 28 -26.83 17.87 -24.85
C ILE D 28 -27.96 17.74 -25.87
N LEU D 29 -27.60 17.85 -27.14
CA LEU D 29 -28.54 17.72 -28.25
C LEU D 29 -27.93 16.78 -29.28
N PRO D 30 -28.69 15.77 -29.74
CA PRO D 30 -28.22 14.80 -30.73
C PRO D 30 -27.44 15.42 -31.89
N GLY D 31 -26.60 14.62 -32.52
CA GLY D 31 -25.82 15.10 -33.64
C GLY D 31 -26.70 15.54 -34.79
N ASP D 32 -27.74 14.76 -35.06
CA ASP D 32 -28.68 15.07 -36.13
C ASP D 32 -29.69 16.09 -35.61
N ALA D 33 -29.23 17.32 -35.41
CA ALA D 33 -30.10 18.37 -34.89
C ALA D 33 -30.40 19.42 -35.94
N PRO D 34 -31.70 19.64 -36.22
CA PRO D 34 -32.17 20.62 -37.21
C PRO D 34 -31.52 21.98 -37.02
N LEU D 35 -30.90 22.49 -38.08
CA LEU D 35 -30.22 23.77 -38.08
C LEU D 35 -30.85 24.81 -37.15
N GLU D 36 -32.17 24.94 -37.21
CA GLU D 36 -32.87 25.90 -36.35
C GLU D 36 -32.86 25.42 -34.91
N GLU D 37 -33.19 24.15 -34.74
CA GLU D 37 -33.25 23.51 -33.42
C GLU D 37 -32.04 23.83 -32.54
N VAL D 38 -30.93 24.20 -33.17
CA VAL D 38 -29.72 24.51 -32.41
C VAL D 38 -29.49 26.01 -32.22
N LEU D 39 -29.47 26.76 -33.33
CA LEU D 39 -29.24 28.20 -33.26
C LEU D 39 -30.29 28.96 -32.44
N LYS D 40 -31.35 28.25 -32.04
CA LYS D 40 -32.43 28.84 -31.28
C LYS D 40 -32.08 29.06 -29.80
N HIS D 41 -31.05 28.38 -29.32
CA HIS D 41 -30.62 28.51 -27.94
C HIS D 41 -29.47 29.50 -27.83
N ARG D 42 -29.38 30.38 -28.83
CA ARG D 42 -28.33 31.39 -28.87
C ARG D 42 -27.02 30.84 -28.30
N PRO D 43 -26.55 29.71 -28.83
CA PRO D 43 -25.32 29.08 -28.37
C PRO D 43 -24.09 29.90 -28.74
N GLN D 44 -23.28 30.22 -27.73
CA GLN D 44 -22.08 31.01 -27.95
C GLN D 44 -21.00 30.17 -28.63
N ALA D 45 -21.13 28.85 -28.53
CA ALA D 45 -20.17 27.94 -29.14
C ALA D 45 -20.75 26.55 -29.32
N LEU D 46 -20.07 25.76 -30.14
CA LEU D 46 -20.50 24.41 -30.44
C LEU D 46 -19.37 23.39 -30.32
N ILE D 47 -19.71 22.20 -29.84
CA ILE D 47 -18.73 21.13 -29.70
C ILE D 47 -19.30 19.84 -30.27
N LEU D 48 -18.53 19.20 -31.13
CA LEU D 48 -18.98 17.95 -31.75
C LEU D 48 -18.28 16.76 -31.10
N SER D 49 -19.06 15.91 -30.46
CA SER D 49 -18.52 14.73 -29.79
C SER D 49 -18.09 13.64 -30.77
N GLY D 50 -17.64 12.52 -30.23
CA GLY D 50 -17.21 11.40 -31.04
C GLY D 50 -18.30 10.36 -31.00
N GLY D 51 -18.05 9.17 -31.55
CA GLY D 51 -19.07 8.14 -31.54
C GLY D 51 -18.60 6.81 -32.09
N PRO D 52 -19.35 5.73 -31.83
CA PRO D 52 -19.04 4.38 -32.29
C PRO D 52 -18.93 4.27 -33.81
N ARG D 53 -19.82 4.97 -34.52
CA ARG D 53 -19.83 4.94 -35.97
C ARG D 53 -18.59 5.55 -36.60
N SER D 54 -18.42 5.28 -37.89
CA SER D 54 -17.30 5.79 -38.66
C SER D 54 -17.88 6.75 -39.69
N VAL D 55 -17.08 7.72 -40.14
CA VAL D 55 -17.54 8.67 -41.13
C VAL D 55 -17.91 7.99 -42.44
N PHE D 56 -17.20 6.89 -42.75
CA PHE D 56 -17.43 6.14 -43.98
C PHE D 56 -18.50 5.07 -43.79
N ASP D 57 -19.35 5.24 -42.79
CA ASP D 57 -20.39 4.27 -42.51
C ASP D 57 -21.73 4.79 -43.02
N PRO D 58 -22.54 3.91 -43.65
CA PRO D 58 -23.84 4.33 -44.17
C PRO D 58 -24.74 4.93 -43.08
N ASP D 59 -24.93 4.18 -42.00
CA ASP D 59 -25.74 4.66 -40.89
C ASP D 59 -24.89 5.45 -39.92
N ALA D 60 -24.30 6.54 -40.42
CA ALA D 60 -23.45 7.40 -39.61
C ALA D 60 -24.19 8.69 -39.29
N PRO D 61 -24.28 9.04 -38.00
CA PRO D 61 -24.97 10.27 -37.58
C PRO D 61 -24.34 11.50 -38.21
N ARG D 62 -25.18 12.37 -38.79
CA ARG D 62 -24.68 13.56 -39.45
C ARG D 62 -25.38 14.81 -38.90
N PRO D 63 -24.68 15.95 -38.93
CA PRO D 63 -25.21 17.23 -38.45
C PRO D 63 -25.92 17.92 -39.60
N ASP D 64 -26.87 18.81 -39.27
CA ASP D 64 -27.60 19.53 -40.30
C ASP D 64 -26.60 20.15 -41.28
N PRO D 65 -26.84 19.96 -42.59
CA PRO D 65 -25.99 20.46 -43.69
C PRO D 65 -25.33 21.81 -43.45
N ARG D 66 -26.14 22.82 -43.15
CA ARG D 66 -25.62 24.17 -42.92
C ARG D 66 -25.08 24.35 -41.50
N LEU D 67 -24.48 23.31 -40.94
CA LEU D 67 -23.92 23.39 -39.60
C LEU D 67 -22.72 24.32 -39.60
N PHE D 68 -21.72 24.01 -40.43
CA PHE D 68 -20.54 24.86 -40.50
C PHE D 68 -20.88 26.12 -41.27
N SER D 69 -22.17 26.31 -41.50
CA SER D 69 -22.66 27.47 -42.22
C SER D 69 -23.38 28.38 -41.22
N SER D 70 -22.86 28.40 -39.99
CA SER D 70 -23.43 29.22 -38.93
C SER D 70 -22.41 30.24 -38.46
N GLY D 71 -21.14 29.95 -38.69
CA GLY D 71 -20.08 30.85 -38.27
C GLY D 71 -19.75 30.74 -36.79
N LEU D 72 -20.57 29.98 -36.06
CA LEU D 72 -20.39 29.77 -34.62
C LEU D 72 -19.06 29.09 -34.30
N PRO D 73 -18.38 29.53 -33.23
CA PRO D 73 -17.11 28.91 -32.86
C PRO D 73 -17.38 27.42 -32.72
N LEU D 74 -16.52 26.59 -33.31
CA LEU D 74 -16.72 25.16 -33.24
C LEU D 74 -15.48 24.34 -32.94
N LEU D 75 -15.67 23.32 -32.10
CA LEU D 75 -14.61 22.42 -31.73
C LEU D 75 -15.09 21.01 -32.04
N GLY D 76 -14.42 20.38 -33.01
CA GLY D 76 -14.80 19.03 -33.40
C GLY D 76 -13.93 18.02 -32.68
N ILE D 77 -14.56 17.07 -32.00
CA ILE D 77 -13.84 16.05 -31.23
C ILE D 77 -13.85 14.65 -31.89
N CYS D 78 -12.66 14.18 -32.29
CA CYS D 78 -12.50 12.88 -32.92
C CYS D 78 -13.49 12.66 -34.06
N TYR D 79 -14.56 11.90 -33.81
CA TYR D 79 -15.56 11.66 -34.83
C TYR D 79 -16.12 13.02 -35.24
N GLY D 80 -15.67 14.07 -34.55
CA GLY D 80 -16.11 15.42 -34.87
C GLY D 80 -15.15 16.18 -35.77
N MSE D 81 -13.85 16.02 -35.54
CA MSE D 81 -12.84 16.70 -36.35
C MSE D 81 -12.82 16.10 -37.75
O MSE D 81 -12.71 16.81 -38.74
CB MSE D 81 -11.44 16.55 -35.72
CG MSE D 81 -10.30 16.64 -36.75
SE MSE D 81 -8.69 17.14 -36.08
CE MSE D 81 -7.68 15.69 -36.40
N GLN D 82 -13.26 14.85 -37.66
CA GLN D 82 -13.30 14.19 -38.94
C GLN D 82 -14.49 14.63 -39.79
N LEU D 83 -15.57 14.91 -39.02
CA LEU D 83 -16.76 15.48 -39.66
C LEU D 83 -16.34 16.79 -40.29
N LEU D 84 -15.65 17.59 -39.49
CA LEU D 84 -15.16 18.89 -39.88
C LEU D 84 -14.25 18.82 -41.12
N ALA D 85 -13.46 17.76 -41.22
CA ALA D 85 -12.56 17.63 -42.35
C ALA D 85 -13.27 17.31 -43.67
N GLN D 86 -14.02 16.21 -43.71
CA GLN D 86 -14.70 15.86 -44.96
C GLN D 86 -15.77 16.89 -45.34
N GLU D 87 -16.43 17.44 -44.34
CA GLU D 87 -17.46 18.44 -44.59
C GLU D 87 -16.90 19.77 -45.08
N LEU D 88 -15.57 19.91 -45.14
CA LEU D 88 -15.00 21.17 -45.60
C LEU D 88 -13.90 21.08 -46.65
N GLY D 89 -13.78 19.94 -47.31
CA GLY D 89 -12.77 19.82 -48.34
C GLY D 89 -11.50 19.06 -48.00
N GLY D 90 -11.47 18.49 -46.79
CA GLY D 90 -10.30 17.74 -46.36
C GLY D 90 -10.54 16.28 -46.74
N ARG D 91 -9.59 15.41 -46.44
CA ARG D 91 -9.75 14.01 -46.78
C ARG D 91 -9.62 13.07 -45.58
N VAL D 92 -10.67 12.30 -45.34
CA VAL D 92 -10.66 11.33 -44.25
C VAL D 92 -10.70 9.94 -44.87
N GLU D 93 -9.97 9.00 -44.28
CA GLU D 93 -9.92 7.64 -44.78
C GLU D 93 -10.02 6.66 -43.63
N ARG D 94 -10.43 5.47 -44.04
CA ARG D 94 -10.64 4.48 -42.99
C ARG D 94 -9.29 4.03 -42.46
N ALA D 95 -9.03 3.94 -41.16
CA ALA D 95 -7.80 3.53 -40.49
C ALA D 95 -8.08 2.92 -39.12
N GLY D 96 -7.28 1.92 -38.76
CA GLY D 96 -7.42 1.25 -37.48
C GLY D 96 -8.80 0.74 -37.10
N ARG D 97 -9.02 0.57 -35.81
CA ARG D 97 -10.31 0.10 -35.31
C ARG D 97 -10.78 0.96 -34.15
N ALA D 98 -12.07 0.90 -33.86
CA ALA D 98 -12.65 1.68 -32.78
C ALA D 98 -12.04 1.28 -31.43
N GLU D 99 -11.00 1.99 -31.03
CA GLU D 99 -10.30 1.76 -29.77
C GLU D 99 -9.51 3.01 -29.40
N TYR D 100 -9.23 3.19 -28.12
CA TYR D 100 -8.48 4.36 -27.66
C TYR D 100 -7.05 4.02 -27.31
N GLY D 101 -6.21 5.04 -27.23
CA GLY D 101 -4.81 4.84 -26.89
C GLY D 101 -4.12 6.13 -26.51
N LYS D 102 -3.26 6.07 -25.50
CA LYS D 102 -2.53 7.26 -25.05
C LYS D 102 -1.47 7.63 -26.07
N ALA D 103 -1.16 8.91 -26.18
CA ALA D 103 -0.14 9.36 -27.11
C ALA D 103 0.33 10.77 -26.78
N LEU D 104 1.61 11.03 -27.04
CA LEU D 104 2.20 12.35 -26.80
C LEU D 104 2.07 13.17 -28.07
N LEU D 105 1.73 14.45 -27.93
CA LEU D 105 1.63 15.32 -29.08
C LEU D 105 3.06 15.73 -29.43
N THR D 106 3.56 15.24 -30.57
CA THR D 106 4.91 15.56 -30.99
C THR D 106 5.02 17.03 -31.37
N ARG D 107 3.87 17.67 -31.57
CA ARG D 107 3.82 19.08 -31.93
C ARG D 107 2.47 19.67 -31.53
N HIS D 108 2.46 20.94 -31.13
CA HIS D 108 1.23 21.63 -30.74
C HIS D 108 1.46 23.15 -30.80
N GLU D 109 0.71 23.80 -31.68
CA GLU D 109 0.82 25.25 -31.88
C GLU D 109 -0.55 25.92 -31.93
N GLY D 110 -0.57 27.25 -31.76
CA GLY D 110 -1.83 27.95 -31.79
C GLY D 110 -2.42 28.13 -30.40
N PRO D 111 -3.34 29.09 -30.24
CA PRO D 111 -3.99 29.40 -28.96
C PRO D 111 -4.77 28.23 -28.37
N LEU D 112 -5.11 27.24 -29.19
CA LEU D 112 -5.86 26.10 -28.68
C LEU D 112 -4.96 25.33 -27.72
N PHE D 113 -3.66 25.57 -27.83
CA PHE D 113 -2.69 24.88 -26.99
C PHE D 113 -1.96 25.83 -26.05
N ARG D 114 -2.61 26.93 -25.70
CA ARG D 114 -2.01 27.90 -24.80
C ARG D 114 -1.80 27.29 -23.41
N GLY D 115 -0.64 27.53 -22.82
CA GLY D 115 -0.36 27.00 -21.51
C GLY D 115 0.10 25.55 -21.48
N LEU D 116 -0.01 24.87 -22.62
CA LEU D 116 0.41 23.47 -22.68
C LEU D 116 1.85 23.29 -23.09
N GLU D 117 2.77 23.80 -22.28
CA GLU D 117 4.20 23.63 -22.58
C GLU D 117 4.61 22.30 -21.97
N GLY D 118 5.61 21.66 -22.55
CA GLY D 118 6.05 20.38 -22.04
C GLY D 118 5.27 19.29 -22.73
N GLU D 119 5.44 18.05 -22.28
CA GLU D 119 4.71 16.95 -22.90
C GLU D 119 3.21 17.06 -22.67
N VAL D 120 2.46 16.68 -23.71
CA VAL D 120 1.00 16.70 -23.67
C VAL D 120 0.49 15.34 -24.08
N GLN D 121 -0.11 14.63 -23.13
CA GLN D 121 -0.65 13.31 -23.37
C GLN D 121 -2.14 13.39 -23.67
N VAL D 122 -2.56 12.76 -24.75
CA VAL D 122 -3.96 12.78 -25.12
C VAL D 122 -4.51 11.37 -25.23
N TRP D 123 -5.83 11.26 -25.06
CA TRP D 123 -6.54 9.99 -25.19
C TRP D 123 -6.97 9.95 -26.65
N MSE D 124 -6.05 9.58 -27.52
CA MSE D 124 -6.31 9.55 -28.96
C MSE D 124 -7.32 8.48 -29.36
O MSE D 124 -7.44 7.44 -28.71
CB MSE D 124 -4.99 9.30 -29.70
CG MSE D 124 -4.17 10.54 -29.99
SE MSE D 124 -4.84 11.51 -31.33
CE MSE D 124 -3.63 12.83 -31.39
N SER D 125 -8.07 8.76 -30.42
CA SER D 125 -9.04 7.80 -30.96
C SER D 125 -8.33 7.17 -32.16
N HIS D 126 -8.71 5.98 -32.55
CA HIS D 126 -8.01 5.26 -33.62
C HIS D 126 -8.82 4.89 -34.86
N GLN D 127 -10.08 5.18 -34.70
CA GLN D 127 -11.02 4.96 -35.80
C GLN D 127 -10.92 6.06 -36.84
N ASP D 128 -10.54 5.72 -38.06
CA ASP D 128 -10.21 6.46 -39.27
C ASP D 128 -9.07 7.45 -39.02
N ALA D 129 -8.91 8.54 -39.80
CA ALA D 129 -7.81 9.49 -39.95
C ALA D 129 -8.22 10.66 -40.82
N VAL D 130 -7.60 11.81 -40.60
CA VAL D 130 -7.70 12.93 -41.53
C VAL D 130 -6.35 13.02 -42.25
N THR D 131 -6.37 12.82 -43.56
CA THR D 131 -5.15 12.86 -44.36
C THR D 131 -4.79 14.28 -44.77
N ALA D 132 -5.82 15.10 -44.97
CA ALA D 132 -5.63 16.49 -45.35
C ALA D 132 -6.70 17.31 -44.65
N PRO D 133 -6.34 18.53 -44.20
CA PRO D 133 -7.27 19.43 -43.49
C PRO D 133 -8.10 20.26 -44.46
N PRO D 134 -9.33 20.62 -44.06
CA PRO D 134 -10.21 21.44 -44.91
C PRO D 134 -9.42 22.59 -45.52
N PRO D 135 -9.59 22.84 -46.82
CA PRO D 135 -8.90 23.91 -47.55
C PRO D 135 -8.88 25.25 -46.80
N GLY D 136 -7.69 25.71 -46.44
CA GLY D 136 -7.56 26.98 -45.74
C GLY D 136 -7.39 26.80 -44.25
N TRP D 137 -7.07 25.57 -43.83
CA TRP D 137 -6.87 25.24 -42.42
C TRP D 137 -5.45 24.70 -42.21
N ARG D 138 -4.90 24.94 -41.04
CA ARG D 138 -3.55 24.47 -40.73
C ARG D 138 -3.60 23.29 -39.76
N VAL D 139 -2.50 22.54 -39.68
CA VAL D 139 -2.42 21.40 -38.77
C VAL D 139 -1.64 21.93 -37.57
N VAL D 140 -2.34 22.11 -36.45
CA VAL D 140 -1.72 22.64 -35.25
C VAL D 140 -1.20 21.63 -34.24
N ALA D 141 -1.23 20.34 -34.58
CA ALA D 141 -0.74 19.31 -33.67
C ALA D 141 -0.67 17.94 -34.33
N GLU D 142 0.22 17.10 -33.83
CA GLU D 142 0.39 15.76 -34.36
C GLU D 142 1.19 14.88 -33.41
N THR D 143 1.23 13.59 -33.71
CA THR D 143 1.98 12.62 -32.92
C THR D 143 2.94 11.89 -33.84
N GLU D 144 3.61 10.88 -33.31
CA GLU D 144 4.55 10.12 -34.12
C GLU D 144 3.81 9.25 -35.12
N GLU D 145 2.68 8.69 -34.70
CA GLU D 145 1.89 7.82 -35.56
C GLU D 145 0.79 8.52 -36.34
N ASN D 146 0.61 9.81 -36.08
CA ASN D 146 -0.43 10.56 -36.79
C ASN D 146 0.01 12.00 -37.04
N PRO D 147 0.31 12.32 -38.30
CA PRO D 147 0.76 13.66 -38.74
C PRO D 147 -0.30 14.74 -38.59
N VAL D 148 -1.54 14.35 -38.34
CA VAL D 148 -2.62 15.31 -38.18
C VAL D 148 -3.46 15.06 -36.92
N ALA D 149 -3.04 15.64 -35.80
CA ALA D 149 -3.76 15.45 -34.53
C ALA D 149 -4.84 16.52 -34.28
N ALA D 150 -4.57 17.75 -34.68
CA ALA D 150 -5.52 18.84 -34.49
C ALA D 150 -5.47 19.78 -35.69
N ILE D 151 -6.61 20.41 -35.99
CA ILE D 151 -6.67 21.33 -37.12
C ILE D 151 -7.41 22.63 -36.77
N ALA D 152 -6.83 23.75 -37.19
CA ALA D 152 -7.41 25.06 -36.94
C ALA D 152 -7.84 25.75 -38.24
N SER D 153 -8.99 26.43 -38.19
CA SER D 153 -9.52 27.14 -39.34
C SER D 153 -8.70 28.39 -39.63
N PRO D 154 -8.90 29.01 -40.81
CA PRO D 154 -8.17 30.23 -41.18
C PRO D 154 -8.51 31.40 -40.28
N ASP D 155 -9.80 31.59 -40.02
CA ASP D 155 -10.26 32.67 -39.17
C ASP D 155 -9.85 32.42 -37.72
N GLY D 156 -9.67 31.14 -37.36
CA GLY D 156 -9.26 30.80 -36.01
C GLY D 156 -10.41 30.63 -35.02
N ARG D 157 -11.60 30.36 -35.55
CA ARG D 157 -12.79 30.19 -34.72
C ARG D 157 -13.29 28.75 -34.84
N ALA D 158 -12.58 27.94 -35.60
CA ALA D 158 -12.97 26.55 -35.78
C ALA D 158 -11.79 25.63 -35.46
N TYR D 159 -12.07 24.56 -34.73
CA TYR D 159 -11.02 23.62 -34.35
C TYR D 159 -11.42 22.15 -34.34
N GLY D 160 -10.45 21.30 -34.63
CA GLY D 160 -10.67 19.87 -34.62
C GLY D 160 -9.54 19.18 -33.88
N VAL D 161 -9.87 18.22 -33.03
CA VAL D 161 -8.86 17.47 -32.28
C VAL D 161 -9.10 15.97 -32.49
N GLN D 162 -8.01 15.22 -32.67
CA GLN D 162 -8.09 13.78 -32.90
C GLN D 162 -8.11 13.00 -31.58
N PHE D 163 -8.20 13.72 -30.46
CA PHE D 163 -8.22 13.08 -29.14
C PHE D 163 -9.38 13.61 -28.28
N HIS D 164 -9.70 12.89 -27.20
CA HIS D 164 -10.78 13.29 -26.30
C HIS D 164 -10.22 14.12 -25.14
N PRO D 165 -10.28 15.45 -25.24
CA PRO D 165 -9.76 16.30 -24.16
C PRO D 165 -10.61 16.32 -22.89
N GLU D 166 -11.77 15.65 -22.93
CA GLU D 166 -12.67 15.63 -21.79
C GLU D 166 -12.43 14.52 -20.77
N VAL D 167 -11.58 13.56 -21.10
CA VAL D 167 -11.27 12.45 -20.20
C VAL D 167 -9.93 12.64 -19.50
N ALA D 168 -9.79 12.00 -18.34
CA ALA D 168 -8.58 12.07 -17.54
C ALA D 168 -7.29 11.66 -18.25
N HIS D 169 -7.39 10.79 -19.24
CA HIS D 169 -6.19 10.35 -19.97
C HIS D 169 -5.54 11.42 -20.82
N THR D 170 -6.15 12.60 -20.82
CA THR D 170 -5.65 13.79 -21.51
C THR D 170 -5.65 14.78 -20.35
N PRO D 171 -4.73 14.59 -19.38
CA PRO D 171 -4.60 15.44 -18.18
C PRO D 171 -4.77 16.94 -18.39
N LYS D 172 -4.21 17.46 -19.48
CA LYS D 172 -4.32 18.88 -19.75
C LYS D 172 -5.51 19.23 -20.64
N GLY D 173 -6.40 18.28 -20.85
CA GLY D 173 -7.57 18.53 -21.70
C GLY D 173 -8.42 19.71 -21.25
N MSE D 174 -8.66 19.81 -19.95
CA MSE D 174 -9.47 20.88 -19.39
C MSE D 174 -8.92 22.24 -19.83
O MSE D 174 -9.69 23.16 -20.07
CB MSE D 174 -9.48 20.79 -17.87
CG MSE D 174 -10.48 21.72 -17.21
SE MSE D 174 -12.14 21.05 -17.20
CE MSE D 174 -12.24 20.51 -15.48
N GLN D 175 -7.59 22.36 -19.92
CA GLN D 175 -6.98 23.62 -20.32
C GLN D 175 -7.21 23.87 -21.81
N ILE D 176 -7.36 22.78 -22.57
CA ILE D 176 -7.60 22.88 -24.00
C ILE D 176 -9.02 23.40 -24.17
N LEU D 177 -9.95 22.81 -23.43
CA LEU D 177 -11.35 23.22 -23.47
C LEU D 177 -11.50 24.66 -23.00
N GLU D 178 -10.61 25.07 -22.10
CA GLU D 178 -10.62 26.43 -21.57
C GLU D 178 -10.12 27.38 -22.65
N ASN D 179 -9.09 26.94 -23.38
CA ASN D 179 -8.54 27.73 -24.48
C ASN D 179 -9.61 27.96 -25.52
N PHE D 180 -10.45 26.96 -25.76
CA PHE D 180 -11.53 27.06 -26.75
C PHE D 180 -12.59 28.06 -26.33
N LEU D 181 -13.00 28.04 -25.08
CA LEU D 181 -14.02 28.98 -24.60
C LEU D 181 -13.45 30.40 -24.63
N GLU D 182 -12.16 30.53 -24.34
CA GLU D 182 -11.50 31.82 -24.35
C GLU D 182 -11.32 32.39 -25.76
N LEU D 183 -11.34 31.51 -26.76
CA LEU D 183 -11.22 31.92 -28.16
C LEU D 183 -12.60 32.17 -28.73
N ALA D 184 -13.57 31.39 -28.26
CA ALA D 184 -14.95 31.52 -28.69
C ALA D 184 -15.64 32.67 -27.94
N GLY D 185 -14.88 33.36 -27.10
CA GLY D 185 -15.45 34.45 -26.33
C GLY D 185 -16.69 34.07 -25.53
N VAL D 186 -16.75 32.80 -25.13
CA VAL D 186 -17.88 32.30 -24.35
C VAL D 186 -17.86 32.94 -22.97
N LYS D 187 -18.97 33.57 -22.60
CA LYS D 187 -19.08 34.23 -21.30
C LYS D 187 -19.48 33.25 -20.21
N ARG D 188 -18.81 33.34 -19.07
CA ARG D 188 -19.07 32.44 -17.95
C ARG D 188 -20.17 32.96 -17.03
N ASP D 189 -21.40 32.53 -17.29
CA ASP D 189 -22.53 32.95 -16.47
C ASP D 189 -23.13 31.74 -15.76
N TRP D 190 -22.35 30.66 -15.72
CA TRP D 190 -22.79 29.44 -15.06
C TRP D 190 -22.23 29.43 -13.65
N THR D 191 -22.93 30.13 -12.76
CA THR D 191 -22.54 30.24 -11.37
C THR D 191 -23.74 29.86 -10.50
N PRO D 192 -23.48 29.52 -9.22
CA PRO D 192 -24.57 29.14 -8.32
C PRO D 192 -25.59 30.22 -7.91
N GLU D 193 -25.19 31.50 -7.84
CA GLU D 193 -26.16 32.54 -7.48
C GLU D 193 -27.18 32.62 -8.62
N HIS D 194 -26.66 32.73 -9.83
CA HIS D 194 -27.49 32.80 -11.05
C HIS D 194 -28.55 31.70 -11.00
N VAL D 195 -28.10 30.46 -10.82
CA VAL D 195 -29.00 29.32 -10.76
C VAL D 195 -29.97 29.37 -9.59
N LEU D 196 -29.52 29.87 -8.45
CA LEU D 196 -30.40 29.95 -7.29
C LEU D 196 -31.54 30.94 -7.61
N GLU D 197 -31.18 32.12 -8.08
CA GLU D 197 -32.18 33.14 -8.42
C GLU D 197 -33.13 32.51 -9.45
N GLU D 198 -32.55 32.08 -10.56
CA GLU D 198 -33.28 31.45 -11.64
C GLU D 198 -34.34 30.50 -11.06
N LEU D 199 -33.91 29.58 -10.21
CA LEU D 199 -34.81 28.60 -9.59
C LEU D 199 -35.80 29.13 -8.57
N LEU D 200 -35.37 30.05 -7.71
CA LEU D 200 -36.28 30.61 -6.71
C LEU D 200 -37.47 31.23 -7.44
N ARG D 201 -37.18 31.95 -8.52
CA ARG D 201 -38.21 32.59 -9.31
C ARG D 201 -39.16 31.57 -9.90
N GLU D 202 -38.64 30.72 -10.77
CA GLU D 202 -39.42 29.68 -11.43
C GLU D 202 -40.30 28.84 -10.51
N VAL D 203 -39.72 28.35 -9.41
CA VAL D 203 -40.48 27.53 -8.47
C VAL D 203 -41.67 28.28 -7.89
N ARG D 204 -41.53 29.59 -7.72
CA ARG D 204 -42.60 30.41 -7.18
C ARG D 204 -43.67 30.68 -8.25
N GLU D 205 -43.23 31.16 -9.41
CA GLU D 205 -44.14 31.45 -10.51
C GLU D 205 -44.98 30.22 -10.81
N ARG D 206 -44.41 29.04 -10.59
CA ARG D 206 -45.10 27.78 -10.85
C ARG D 206 -45.93 27.26 -9.68
N ALA D 207 -45.52 27.58 -8.46
CA ALA D 207 -46.26 27.12 -7.29
C ALA D 207 -47.43 28.03 -6.99
N GLY D 208 -47.15 29.33 -6.91
CA GLY D 208 -48.20 30.29 -6.60
C GLY D 208 -48.68 30.07 -5.18
N LYS D 209 -49.94 29.68 -5.04
CA LYS D 209 -50.52 29.41 -3.73
C LYS D 209 -50.87 27.94 -3.67
N ASP D 210 -50.66 27.25 -4.79
CA ASP D 210 -50.94 25.82 -4.88
C ASP D 210 -49.98 25.09 -3.95
N ARG D 211 -50.45 23.99 -3.35
CA ARG D 211 -49.62 23.21 -2.44
C ARG D 211 -48.70 22.23 -3.15
N VAL D 212 -47.49 22.10 -2.62
CA VAL D 212 -46.50 21.19 -3.18
C VAL D 212 -46.17 20.11 -2.15
N LEU D 213 -46.20 18.86 -2.60
CA LEU D 213 -45.90 17.73 -1.73
C LEU D 213 -44.58 17.13 -2.20
N LEU D 214 -43.77 16.65 -1.26
CA LEU D 214 -42.49 16.03 -1.61
C LEU D 214 -41.96 15.12 -0.53
N ALA D 215 -41.20 14.11 -0.96
CA ALA D 215 -40.61 13.18 -0.02
C ALA D 215 -39.14 13.57 0.19
N VAL D 216 -38.67 13.40 1.41
CA VAL D 216 -37.28 13.68 1.74
C VAL D 216 -36.76 12.40 2.35
N SER D 217 -35.54 12.02 1.97
CA SER D 217 -34.95 10.78 2.46
C SER D 217 -33.70 10.99 3.30
N GLY D 218 -33.15 12.19 3.25
CA GLY D 218 -31.94 12.46 4.00
C GLY D 218 -30.85 12.75 2.98
N GLY D 219 -31.12 12.38 1.74
CA GLY D 219 -30.18 12.62 0.66
C GLY D 219 -30.12 14.11 0.37
N VAL D 220 -28.94 14.60 0.04
CA VAL D 220 -28.76 16.01 -0.26
C VAL D 220 -29.65 16.47 -1.41
N ASP D 221 -30.24 15.52 -2.14
CA ASP D 221 -31.10 15.90 -3.26
C ASP D 221 -32.45 16.35 -2.71
N SER D 222 -33.18 15.43 -2.09
CA SER D 222 -34.47 15.76 -1.53
C SER D 222 -34.34 16.89 -0.51
N SER D 223 -33.25 16.86 0.27
CA SER D 223 -32.99 17.89 1.28
C SER D 223 -32.79 19.30 0.72
N THR D 224 -32.06 19.42 -0.38
CA THR D 224 -31.83 20.72 -0.98
C THR D 224 -33.10 21.21 -1.65
N LEU D 225 -33.95 20.27 -2.04
CA LEU D 225 -35.20 20.60 -2.68
C LEU D 225 -36.14 21.20 -1.63
N ALA D 226 -36.17 20.56 -0.46
CA ALA D 226 -37.00 21.02 0.65
C ALA D 226 -36.56 22.41 1.13
N LEU D 227 -35.29 22.76 0.90
CA LEU D 227 -34.78 24.06 1.29
C LEU D 227 -35.11 25.10 0.23
N LEU D 228 -35.16 24.69 -1.03
CA LEU D 228 -35.47 25.63 -2.11
C LEU D 228 -36.92 26.12 -1.97
N LEU D 229 -37.83 25.19 -1.70
CA LEU D 229 -39.24 25.54 -1.53
C LEU D 229 -39.37 26.50 -0.36
N ALA D 230 -38.97 26.05 0.83
CA ALA D 230 -39.05 26.85 2.04
C ALA D 230 -38.45 28.24 1.82
N LYS D 231 -37.25 28.30 1.24
CA LYS D 231 -36.58 29.56 0.99
C LYS D 231 -37.40 30.48 0.09
N ALA D 232 -38.01 29.89 -0.93
CA ALA D 232 -38.82 30.65 -1.90
C ALA D 232 -40.25 30.92 -1.42
N GLY D 233 -40.58 30.42 -0.22
CA GLY D 233 -41.92 30.62 0.30
C GLY D 233 -42.94 29.93 -0.58
N VAL D 234 -43.13 28.64 -0.36
CA VAL D 234 -44.08 27.83 -1.11
C VAL D 234 -44.77 26.91 -0.13
N ASP D 235 -46.07 26.67 -0.34
CA ASP D 235 -46.81 25.79 0.55
C ASP D 235 -46.32 24.37 0.28
N HIS D 236 -45.56 23.82 1.22
CA HIS D 236 -45.01 22.48 1.05
C HIS D 236 -45.18 21.62 2.30
N LEU D 237 -45.03 20.32 2.12
CA LEU D 237 -45.11 19.36 3.22
C LEU D 237 -44.16 18.21 2.89
N ALA D 238 -42.95 18.29 3.43
CA ALA D 238 -41.95 17.27 3.20
C ALA D 238 -42.28 16.07 4.06
N VAL D 239 -42.39 14.90 3.43
CA VAL D 239 -42.71 13.68 4.17
C VAL D 239 -41.51 12.73 4.24
N PHE D 240 -41.05 12.48 5.47
CA PHE D 240 -39.91 11.62 5.71
C PHE D 240 -40.40 10.27 6.22
N VAL D 241 -40.55 9.30 5.31
CA VAL D 241 -41.01 7.98 5.71
C VAL D 241 -39.86 7.20 6.32
N ASP D 242 -40.00 6.80 7.58
CA ASP D 242 -38.96 6.05 8.24
C ASP D 242 -39.26 4.55 8.22
N HIS D 243 -38.73 3.87 7.20
CA HIS D 243 -38.93 2.45 6.99
C HIS D 243 -38.11 1.58 7.95
N GLY D 244 -37.44 2.23 8.89
CA GLY D 244 -36.62 1.50 9.86
C GLY D 244 -35.39 0.85 9.27
N LEU D 245 -35.09 1.17 8.01
CA LEU D 245 -33.94 0.59 7.35
C LEU D 245 -32.84 1.62 7.03
N LEU D 246 -32.76 2.70 7.81
CA LEU D 246 -31.74 3.71 7.58
C LEU D 246 -30.57 3.62 8.56
N ARG D 247 -29.49 4.34 8.26
CA ARG D 247 -28.30 4.34 9.11
C ARG D 247 -28.59 4.87 10.51
N LEU D 248 -27.79 4.43 11.48
CA LEU D 248 -27.95 4.82 12.88
C LEU D 248 -27.90 6.33 13.10
N GLY D 249 -29.00 6.89 13.60
CA GLY D 249 -29.05 8.31 13.90
C GLY D 249 -29.45 9.24 12.76
N GLU D 250 -29.64 8.67 11.57
CA GLU D 250 -30.01 9.42 10.39
C GLU D 250 -31.28 10.25 10.54
N ARG D 251 -32.35 9.61 11.00
CA ARG D 251 -33.65 10.26 11.16
C ARG D 251 -33.54 11.54 11.98
N GLU D 252 -33.01 11.41 13.19
CA GLU D 252 -32.86 12.57 14.07
C GLU D 252 -32.00 13.65 13.44
N GLU D 253 -30.90 13.25 12.80
CA GLU D 253 -30.01 14.20 12.17
C GLU D 253 -30.70 15.05 11.12
N VAL D 254 -31.42 14.37 10.23
CA VAL D 254 -32.13 15.02 9.13
C VAL D 254 -33.28 15.93 9.55
N GLU D 255 -34.20 15.41 10.36
CA GLU D 255 -35.35 16.19 10.79
C GLU D 255 -34.90 17.44 11.54
N GLY D 256 -33.93 17.26 12.43
CA GLY D 256 -33.43 18.37 13.22
C GLY D 256 -32.87 19.50 12.36
N ALA D 257 -32.13 19.14 11.32
CA ALA D 257 -31.55 20.16 10.47
C ALA D 257 -32.56 20.76 9.49
N LEU D 258 -33.38 19.91 8.89
CA LEU D 258 -34.37 20.43 7.95
C LEU D 258 -35.38 21.36 8.61
N ARG D 259 -35.90 20.98 9.76
CA ARG D 259 -36.85 21.84 10.45
C ARG D 259 -36.20 23.17 10.85
N ALA D 260 -35.02 23.10 11.43
CA ALA D 260 -34.31 24.30 11.85
C ALA D 260 -34.07 25.28 10.69
N LEU D 261 -33.93 24.74 9.48
CA LEU D 261 -33.72 25.60 8.31
C LEU D 261 -35.06 26.10 7.78
N GLY D 262 -36.12 25.84 8.55
CA GLY D 262 -37.44 26.30 8.17
C GLY D 262 -38.25 25.42 7.23
N VAL D 263 -38.07 24.11 7.32
CA VAL D 263 -38.81 23.21 6.45
C VAL D 263 -39.96 22.56 7.21
N ASN D 264 -41.12 22.47 6.56
CA ASN D 264 -42.28 21.85 7.17
C ASN D 264 -42.29 20.41 6.72
N LEU D 265 -41.84 19.52 7.60
CA LEU D 265 -41.76 18.10 7.27
C LEU D 265 -42.55 17.22 8.23
N LEU D 266 -42.99 16.08 7.73
CA LEU D 266 -43.74 15.12 8.49
C LEU D 266 -42.93 13.84 8.57
N VAL D 267 -42.80 13.28 9.77
CA VAL D 267 -42.05 12.05 9.96
C VAL D 267 -42.97 10.88 10.28
N VAL D 268 -43.08 9.93 9.36
CA VAL D 268 -43.91 8.75 9.56
C VAL D 268 -43.10 7.57 10.08
N ASP D 269 -43.57 6.95 11.15
CA ASP D 269 -42.90 5.79 11.76
C ASP D 269 -43.47 4.50 11.17
N ALA D 270 -42.93 4.08 10.03
CA ALA D 270 -43.38 2.85 9.37
C ALA D 270 -42.35 1.74 9.51
N LYS D 271 -41.72 1.67 10.67
CA LYS D 271 -40.70 0.66 10.96
C LYS D 271 -41.30 -0.74 11.08
N GLU D 272 -42.16 -0.92 12.08
CA GLU D 272 -42.80 -2.22 12.30
C GLU D 272 -43.43 -2.74 11.02
N ARG D 273 -44.09 -1.84 10.30
CA ARG D 273 -44.77 -2.16 9.05
C ARG D 273 -43.83 -2.79 8.05
N PHE D 274 -42.86 -1.99 7.58
CA PHE D 274 -41.87 -2.43 6.61
C PHE D 274 -41.20 -3.74 7.03
N LEU D 275 -40.83 -3.87 8.29
CA LEU D 275 -40.19 -5.09 8.77
C LEU D 275 -41.08 -6.29 8.54
N LYS D 276 -42.31 -6.21 9.02
CA LYS D 276 -43.27 -7.29 8.87
C LYS D 276 -43.46 -7.63 7.39
N ALA D 277 -43.49 -6.59 6.55
CA ALA D 277 -43.67 -6.76 5.12
C ALA D 277 -42.51 -7.44 4.41
N LEU D 278 -41.35 -7.48 5.07
CA LEU D 278 -40.17 -8.11 4.49
C LEU D 278 -39.90 -9.50 5.05
N LYS D 279 -40.54 -9.81 6.17
CA LYS D 279 -40.35 -11.11 6.82
C LYS D 279 -40.33 -12.25 5.81
N GLY D 280 -39.21 -12.99 5.78
CA GLY D 280 -39.09 -14.13 4.89
C GLY D 280 -38.70 -13.83 3.45
N VAL D 281 -38.45 -12.57 3.12
CA VAL D 281 -38.07 -12.22 1.76
C VAL D 281 -36.55 -12.27 1.51
N GLU D 282 -36.11 -13.27 0.76
CA GLU D 282 -34.69 -13.45 0.47
C GLU D 282 -34.26 -12.78 -0.84
N ASP D 283 -35.12 -12.82 -1.85
CA ASP D 283 -34.77 -12.23 -3.15
C ASP D 283 -34.60 -10.71 -3.09
N PRO D 284 -33.46 -10.21 -3.60
CA PRO D 284 -33.18 -8.78 -3.61
C PRO D 284 -34.26 -7.98 -4.34
N GLU D 285 -34.52 -8.32 -5.60
CA GLU D 285 -35.54 -7.63 -6.37
C GLU D 285 -36.91 -7.68 -5.68
N GLU D 286 -37.17 -8.77 -4.97
CA GLU D 286 -38.43 -8.90 -4.25
C GLU D 286 -38.49 -7.75 -3.25
N LYS D 287 -37.44 -7.64 -2.44
CA LYS D 287 -37.31 -6.59 -1.43
C LYS D 287 -37.55 -5.22 -2.06
N ARG D 288 -36.99 -5.01 -3.25
CA ARG D 288 -37.15 -3.73 -3.92
C ARG D 288 -38.63 -3.42 -4.08
N LYS D 289 -39.38 -4.36 -4.66
CA LYS D 289 -40.82 -4.15 -4.86
C LYS D 289 -41.55 -4.11 -3.52
N ILE D 290 -41.30 -5.09 -2.65
CA ILE D 290 -41.95 -5.13 -1.34
C ILE D 290 -41.76 -3.78 -0.65
N ILE D 291 -40.69 -3.10 -1.00
CA ILE D 291 -40.35 -1.80 -0.43
C ILE D 291 -40.80 -0.65 -1.32
N GLY D 292 -40.78 -0.86 -2.62
CA GLY D 292 -41.23 0.17 -3.53
C GLY D 292 -42.72 0.36 -3.36
N ARG D 293 -43.39 -0.72 -2.95
CA ARG D 293 -44.84 -0.72 -2.75
C ARG D 293 -45.19 -0.05 -1.43
N GLU D 294 -44.72 -0.65 -0.33
CA GLU D 294 -44.99 -0.12 1.01
C GLU D 294 -44.65 1.35 1.15
N PHE D 295 -43.67 1.84 0.38
CA PHE D 295 -43.31 3.25 0.48
C PHE D 295 -44.41 4.13 -0.10
N VAL D 296 -44.76 3.84 -1.36
CA VAL D 296 -45.79 4.58 -2.05
C VAL D 296 -47.07 4.62 -1.22
N ALA D 297 -47.36 3.50 -0.56
CA ALA D 297 -48.55 3.40 0.27
C ALA D 297 -48.53 4.35 1.47
N ALA D 298 -47.38 4.48 2.12
CA ALA D 298 -47.25 5.36 3.28
C ALA D 298 -47.26 6.82 2.85
N PHE D 299 -46.69 7.08 1.68
CA PHE D 299 -46.63 8.44 1.15
C PHE D 299 -48.02 8.85 0.68
N SER D 300 -48.59 8.05 -0.21
CA SER D 300 -49.93 8.32 -0.74
C SER D 300 -50.87 8.74 0.37
N GLN D 301 -51.06 7.86 1.35
CA GLN D 301 -51.93 8.12 2.47
C GLN D 301 -51.75 9.52 3.04
N VAL D 302 -50.51 10.01 3.10
CA VAL D 302 -50.24 11.33 3.63
C VAL D 302 -50.65 12.38 2.60
N ALA D 303 -50.49 12.06 1.33
CA ALA D 303 -50.87 12.97 0.27
C ALA D 303 -52.38 13.22 0.32
N ARG D 304 -53.08 12.32 1.01
CA ARG D 304 -54.53 12.38 1.16
C ARG D 304 -54.92 13.10 2.45
N GLU D 305 -54.65 12.44 3.57
CA GLU D 305 -54.98 12.96 4.90
C GLU D 305 -54.45 14.37 5.19
N ARG D 306 -53.60 14.90 4.31
CA ARG D 306 -53.03 16.23 4.52
C ARG D 306 -53.51 17.20 3.44
N GLY D 307 -54.82 17.22 3.19
CA GLY D 307 -55.37 18.10 2.18
C GLY D 307 -54.81 17.83 0.79
N PRO D 308 -55.45 18.39 -0.25
CA PRO D 308 -55.02 18.23 -1.66
C PRO D 308 -53.72 18.92 -2.04
N PHE D 309 -52.90 18.24 -2.85
CA PHE D 309 -51.63 18.79 -3.30
C PHE D 309 -51.63 18.93 -4.82
N ARG D 310 -51.44 20.15 -5.29
CA ARG D 310 -51.42 20.44 -6.72
C ARG D 310 -50.08 20.08 -7.34
N PHE D 311 -49.06 19.94 -6.52
CA PHE D 311 -47.73 19.64 -7.04
C PHE D 311 -46.92 18.58 -6.29
N LEU D 312 -46.18 17.78 -7.05
CA LEU D 312 -45.28 16.79 -6.46
C LEU D 312 -43.87 17.18 -6.90
N ALA D 313 -43.02 17.54 -5.94
CA ALA D 313 -41.61 17.84 -6.15
C ALA D 313 -40.81 16.55 -6.27
N GLN D 314 -40.12 16.64 -7.41
CA GLN D 314 -39.22 15.52 -7.64
C GLN D 314 -37.81 15.97 -8.02
N GLY D 315 -36.79 15.36 -7.40
CA GLY D 315 -35.43 15.87 -7.47
C GLY D 315 -34.53 15.40 -8.60
N THR D 316 -35.22 15.21 -9.73
CA THR D 316 -34.77 14.77 -11.05
C THR D 316 -33.62 15.57 -11.65
N LEU D 317 -32.56 14.80 -11.94
CA LEU D 317 -31.33 15.45 -12.39
C LEU D 317 -31.11 15.29 -13.88
N TYR D 318 -30.28 16.16 -14.43
CA TYR D 318 -29.98 16.16 -15.86
C TYR D 318 -29.60 14.80 -16.44
N PRO D 319 -28.76 14.02 -15.74
CA PRO D 319 -28.41 12.71 -16.33
C PRO D 319 -29.66 11.88 -16.60
N ASP D 320 -30.67 12.02 -15.75
CA ASP D 320 -31.92 11.29 -15.92
C ASP D 320 -32.60 11.83 -17.19
N VAL D 321 -32.54 13.15 -17.34
CA VAL D 321 -33.13 13.85 -18.48
C VAL D 321 -32.30 13.63 -19.75
N ILE D 322 -31.43 12.64 -19.73
CA ILE D 322 -30.60 12.33 -20.90
C ILE D 322 -30.66 10.85 -21.26
N PHE D 348 -50.75 14.22 -9.36
CA PHE D 348 -50.18 15.55 -9.03
C PHE D 348 -49.51 16.13 -10.28
N GLU D 349 -49.11 17.40 -10.18
CA GLU D 349 -48.43 18.08 -11.28
C GLU D 349 -46.92 18.03 -11.00
N LEU D 350 -46.15 17.56 -11.98
CA LEU D 350 -44.70 17.46 -11.80
C LEU D 350 -44.03 18.79 -11.58
N LEU D 351 -43.12 18.82 -10.61
CA LEU D 351 -42.39 20.02 -10.29
C LEU D 351 -40.95 19.63 -9.95
N GLU D 352 -40.12 19.49 -10.98
CA GLU D 352 -38.73 19.11 -10.80
C GLU D 352 -37.77 20.22 -11.23
N PRO D 353 -37.32 21.04 -10.26
CA PRO D 353 -36.40 22.17 -10.49
C PRO D 353 -34.94 21.83 -10.76
N PHE D 354 -34.50 20.61 -10.43
CA PHE D 354 -33.11 20.24 -10.67
C PHE D 354 -32.92 19.39 -11.93
N ARG D 355 -33.91 19.39 -12.82
CA ARG D 355 -33.86 18.57 -14.04
C ARG D 355 -32.68 18.83 -14.97
N LEU D 356 -32.09 20.03 -14.91
CA LEU D 356 -30.93 20.31 -15.75
C LEU D 356 -29.64 20.45 -14.90
N LEU D 357 -29.65 19.82 -13.74
CA LEU D 357 -28.50 19.88 -12.84
C LEU D 357 -27.82 18.54 -12.62
N PHE D 358 -26.49 18.62 -12.44
CA PHE D 358 -25.70 17.44 -12.12
C PHE D 358 -25.72 17.47 -10.60
N LYS D 359 -25.65 16.29 -9.98
CA LYS D 359 -25.70 16.19 -8.52
C LYS D 359 -24.74 17.15 -7.80
N ASP D 360 -23.51 17.29 -8.29
CA ASP D 360 -22.55 18.18 -7.65
C ASP D 360 -23.00 19.64 -7.68
N GLU D 361 -23.81 20.01 -8.65
CA GLU D 361 -24.29 21.39 -8.74
C GLU D 361 -25.40 21.60 -7.72
N VAL D 362 -26.10 20.53 -7.37
CA VAL D 362 -27.15 20.60 -6.37
C VAL D 362 -26.47 20.76 -4.99
N ARG D 363 -25.33 20.08 -4.79
CA ARG D 363 -24.61 20.22 -3.53
C ARG D 363 -24.18 21.67 -3.40
N GLU D 364 -23.85 22.31 -4.53
CA GLU D 364 -23.44 23.70 -4.53
C GLU D 364 -24.57 24.64 -4.10
N LEU D 365 -25.77 24.40 -4.64
CA LEU D 365 -26.91 25.22 -4.29
C LEU D 365 -27.24 25.01 -2.82
N ALA D 366 -27.05 23.78 -2.36
CA ALA D 366 -27.33 23.43 -0.97
C ALA D 366 -26.46 24.30 -0.06
N LEU D 367 -25.28 24.64 -0.55
CA LEU D 367 -24.36 25.47 0.22
C LEU D 367 -24.98 26.86 0.30
N LEU D 368 -25.44 27.36 -0.84
CA LEU D 368 -26.08 28.68 -0.88
C LEU D 368 -27.37 28.70 -0.08
N LEU D 369 -28.12 27.61 -0.12
CA LEU D 369 -29.37 27.52 0.63
C LEU D 369 -29.10 27.28 2.10
N GLY D 370 -27.84 27.41 2.49
CA GLY D 370 -27.44 27.23 3.89
C GLY D 370 -27.49 25.86 4.54
N LEU D 371 -27.36 24.78 3.77
CA LEU D 371 -27.38 23.45 4.36
C LEU D 371 -26.02 23.13 5.00
N PRO D 372 -26.00 22.61 6.25
CA PRO D 372 -24.75 22.28 6.93
C PRO D 372 -24.01 21.11 6.27
N ASP D 373 -22.68 21.15 6.29
CA ASP D 373 -21.86 20.10 5.69
C ASP D 373 -22.14 18.70 6.22
N THR D 374 -22.67 18.61 7.43
CA THR D 374 -22.97 17.31 7.99
C THR D 374 -23.91 16.51 7.08
N LEU D 375 -24.77 17.21 6.35
CA LEU D 375 -25.73 16.56 5.46
C LEU D 375 -25.54 16.93 4.00
N ARG D 376 -24.72 17.94 3.74
CA ARG D 376 -24.51 18.40 2.38
C ARG D 376 -23.42 17.61 1.65
N LEU D 377 -22.58 16.94 2.42
CA LEU D 377 -21.48 16.18 1.85
C LEU D 377 -21.56 14.68 2.13
N ARG D 378 -22.74 14.19 2.49
CA ARG D 378 -22.90 12.76 2.76
C ARG D 378 -22.97 11.96 1.47
N HIS D 379 -22.48 10.73 1.53
CA HIS D 379 -22.49 9.82 0.39
C HIS D 379 -23.94 9.40 0.16
N PRO D 380 -24.26 9.00 -1.09
CA PRO D 380 -25.63 8.56 -1.39
C PRO D 380 -25.93 7.29 -0.59
N PHE D 381 -27.21 7.06 -0.34
CA PHE D 381 -27.68 5.90 0.40
C PHE D 381 -28.94 5.46 -0.36
N PRO D 382 -29.11 4.14 -0.56
CA PRO D 382 -30.29 3.65 -1.29
C PRO D 382 -31.66 3.78 -0.62
N GLY D 383 -32.71 3.89 -1.44
CA GLY D 383 -34.07 3.99 -0.92
C GLY D 383 -34.38 2.77 -0.06
N PRO D 384 -34.05 1.56 -0.55
CA PRO D 384 -34.28 0.31 0.17
C PRO D 384 -33.42 0.30 1.43
N GLY D 385 -32.47 1.23 1.48
CA GLY D 385 -31.57 1.33 2.63
C GLY D 385 -30.84 0.05 2.98
N LEU D 386 -30.76 -0.23 4.28
CA LEU D 386 -30.07 -1.41 4.78
C LEU D 386 -30.66 -2.74 4.36
N ALA D 387 -31.87 -2.72 3.83
CA ALA D 387 -32.52 -3.95 3.38
C ALA D 387 -31.66 -4.62 2.31
N VAL D 388 -31.20 -3.85 1.34
CA VAL D 388 -30.37 -4.42 0.28
C VAL D 388 -28.93 -4.66 0.75
N ARG D 389 -28.66 -4.50 2.04
CA ARG D 389 -27.30 -4.73 2.52
C ARG D 389 -27.19 -5.90 3.47
N VAL D 390 -28.20 -6.74 3.46
CA VAL D 390 -28.22 -7.94 4.28
C VAL D 390 -28.58 -9.08 3.34
N LEU D 391 -27.59 -9.88 2.96
CA LEU D 391 -27.83 -11.01 2.07
C LEU D 391 -28.74 -12.03 2.73
N GLY D 392 -30.05 -11.92 2.49
CA GLY D 392 -30.99 -12.85 3.07
C GLY D 392 -32.12 -12.18 3.82
N GLU D 393 -32.85 -12.98 4.59
CA GLU D 393 -33.98 -12.48 5.36
C GLU D 393 -33.58 -11.32 6.26
N VAL D 394 -34.25 -10.18 6.08
CA VAL D 394 -33.99 -8.99 6.88
C VAL D 394 -34.71 -9.07 8.22
N THR D 395 -33.97 -9.23 9.31
CA THR D 395 -34.58 -9.28 10.64
C THR D 395 -34.08 -8.10 11.46
N GLU D 396 -34.76 -7.80 12.57
CA GLU D 396 -34.33 -6.68 13.40
C GLU D 396 -32.97 -7.00 13.99
N GLU D 397 -32.81 -8.23 14.44
CA GLU D 397 -31.56 -8.69 15.02
C GLU D 397 -30.39 -8.42 14.09
N ARG D 398 -30.63 -8.54 12.79
CA ARG D 398 -29.60 -8.32 11.77
C ARG D 398 -29.37 -6.85 11.47
N LEU D 399 -30.45 -6.08 11.37
CA LEU D 399 -30.34 -4.65 11.10
C LEU D 399 -29.56 -4.02 12.26
N GLU D 400 -29.76 -4.57 13.46
CA GLU D 400 -29.06 -4.08 14.64
C GLU D 400 -27.55 -4.32 14.49
N ILE D 401 -27.18 -5.51 14.02
CA ILE D 401 -25.77 -5.86 13.83
C ILE D 401 -25.16 -4.99 12.71
N LEU D 402 -25.79 -5.00 11.55
CA LEU D 402 -25.29 -4.24 10.41
C LEU D 402 -25.14 -2.77 10.76
N ARG D 403 -26.16 -2.22 11.40
CA ARG D 403 -26.18 -0.82 11.80
C ARG D 403 -24.98 -0.45 12.70
N ARG D 404 -24.64 -1.31 13.66
CA ARG D 404 -23.51 -1.01 14.53
C ARG D 404 -22.18 -1.02 13.77
N ALA D 405 -21.98 -2.04 12.94
CA ALA D 405 -20.76 -2.17 12.15
C ALA D 405 -20.64 -1.03 11.11
N ASP D 406 -21.76 -0.73 10.45
CA ASP D 406 -21.82 0.32 9.43
C ASP D 406 -21.43 1.65 10.05
N ASP D 407 -21.90 1.88 11.28
CA ASP D 407 -21.62 3.12 12.02
C ASP D 407 -20.14 3.21 12.37
N ILE D 408 -19.54 2.08 12.74
CA ILE D 408 -18.11 2.08 13.07
C ILE D 408 -17.27 2.38 11.83
N PHE D 409 -17.62 1.75 10.71
CA PHE D 409 -16.90 1.94 9.46
C PHE D 409 -16.88 3.41 9.02
N THR D 410 -18.06 4.04 9.06
CA THR D 410 -18.23 5.44 8.68
C THR D 410 -17.47 6.40 9.58
N SER D 411 -17.55 6.17 10.89
CA SER D 411 -16.84 7.02 11.84
C SER D 411 -15.35 6.97 11.55
N LEU D 412 -14.82 5.76 11.38
CA LEU D 412 -13.41 5.57 11.09
C LEU D 412 -12.98 6.27 9.81
N LEU D 413 -13.78 6.14 8.75
CA LEU D 413 -13.46 6.80 7.50
C LEU D 413 -13.29 8.32 7.73
N ARG D 414 -14.23 8.89 8.48
CA ARG D 414 -14.20 10.32 8.78
C ARG D 414 -12.98 10.64 9.62
N GLU D 415 -12.79 9.89 10.70
CA GLU D 415 -11.63 10.15 11.55
C GLU D 415 -10.33 10.19 10.73
N TRP D 416 -10.15 9.25 9.81
CA TRP D 416 -8.94 9.21 9.00
C TRP D 416 -8.95 10.12 7.77
N GLY D 417 -10.04 10.86 7.58
CA GLY D 417 -10.13 11.76 6.44
C GLY D 417 -10.23 11.05 5.11
N LEU D 418 -10.71 9.80 5.13
CA LEU D 418 -10.85 9.02 3.91
C LEU D 418 -12.29 9.10 3.40
N TYR D 419 -13.22 9.46 4.28
CA TYR D 419 -14.63 9.56 3.91
C TYR D 419 -14.83 10.45 2.68
N GLU D 420 -14.18 11.61 2.70
CA GLU D 420 -14.28 12.55 1.59
C GLU D 420 -13.51 12.09 0.34
N LYS D 421 -12.65 11.09 0.49
CA LYS D 421 -11.85 10.61 -0.63
C LYS D 421 -12.45 9.42 -1.40
N VAL D 422 -13.65 8.98 -1.02
CA VAL D 422 -14.32 7.90 -1.74
C VAL D 422 -15.71 8.43 -2.14
N ALA D 423 -16.28 7.91 -3.23
CA ALA D 423 -17.59 8.37 -3.68
C ALA D 423 -18.70 7.75 -2.83
N GLN D 424 -18.43 6.57 -2.31
CA GLN D 424 -19.42 5.89 -1.47
C GLN D 424 -18.78 4.75 -0.69
N ALA D 425 -19.32 4.48 0.48
CA ALA D 425 -18.84 3.40 1.33
C ALA D 425 -20.04 2.74 2.00
N LEU D 426 -19.98 1.42 2.14
CA LEU D 426 -21.07 0.69 2.75
C LEU D 426 -20.57 -0.64 3.28
N ALA D 427 -21.35 -1.25 4.17
CA ALA D 427 -20.99 -2.53 4.74
C ALA D 427 -22.13 -3.49 4.44
N VAL D 428 -21.81 -4.75 4.17
CA VAL D 428 -22.82 -5.76 3.86
C VAL D 428 -22.70 -6.93 4.81
N LEU D 429 -23.83 -7.33 5.41
CA LEU D 429 -23.84 -8.43 6.35
C LEU D 429 -24.27 -9.75 5.70
N THR D 430 -23.43 -10.78 5.86
CA THR D 430 -23.72 -12.09 5.29
C THR D 430 -23.77 -13.13 6.40
N PRO D 431 -24.96 -13.69 6.66
CA PRO D 431 -25.15 -14.71 7.70
C PRO D 431 -24.54 -16.05 7.30
N VAL D 432 -24.08 -16.82 8.29
CA VAL D 432 -23.48 -18.12 8.02
C VAL D 432 -23.90 -19.16 9.07
N ARG D 433 -24.11 -20.39 8.62
CA ARG D 433 -24.52 -21.53 9.46
C ARG D 433 -24.06 -21.51 10.91
N GLY D 445 -23.54 -17.34 12.77
CA GLY D 445 -22.38 -16.49 12.60
C GLY D 445 -22.57 -15.45 11.52
N TYR D 446 -21.59 -14.54 11.38
CA TYR D 446 -21.67 -13.48 10.39
C TYR D 446 -20.33 -13.03 9.81
N VAL D 447 -20.34 -12.75 8.51
CA VAL D 447 -19.18 -12.22 7.84
C VAL D 447 -19.62 -10.84 7.37
N LEU D 448 -18.81 -9.83 7.67
CA LEU D 448 -19.12 -8.46 7.28
C LEU D 448 -18.20 -8.05 6.16
N ALA D 449 -18.78 -7.53 5.08
CA ALA D 449 -17.97 -7.09 3.95
C ALA D 449 -17.93 -5.57 3.81
N LEU D 450 -16.74 -5.00 3.93
CA LEU D 450 -16.58 -3.56 3.78
C LEU D 450 -16.48 -3.29 2.28
N ARG D 451 -17.04 -2.16 1.86
CA ARG D 451 -17.09 -1.83 0.44
C ARG D 451 -17.06 -0.33 0.22
N ALA D 452 -16.09 0.13 -0.57
CA ALA D 452 -15.95 1.53 -0.90
C ALA D 452 -15.50 1.65 -2.36
N VAL D 453 -15.90 2.73 -3.04
CA VAL D 453 -15.53 2.91 -4.44
C VAL D 453 -15.30 4.37 -4.80
N THR D 454 -14.68 4.56 -5.95
CA THR D 454 -14.43 5.88 -6.49
C THR D 454 -15.21 5.84 -7.81
N THR D 455 -15.87 6.95 -8.16
CA THR D 455 -16.66 6.97 -9.38
C THR D 455 -17.14 8.36 -9.78
N GLU D 456 -17.27 8.56 -11.09
CA GLU D 456 -17.74 9.81 -11.64
C GLU D 456 -19.26 9.80 -11.86
N ASP D 457 -20.11 8.83 -12.17
CA ASP D 457 -21.49 8.70 -12.63
C ASP D 457 -22.29 7.53 -12.04
N PHE D 458 -21.59 6.82 -11.20
CA PHE D 458 -22.06 5.58 -10.57
C PHE D 458 -22.48 4.54 -11.61
N MSE D 459 -21.72 4.66 -12.67
CA MSE D 459 -22.12 3.99 -13.90
C MSE D 459 -21.00 2.98 -14.12
O MSE D 459 -21.23 1.82 -14.44
CB MSE D 459 -22.16 5.00 -15.06
CG MSE D 459 -22.09 4.40 -16.46
SE MSE D 459 -21.97 5.66 -17.76
CE MSE D 459 -20.23 6.13 -17.64
N THR D 460 -19.81 3.59 -13.86
CA THR D 460 -18.55 2.87 -13.77
C THR D 460 -17.90 3.31 -12.45
N ALA D 461 -17.34 2.36 -11.72
CA ALA D 461 -16.70 2.69 -10.45
C ALA D 461 -15.56 1.74 -10.07
N ASP D 462 -14.44 2.30 -9.65
CA ASP D 462 -13.29 1.51 -9.24
C ASP D 462 -13.35 1.22 -7.73
N TRP D 463 -12.90 0.04 -7.32
CA TRP D 463 -12.91 -0.27 -5.90
C TRP D 463 -11.85 0.62 -5.25
N ALA D 464 -12.22 1.24 -4.13
CA ALA D 464 -11.32 2.16 -3.45
C ALA D 464 -10.09 1.50 -2.82
N ARG D 465 -8.90 2.01 -3.16
CA ARG D 465 -7.66 1.46 -2.60
C ARG D 465 -7.41 2.11 -1.24
N LEU D 466 -8.19 1.73 -0.23
CA LEU D 466 -8.01 2.28 1.11
C LEU D 466 -6.68 1.80 1.70
N PRO D 467 -6.02 2.62 2.53
CA PRO D 467 -4.74 2.19 3.11
C PRO D 467 -4.94 0.85 3.83
N LEU D 468 -3.92 -0.01 3.78
CA LEU D 468 -3.99 -1.33 4.41
C LEU D 468 -4.08 -1.25 5.93
N GLU D 469 -3.39 -0.27 6.50
CA GLU D 469 -3.40 -0.08 7.94
C GLU D 469 -4.80 0.37 8.37
N PHE D 470 -5.49 1.12 7.50
CA PHE D 470 -6.84 1.56 7.82
C PHE D 470 -7.80 0.35 7.78
N LEU D 471 -7.65 -0.51 6.79
CA LEU D 471 -8.49 -1.68 6.70
C LEU D 471 -8.32 -2.54 7.95
N ASP D 472 -7.08 -2.64 8.41
CA ASP D 472 -6.78 -3.42 9.60
C ASP D 472 -7.51 -2.85 10.82
N GLU D 473 -7.45 -1.54 10.99
CA GLU D 473 -8.10 -0.90 12.12
C GLU D 473 -9.61 -1.13 12.09
N ALA D 474 -10.21 -0.94 10.91
CA ALA D 474 -11.63 -1.12 10.76
C ALA D 474 -12.05 -2.56 11.07
N ALA D 475 -11.22 -3.51 10.66
CA ALA D 475 -11.54 -4.92 10.89
C ALA D 475 -11.42 -5.27 12.37
N ARG D 476 -10.32 -4.86 12.99
CA ARG D 476 -10.13 -5.13 14.40
C ARG D 476 -11.26 -4.47 15.21
N ARG D 477 -11.47 -3.19 15.02
CA ARG D 477 -12.51 -2.50 15.77
C ARG D 477 -13.89 -3.14 15.59
N ILE D 478 -14.22 -3.55 14.37
CA ILE D 478 -15.52 -4.16 14.14
C ILE D 478 -15.70 -5.50 14.85
N THR D 479 -14.71 -6.39 14.83
CA THR D 479 -14.88 -7.67 15.50
C THR D 479 -14.76 -7.54 17.01
N ARG D 480 -14.08 -6.50 17.47
CA ARG D 480 -13.93 -6.28 18.90
C ARG D 480 -15.19 -5.66 19.50
N ARG D 481 -15.78 -4.71 18.79
CA ARG D 481 -16.98 -4.01 19.24
C ARG D 481 -18.29 -4.74 18.98
N VAL D 482 -18.36 -5.51 17.90
CA VAL D 482 -19.57 -6.26 17.58
C VAL D 482 -19.19 -7.71 17.37
N PRO D 483 -19.08 -8.47 18.47
CA PRO D 483 -18.72 -9.88 18.58
C PRO D 483 -19.54 -10.83 17.71
N GLU D 484 -20.74 -10.42 17.33
CA GLU D 484 -21.59 -11.25 16.48
C GLU D 484 -20.92 -11.46 15.12
N ILE D 485 -20.09 -10.50 14.72
CA ILE D 485 -19.36 -10.56 13.46
C ILE D 485 -17.99 -11.17 13.74
N GLY D 486 -17.73 -12.35 13.17
CA GLY D 486 -16.46 -12.99 13.43
C GLY D 486 -15.42 -12.88 12.33
N ARG D 487 -15.78 -12.23 11.22
CA ARG D 487 -14.87 -12.09 10.11
C ARG D 487 -15.19 -10.85 9.27
N VAL D 488 -14.16 -10.10 8.89
CA VAL D 488 -14.35 -8.90 8.07
C VAL D 488 -13.55 -9.00 6.78
N VAL D 489 -14.19 -8.73 5.65
CA VAL D 489 -13.51 -8.79 4.34
C VAL D 489 -13.65 -7.48 3.58
N TYR D 490 -12.87 -7.33 2.50
CA TYR D 490 -12.96 -6.10 1.71
C TYR D 490 -13.17 -6.48 0.26
N ASP D 491 -14.11 -5.80 -0.38
CA ASP D 491 -14.46 -6.05 -1.78
C ASP D 491 -13.40 -5.48 -2.75
N LEU D 492 -12.91 -6.31 -3.66
CA LEU D 492 -11.91 -5.88 -4.67
C LEU D 492 -12.53 -5.76 -6.05
N THR D 493 -13.86 -5.90 -6.12
CA THR D 493 -14.55 -5.88 -7.41
C THR D 493 -15.02 -4.51 -7.86
N SER D 494 -14.56 -4.10 -9.04
CA SER D 494 -14.95 -2.83 -9.60
C SER D 494 -16.23 -2.99 -10.41
N LYS D 495 -16.69 -1.89 -11.03
CA LYS D 495 -17.89 -1.89 -11.85
C LYS D 495 -17.55 -1.28 -13.21
N PRO D 496 -17.57 -2.09 -14.28
CA PRO D 496 -17.87 -3.52 -14.29
C PRO D 496 -16.72 -4.36 -13.71
N PRO D 497 -16.96 -5.66 -13.49
CA PRO D 497 -18.16 -6.49 -13.71
C PRO D 497 -19.25 -6.49 -12.64
N ALA D 498 -18.96 -5.95 -11.46
CA ALA D 498 -19.95 -5.98 -10.40
C ALA D 498 -20.61 -4.64 -10.08
N THR D 499 -21.68 -4.72 -9.31
CA THR D 499 -22.43 -3.54 -8.91
C THR D 499 -21.92 -2.98 -7.58
N ILE D 500 -22.16 -1.70 -7.33
CA ILE D 500 -21.74 -1.09 -6.09
C ILE D 500 -22.33 -1.89 -4.93
N GLU D 501 -23.66 -1.92 -4.84
CA GLU D 501 -24.34 -2.67 -3.79
C GLU D 501 -24.21 -4.15 -4.10
N TRP D 502 -24.40 -5.00 -3.08
CA TRP D 502 -24.29 -6.43 -3.30
C TRP D 502 -25.59 -7.08 -3.77
N GLU D 503 -26.67 -6.31 -3.79
CA GLU D 503 -27.95 -6.81 -4.26
C GLU D 503 -28.97 -5.69 -4.41
P XMP E . 25.14 -1.79 -7.81
O1P XMP E . 26.35 -2.04 -8.85
O2P XMP E . 25.23 -0.28 -7.24
O5' XMP E . 25.25 -2.78 -6.58
O3P XMP E . 23.84 -1.97 -8.52
C5' XMP E . 25.04 -4.13 -7.01
C4' XMP E . 25.41 -5.06 -5.86
O4' XMP E . 26.86 -5.09 -5.69
C1' XMP E . 27.19 -4.45 -4.42
N9 XMP E . 28.32 -3.53 -4.58
C4 XMP E . 29.58 -3.81 -4.16
N3 XMP E . 30.16 -4.90 -3.51
N1 XMP E . 32.29 -3.86 -3.52
C2 XMP E . 31.49 -4.91 -3.20
O2 XMP E . 31.97 -5.88 -2.63
C6 XMP E . 31.79 -2.75 -4.16
O6 XMP E . 32.51 -1.82 -4.44
C5 XMP E . 30.35 -2.70 -4.50
N7 XMP E . 29.53 -1.80 -5.12
C8 XMP E . 28.33 -2.29 -5.16
C2' XMP E . 25.92 -3.75 -3.91
O2' XMP E . 25.89 -3.67 -2.48
C3' XMP E . 24.79 -4.61 -4.51
O3' XMP E . 24.52 -5.76 -3.66
P XMP F . 6.75 25.28 4.80
O1P XMP F . 8.08 24.73 4.09
O2P XMP F . 6.16 24.16 5.82
O5' XMP F . 5.69 25.60 3.64
O3P XMP F . 7.07 26.53 5.54
C5' XMP F . 4.37 25.74 4.20
C4' XMP F . 3.45 26.29 3.10
O4' XMP F . 3.83 27.66 2.75
C1' XMP F . 4.35 27.66 1.38
N9 XMP F . 5.58 28.47 1.29
C4 XMP F . 5.66 29.70 0.74
N3 XMP F . 4.72 30.54 0.15
N1 XMP F . 6.36 32.20 -0.25
C2 XMP F . 5.09 31.76 -0.34
O2 XMP F . 4.24 32.48 -0.86
C6 XMP F . 7.34 31.44 0.33
O6 XMP F . 8.48 31.85 0.41
C5 XMP F . 6.99 30.11 0.87
N7 XMP F . 7.67 29.10 1.48
C8 XMP F . 6.84 28.13 1.74
C2' XMP F . 4.59 26.19 0.99
O2' XMP F . 4.48 25.99 -0.44
C3' XMP F . 3.53 25.44 1.79
O3' XMP F . 2.26 25.47 1.13
P XMP G . -7.26 -22.94 11.70
O1P XMP G . -7.56 -23.69 13.10
O2P XMP G . -8.63 -22.72 10.90
O5' XMP G . -6.28 -23.85 10.80
O3P XMP G . -6.63 -21.62 12.01
C5' XMP G . -4.91 -23.67 11.22
C4' XMP G . -4.00 -24.41 10.22
O4' XMP G . -4.37 -25.82 10.17
C1' XMP G . -4.83 -26.17 8.83
N9 XMP G . -6.07 -26.99 8.91
C4 XMP G . -6.12 -28.34 8.73
N3 XMP G . -5.17 -29.33 8.44
N1 XMP G . -6.83 -31.04 8.47
C2 XMP G . -5.53 -30.65 8.32
O2 XMP G . -4.67 -31.49 8.06
C6 XMP G . -7.82 -30.13 8.75
O6 XMP G . -8.97 -30.50 8.87
C5 XMP G . -7.47 -28.71 8.89
N7 XMP G . -8.17 -27.57 9.15
C8 XMP G . -7.34 -26.57 9.17
C2' XMP G . -5.05 -24.83 8.08
O2' XMP G . -4.77 -24.96 6.67
C3' XMP G . -4.13 -23.84 8.79
O3' XMP G . -2.85 -23.79 8.15
P XMP H . -25.38 -0.48 -8.25
O1P XMP H . -25.58 -1.78 -7.33
O2P XMP H . -23.86 -0.42 -8.79
O5' XMP H . -25.71 0.82 -7.36
O3P XMP H . -26.30 -0.54 -9.41
C5' XMP H . -25.31 2.02 -8.05
C4' XMP H . -25.67 3.25 -7.21
O4' XMP H . -27.13 3.35 -7.01
C1' XMP H . -27.43 3.12 -5.60
N9 XMP H . -28.56 2.18 -5.47
C4 XMP H . -29.82 2.52 -5.13
N3 XMP H . -30.43 3.75 -4.81
N1 XMP H . -32.52 2.67 -4.49
C2 XMP H . -31.74 3.79 -4.51
O2 XMP H . -32.25 4.86 -4.23
C6 XMP H . -31.99 1.43 -4.80
O6 XMP H . -32.69 0.43 -4.79
C5 XMP H . -30.56 1.35 -5.13
N7 XMP H . -29.73 0.33 -5.48
C8 XMP H . -28.54 0.83 -5.68
C2' XMP H . -26.14 2.59 -4.94
O2' XMP H . -26.07 2.94 -3.56
C3' XMP H . -25.03 3.23 -5.80
O3' XMP H . -24.76 4.57 -5.37
#